data_1XJ3
# 
_entry.id   1XJ3 
# 
_audit_conform.dict_name       mmcif_pdbx.dic 
_audit_conform.dict_version    5.376 
_audit_conform.dict_location   http://mmcif.pdb.org/dictionaries/ascii/mmcif_pdbx.dic 
# 
loop_
_database_2.database_id 
_database_2.database_code 
_database_2.pdbx_database_accession 
_database_2.pdbx_DOI 
PDB   1XJ3         pdb_00001xj3 10.2210/pdb1xj3/pdb 
RCSB  RCSB030410   ?            ?                   
WWPDB D_1000030410 ?            ?                   
# 
loop_
_pdbx_database_related.db_name 
_pdbx_database_related.db_id 
_pdbx_database_related.details 
_pdbx_database_related.content_type 
PDB 1XJ2 . unspecified 
PDB 1XJ4 . unspecified 
PDB 1XJ6 . unspecified 
# 
_pdbx_database_status.entry_id                        1XJ3 
_pdbx_database_status.status_code                     REL 
_pdbx_database_status.recvd_initial_deposition_date   2004-09-22 
_pdbx_database_status.deposit_site                    RCSB 
_pdbx_database_status.process_site                    RCSB 
_pdbx_database_status.status_code_sf                  ? 
_pdbx_database_status.status_code_mr                  ? 
_pdbx_database_status.SG_entry                        N 
_pdbx_database_status.pdb_format_compatible           Y 
_pdbx_database_status.status_code_cs                  ? 
_pdbx_database_status.status_code_nmr_data            ? 
_pdbx_database_status.methods_development_category    ? 
# 
loop_
_audit_author.name 
_audit_author.pdbx_ordinal 
'Key, J.'    1 
'Moffat, K.' 2 
# 
_citation.id                        primary 
_citation.title                     
'Crystal Structures of Deoxy and CO-Bound bjFixLH Reveal Details of Ligand Recognition and Signaling' 
_citation.journal_abbrev            Biochemistry 
_citation.journal_volume            44 
_citation.page_first                4627 
_citation.page_last                 4635 
_citation.year                      2005 
_citation.journal_id_ASTM           BICHAW 
_citation.country                   US 
_citation.journal_id_ISSN           0006-2960 
_citation.journal_id_CSD            0033 
_citation.book_publisher            ? 
_citation.pdbx_database_id_PubMed   15779889 
_citation.pdbx_database_id_DOI      10.1021/bi047942r 
# 
loop_
_citation_author.citation_id 
_citation_author.name 
_citation_author.ordinal 
_citation_author.identifier_ORCID 
primary 'Key, J.'    1 ? 
primary 'Moffat, K.' 2 ? 
# 
_cell.entry_id           1XJ3 
_cell.length_a           128.644 
_cell.length_b           128.644 
_cell.length_c           58.695 
_cell.angle_alpha        90.00 
_cell.angle_beta         90.00 
_cell.angle_gamma        120.00 
_cell.Z_PDB              18 
_cell.pdbx_unique_axis   ? 
# 
_symmetry.entry_id                         1XJ3 
_symmetry.space_group_name_H-M             'H 3 2' 
_symmetry.cell_setting                     rhombohedral 
_symmetry.pdbx_full_space_group_name_H-M   ? 
_symmetry.Int_Tables_number                155 
_symmetry.space_group_name_Hall            ? 
# 
loop_
_entity.id 
_entity.type 
_entity.src_method 
_entity.pdbx_description 
_entity.formula_weight 
_entity.pdbx_number_of_molecules 
_entity.pdbx_ec 
_entity.pdbx_mutation 
_entity.pdbx_fragment 
_entity.details 
1 polymer     man 'Sensor protein fixL'             13101.703 1  2.7.3.- ? 'heme domain' 'reduced, unliganded form' 
2 non-polymer syn 'PROTOPORPHYRIN IX CONTAINING FE' 616.487   1  ?       ? ?             ?                          
3 water       nat water                             18.015    81 ?       ? ?             ?                          
# 
_entity_name_com.entity_id   1 
_entity_name_com.name        'BjFixLH FixL' 
# 
_entity_name_sys.entity_id   1 
_entity_name_sys.name        E.C.2.7.3.- 
# 
_entity_poly.entity_id                      1 
_entity_poly.type                           'polypeptide(L)' 
_entity_poly.nstd_linkage                   no 
_entity_poly.nstd_monomer                   no 
_entity_poly.pdbx_seq_one_letter_code       
;DAMIVIDGHGIIQLFSTAAERLFGWSELEAIGQNVNILMPEPDRSRHDSYISRYRTTSDPHIIGIGRIVTGKRRDGTTFP
MHLSIGEMQSGGEPYFTGFVRDLTEHQQTQARLQEL
;
_entity_poly.pdbx_seq_one_letter_code_can   
;DAMIVIDGHGIIQLFSTAAERLFGWSELEAIGQNVNILMPEPDRSRHDSYISRYRTTSDPHIIGIGRIVTGKRRDGTTFP
MHLSIGEMQSGGEPYFTGFVRDLTEHQQTQARLQEL
;
_entity_poly.pdbx_strand_id                 A 
_entity_poly.pdbx_target_identifier         ? 
# 
loop_
_entity_poly_seq.entity_id 
_entity_poly_seq.num 
_entity_poly_seq.mon_id 
_entity_poly_seq.hetero 
1 1   ASP n 
1 2   ALA n 
1 3   MET n 
1 4   ILE n 
1 5   VAL n 
1 6   ILE n 
1 7   ASP n 
1 8   GLY n 
1 9   HIS n 
1 10  GLY n 
1 11  ILE n 
1 12  ILE n 
1 13  GLN n 
1 14  LEU n 
1 15  PHE n 
1 16  SER n 
1 17  THR n 
1 18  ALA n 
1 19  ALA n 
1 20  GLU n 
1 21  ARG n 
1 22  LEU n 
1 23  PHE n 
1 24  GLY n 
1 25  TRP n 
1 26  SER n 
1 27  GLU n 
1 28  LEU n 
1 29  GLU n 
1 30  ALA n 
1 31  ILE n 
1 32  GLY n 
1 33  GLN n 
1 34  ASN n 
1 35  VAL n 
1 36  ASN n 
1 37  ILE n 
1 38  LEU n 
1 39  MET n 
1 40  PRO n 
1 41  GLU n 
1 42  PRO n 
1 43  ASP n 
1 44  ARG n 
1 45  SER n 
1 46  ARG n 
1 47  HIS n 
1 48  ASP n 
1 49  SER n 
1 50  TYR n 
1 51  ILE n 
1 52  SER n 
1 53  ARG n 
1 54  TYR n 
1 55  ARG n 
1 56  THR n 
1 57  THR n 
1 58  SER n 
1 59  ASP n 
1 60  PRO n 
1 61  HIS n 
1 62  ILE n 
1 63  ILE n 
1 64  GLY n 
1 65  ILE n 
1 66  GLY n 
1 67  ARG n 
1 68  ILE n 
1 69  VAL n 
1 70  THR n 
1 71  GLY n 
1 72  LYS n 
1 73  ARG n 
1 74  ARG n 
1 75  ASP n 
1 76  GLY n 
1 77  THR n 
1 78  THR n 
1 79  PHE n 
1 80  PRO n 
1 81  MET n 
1 82  HIS n 
1 83  LEU n 
1 84  SER n 
1 85  ILE n 
1 86  GLY n 
1 87  GLU n 
1 88  MET n 
1 89  GLN n 
1 90  SER n 
1 91  GLY n 
1 92  GLY n 
1 93  GLU n 
1 94  PRO n 
1 95  TYR n 
1 96  PHE n 
1 97  THR n 
1 98  GLY n 
1 99  PHE n 
1 100 VAL n 
1 101 ARG n 
1 102 ASP n 
1 103 LEU n 
1 104 THR n 
1 105 GLU n 
1 106 HIS n 
1 107 GLN n 
1 108 GLN n 
1 109 THR n 
1 110 GLN n 
1 111 ALA n 
1 112 ARG n 
1 113 LEU n 
1 114 GLN n 
1 115 GLU n 
1 116 LEU n 
# 
_entity_src_gen.entity_id                          1 
_entity_src_gen.pdbx_src_id                        1 
_entity_src_gen.pdbx_alt_source_flag               sample 
_entity_src_gen.pdbx_seq_type                      ? 
_entity_src_gen.pdbx_beg_seq_num                   ? 
_entity_src_gen.pdbx_end_seq_num                   ? 
_entity_src_gen.gene_src_common_name               ? 
_entity_src_gen.gene_src_genus                     Bradyrhizobium 
_entity_src_gen.pdbx_gene_src_gene                 fixL 
_entity_src_gen.gene_src_species                   ? 
_entity_src_gen.gene_src_strain                    ? 
_entity_src_gen.gene_src_tissue                    ? 
_entity_src_gen.gene_src_tissue_fraction           ? 
_entity_src_gen.gene_src_details                   ? 
_entity_src_gen.pdbx_gene_src_fragment             ? 
_entity_src_gen.pdbx_gene_src_scientific_name      'Bradyrhizobium japonicum' 
_entity_src_gen.pdbx_gene_src_ncbi_taxonomy_id     375 
_entity_src_gen.pdbx_gene_src_variant              ? 
_entity_src_gen.pdbx_gene_src_cell_line            ? 
_entity_src_gen.pdbx_gene_src_atcc                 ? 
_entity_src_gen.pdbx_gene_src_organ                ? 
_entity_src_gen.pdbx_gene_src_organelle            ? 
_entity_src_gen.pdbx_gene_src_cell                 ? 
_entity_src_gen.pdbx_gene_src_cellular_location    ? 
_entity_src_gen.host_org_common_name               ? 
_entity_src_gen.pdbx_host_org_scientific_name      'Escherichia coli' 
_entity_src_gen.pdbx_host_org_ncbi_taxonomy_id     562 
_entity_src_gen.host_org_genus                     Escherichia 
_entity_src_gen.pdbx_host_org_gene                 ? 
_entity_src_gen.pdbx_host_org_organ                ? 
_entity_src_gen.host_org_species                   ? 
_entity_src_gen.pdbx_host_org_tissue               ? 
_entity_src_gen.pdbx_host_org_tissue_fraction      ? 
_entity_src_gen.pdbx_host_org_strain               ? 
_entity_src_gen.pdbx_host_org_variant              ? 
_entity_src_gen.pdbx_host_org_cell_line            ? 
_entity_src_gen.pdbx_host_org_atcc                 ? 
_entity_src_gen.pdbx_host_org_culture_collection   ? 
_entity_src_gen.pdbx_host_org_cell                 ? 
_entity_src_gen.pdbx_host_org_organelle            ? 
_entity_src_gen.pdbx_host_org_cellular_location    ? 
_entity_src_gen.pdbx_host_org_vector_type          plasmid 
_entity_src_gen.pdbx_host_org_vector               ? 
_entity_src_gen.host_org_details                   ? 
_entity_src_gen.expression_system_id               ? 
_entity_src_gen.plasmid_name                       ? 
_entity_src_gen.plasmid_details                    ? 
_entity_src_gen.pdbx_description                   ? 
# 
_struct_ref.id                         1 
_struct_ref.entity_id                  1 
_struct_ref.db_name                    UNP 
_struct_ref.db_code                    FIXL_BRAJA 
_struct_ref.pdbx_db_accession          P23222 
_struct_ref.pdbx_align_begin           154 
_struct_ref.pdbx_seq_one_letter_code   
;DAMIVIDGHGIIQLFSTAAERLFGWSELEAIGQNVNILMPEPDRSRHDSYISRYRTTSDPHIIGIGRIVTGKRRDGTTFP
MHLSIGEMQSGGEPYFTGFVRDLTEHQQTQARLQEL
;
_struct_ref.pdbx_db_isoform            ? 
# 
_struct_ref_seq.align_id                      1 
_struct_ref_seq.ref_id                        1 
_struct_ref_seq.pdbx_PDB_id_code              1XJ3 
_struct_ref_seq.pdbx_strand_id                A 
_struct_ref_seq.seq_align_beg                 1 
_struct_ref_seq.pdbx_seq_align_beg_ins_code   ? 
_struct_ref_seq.seq_align_end                 116 
_struct_ref_seq.pdbx_seq_align_end_ins_code   ? 
_struct_ref_seq.pdbx_db_accession             P23222 
_struct_ref_seq.db_align_beg                  154 
_struct_ref_seq.pdbx_db_align_beg_ins_code    ? 
_struct_ref_seq.db_align_end                  269 
_struct_ref_seq.pdbx_db_align_end_ins_code    ? 
_struct_ref_seq.pdbx_auth_seq_align_beg       154 
_struct_ref_seq.pdbx_auth_seq_align_end       269 
# 
loop_
_chem_comp.id 
_chem_comp.type 
_chem_comp.mon_nstd_flag 
_chem_comp.name 
_chem_comp.pdbx_synonyms 
_chem_comp.formula 
_chem_comp.formula_weight 
ALA 'L-peptide linking' y ALANINE                           ?    'C3 H7 N O2'       89.093  
ARG 'L-peptide linking' y ARGININE                          ?    'C6 H15 N4 O2 1'   175.209 
ASN 'L-peptide linking' y ASPARAGINE                        ?    'C4 H8 N2 O3'      132.118 
ASP 'L-peptide linking' y 'ASPARTIC ACID'                   ?    'C4 H7 N O4'       133.103 
GLN 'L-peptide linking' y GLUTAMINE                         ?    'C5 H10 N2 O3'     146.144 
GLU 'L-peptide linking' y 'GLUTAMIC ACID'                   ?    'C5 H9 N O4'       147.129 
GLY 'peptide linking'   y GLYCINE                           ?    'C2 H5 N O2'       75.067  
HEM non-polymer         . 'PROTOPORPHYRIN IX CONTAINING FE' HEME 'C34 H32 Fe N4 O4' 616.487 
HIS 'L-peptide linking' y HISTIDINE                         ?    'C6 H10 N3 O2 1'   156.162 
HOH non-polymer         . WATER                             ?    'H2 O'             18.015  
ILE 'L-peptide linking' y ISOLEUCINE                        ?    'C6 H13 N O2'      131.173 
LEU 'L-peptide linking' y LEUCINE                           ?    'C6 H13 N O2'      131.173 
LYS 'L-peptide linking' y LYSINE                            ?    'C6 H15 N2 O2 1'   147.195 
MET 'L-peptide linking' y METHIONINE                        ?    'C5 H11 N O2 S'    149.211 
PHE 'L-peptide linking' y PHENYLALANINE                     ?    'C9 H11 N O2'      165.189 
PRO 'L-peptide linking' y PROLINE                           ?    'C5 H9 N O2'       115.130 
SER 'L-peptide linking' y SERINE                            ?    'C3 H7 N O3'       105.093 
THR 'L-peptide linking' y THREONINE                         ?    'C4 H9 N O3'       119.119 
TRP 'L-peptide linking' y TRYPTOPHAN                        ?    'C11 H12 N2 O2'    204.225 
TYR 'L-peptide linking' y TYROSINE                          ?    'C9 H11 N O3'      181.189 
VAL 'L-peptide linking' y VALINE                            ?    'C5 H11 N O2'      117.146 
# 
_exptl.entry_id          1XJ3 
_exptl.method            'X-RAY DIFFRACTION' 
_exptl.crystals_number   2 
# 
_exptl_crystal.id                    1 
_exptl_crystal.density_percent_sol   59.3 
_exptl_crystal.density_Matthews      3.57 
_exptl_crystal.density_meas          ? 
_exptl_crystal.description           ? 
_exptl_crystal.F_000                 ? 
_exptl_crystal.preparation           ? 
# 
_exptl_crystal_grow.crystal_id      1 
_exptl_crystal_grow.method          'VAPOR DIFFUSION, HANGING DROP' 
_exptl_crystal_grow.temp            298 
_exptl_crystal_grow.pH              9.0 
_exptl_crystal_grow.pdbx_details    'NaCl, PEI, CAPSO, pH 9.0, VAPOR DIFFUSION, HANGING DROP, temperature 298K' 
_exptl_crystal_grow.temp_details    ? 
_exptl_crystal_grow.pdbx_pH_range   . 
# 
_diffrn.id                     1 
_diffrn.ambient_temp           298 
_diffrn.ambient_temp_details   ? 
_diffrn.crystal_id             1 
# 
_diffrn_detector.diffrn_id              1 
_diffrn_detector.detector               CCD 
_diffrn_detector.type                   'ADSC QUANTUM 4' 
_diffrn_detector.pdbx_collection_date   ? 
_diffrn_detector.details                ? 
# 
_diffrn_radiation.diffrn_id                        1 
_diffrn_radiation.wavelength_id                    1 
_diffrn_radiation.pdbx_monochromatic_or_laue_m_l   M 
_diffrn_radiation.monochromator                    ? 
_diffrn_radiation.pdbx_diffrn_protocol             'SINGLE WAVELENGTH' 
_diffrn_radiation.pdbx_scattering_type             x-ray 
# 
_diffrn_radiation_wavelength.id           1 
_diffrn_radiation_wavelength.wavelength   0.900 
_diffrn_radiation_wavelength.wt           1.0 
# 
_diffrn_source.diffrn_id                   1 
_diffrn_source.source                      SYNCHROTRON 
_diffrn_source.type                        'APS BEAMLINE 14-BM-C' 
_diffrn_source.pdbx_synchrotron_site       APS 
_diffrn_source.pdbx_synchrotron_beamline   14-BM-C 
_diffrn_source.pdbx_wavelength             ? 
_diffrn_source.pdbx_wavelength_list        0.900 
# 
_reflns.entry_id                     1XJ3 
_reflns.observed_criterion_sigma_F   ? 
_reflns.observed_criterion_sigma_I   -3 
_reflns.d_resolution_high            1.90 
_reflns.d_resolution_low             40. 
_reflns.number_all                   14771 
_reflns.number_obs                   13604 
_reflns.percent_possible_obs         92.1 
_reflns.pdbx_Rmerge_I_obs            0.031 
_reflns.pdbx_Rsym_value              ? 
_reflns.pdbx_netI_over_sigmaI        ? 
_reflns.B_iso_Wilson_estimate        ? 
_reflns.pdbx_redundancy              16.29 
_reflns.R_free_details               ? 
_reflns.limit_h_max                  ? 
_reflns.limit_h_min                  ? 
_reflns.limit_k_max                  ? 
_reflns.limit_k_min                  ? 
_reflns.limit_l_max                  ? 
_reflns.limit_l_min                  ? 
_reflns.observed_criterion_F_max     ? 
_reflns.observed_criterion_F_min     ? 
_reflns.pdbx_chi_squared             ? 
_reflns.pdbx_scaling_rejects         ? 
_reflns.pdbx_diffrn_id               1 
_reflns.pdbx_ordinal                 1 
# 
_refine.entry_id                                 1XJ3 
_refine.ls_d_res_high                            1.90 
_refine.ls_d_res_low                             40 
_refine.pdbx_ls_sigma_F                          2.0 
_refine.pdbx_ls_sigma_I                          ? 
_refine.ls_number_reflns_all                     14771 
_refine.ls_number_reflns_obs                     13604 
_refine.ls_number_reflns_R_free                  1345 
_refine.ls_percent_reflns_obs                    92.1 
_refine.ls_R_factor_all                          ? 
_refine.ls_R_factor_obs                          ? 
_refine.ls_R_factor_R_work                       0.214 
_refine.ls_R_factor_R_free                       0.256 
_refine.ls_redundancy_reflns_obs                 ? 
_refine.pdbx_data_cutoff_high_absF               ? 
_refine.pdbx_data_cutoff_low_absF                ? 
_refine.ls_number_parameters                     ? 
_refine.ls_number_restraints                     ? 
_refine.ls_percent_reflns_R_free                 9.9 
_refine.ls_R_factor_R_free_error                 ? 
_refine.ls_R_factor_R_free_error_details         ? 
_refine.pdbx_method_to_determine_struct          'MOLECULAR REPLACEMENT' 
_refine.pdbx_starting_model                      1DRM 
_refine.pdbx_ls_cross_valid_method               THROUGHOUT 
_refine.pdbx_R_Free_selection_details            random 
_refine.pdbx_stereochem_target_val_spec_case     ? 
_refine.pdbx_stereochemistry_target_values       ? 
_refine.solvent_model_details                    ? 
_refine.solvent_model_param_bsol                 ? 
_refine.solvent_model_param_ksol                 ? 
_refine.occupancy_max                            ? 
_refine.occupancy_min                            ? 
_refine.pdbx_isotropic_thermal_model             ? 
_refine.B_iso_mean                               ? 
_refine.aniso_B[1][1]                            ? 
_refine.aniso_B[1][2]                            ? 
_refine.aniso_B[1][3]                            ? 
_refine.aniso_B[2][2]                            ? 
_refine.aniso_B[2][3]                            ? 
_refine.aniso_B[3][3]                            ? 
_refine.details                                  ? 
_refine.B_iso_min                                ? 
_refine.B_iso_max                                ? 
_refine.correlation_coeff_Fo_to_Fc               ? 
_refine.correlation_coeff_Fo_to_Fc_free          ? 
_refine.pdbx_solvent_vdw_probe_radii             ? 
_refine.pdbx_solvent_ion_probe_radii             ? 
_refine.pdbx_solvent_shrinkage_radii             ? 
_refine.overall_SU_R_Cruickshank_DPI             ? 
_refine.overall_SU_R_free                        ? 
_refine.overall_SU_B                             ? 
_refine.overall_SU_ML                            ? 
_refine.pdbx_overall_ESU_R                       ? 
_refine.pdbx_overall_ESU_R_Free                  ? 
_refine.pdbx_data_cutoff_high_rms_absF           ? 
_refine.ls_wR_factor_R_free                      ? 
_refine.ls_wR_factor_R_work                      ? 
_refine.overall_FOM_free_R_set                   ? 
_refine.overall_FOM_work_R_set                   ? 
_refine.pdbx_refine_id                           'X-RAY DIFFRACTION' 
_refine.pdbx_diffrn_id                           1 
_refine.pdbx_TLS_residual_ADP_flag               ? 
_refine.pdbx_overall_phase_error                 ? 
_refine.pdbx_overall_SU_R_free_Cruickshank_DPI   ? 
_refine.pdbx_overall_SU_R_Blow_DPI               ? 
_refine.pdbx_overall_SU_R_free_Blow_DPI          ? 
# 
_refine_hist.pdbx_refine_id                   'X-RAY DIFFRACTION' 
_refine_hist.cycle_id                         LAST 
_refine_hist.pdbx_number_atoms_protein        920 
_refine_hist.pdbx_number_atoms_nucleic_acid   0 
_refine_hist.pdbx_number_atoms_ligand         43 
_refine_hist.number_atoms_solvent             81 
_refine_hist.number_atoms_total               1044 
_refine_hist.d_res_high                       1.90 
_refine_hist.d_res_low                        40 
# 
loop_
_refine_ls_restr.type 
_refine_ls_restr.dev_ideal 
_refine_ls_restr.dev_ideal_target 
_refine_ls_restr.number 
_refine_ls_restr.weight 
_refine_ls_restr.pdbx_refine_id 
_refine_ls_restr.pdbx_restraint_function 
c_bond_d    0.0081 ? ? ? 'X-RAY DIFFRACTION' ? 
c_angle_deg 1.63   ? ? ? 'X-RAY DIFFRACTION' ? 
# 
_struct.entry_id                  1XJ3 
_struct.title                     'bjFixLH in unliganded ferrous form' 
_struct.pdbx_model_details        ? 
_struct.pdbx_CASP_flag            ? 
_struct.pdbx_model_type_details   ? 
# 
_struct_keywords.entry_id        1XJ3 
_struct_keywords.pdbx_keywords   'SIGNALING PROTEIN, TRANSFERASE' 
_struct_keywords.text            'PAS domain; heme; oxygen sensor, SIGNALING PROTEIN, TRANSFERASE' 
# 
loop_
_struct_asym.id 
_struct_asym.pdbx_blank_PDB_chainid_flag 
_struct_asym.pdbx_modified 
_struct_asym.entity_id 
_struct_asym.details 
A N N 1 ? 
B N N 2 ? 
C N N 3 ? 
# 
_struct_biol.id                    1 
_struct_biol.pdbx_parent_biol_id   ? 
_struct_biol.details               ? 
# 
loop_
_struct_conf.conf_type_id 
_struct_conf.id 
_struct_conf.pdbx_PDB_helix_id 
_struct_conf.beg_label_comp_id 
_struct_conf.beg_label_asym_id 
_struct_conf.beg_label_seq_id 
_struct_conf.pdbx_beg_PDB_ins_code 
_struct_conf.end_label_comp_id 
_struct_conf.end_label_asym_id 
_struct_conf.end_label_seq_id 
_struct_conf.pdbx_end_PDB_ins_code 
_struct_conf.beg_auth_comp_id 
_struct_conf.beg_auth_asym_id 
_struct_conf.beg_auth_seq_id 
_struct_conf.end_auth_comp_id 
_struct_conf.end_auth_asym_id 
_struct_conf.end_auth_seq_id 
_struct_conf.pdbx_PDB_helix_class 
_struct_conf.details 
_struct_conf.pdbx_PDB_helix_length 
HELX_P HELX_P1 1 SER A 16  ? GLY A 24  ? SER A 169 GLY A 177 1 ? 9  
HELX_P HELX_P2 2 SER A 26  ? ILE A 31  ? SER A 179 ILE A 184 1 ? 6  
HELX_P HELX_P3 3 ASN A 34  ? MET A 39  ? ASN A 187 MET A 192 5 ? 6  
HELX_P HELX_P4 4 PRO A 42  ? SER A 58  ? PRO A 195 SER A 211 1 ? 17 
HELX_P HELX_P5 5 LEU A 103 ? LEU A 116 ? LEU A 256 LEU A 269 1 ? 14 
# 
_struct_conf_type.id          HELX_P 
_struct_conf_type.criteria    ? 
_struct_conf_type.reference   ? 
# 
_struct_conn.id                            metalc1 
_struct_conn.conn_type_id                  metalc 
_struct_conn.pdbx_leaving_atom_flag        ? 
_struct_conn.pdbx_PDB_id                   ? 
_struct_conn.ptnr1_label_asym_id           A 
_struct_conn.ptnr1_label_comp_id           HIS 
_struct_conn.ptnr1_label_seq_id            47 
_struct_conn.ptnr1_label_atom_id           NE2 
_struct_conn.pdbx_ptnr1_label_alt_id       ? 
_struct_conn.pdbx_ptnr1_PDB_ins_code       ? 
_struct_conn.pdbx_ptnr1_standard_comp_id   ? 
_struct_conn.ptnr1_symmetry                1_555 
_struct_conn.ptnr2_label_asym_id           B 
_struct_conn.ptnr2_label_comp_id           HEM 
_struct_conn.ptnr2_label_seq_id            . 
_struct_conn.ptnr2_label_atom_id           FE 
_struct_conn.pdbx_ptnr2_label_alt_id       ? 
_struct_conn.pdbx_ptnr2_PDB_ins_code       ? 
_struct_conn.ptnr1_auth_asym_id            A 
_struct_conn.ptnr1_auth_comp_id            HIS 
_struct_conn.ptnr1_auth_seq_id             200 
_struct_conn.ptnr2_auth_asym_id            A 
_struct_conn.ptnr2_auth_comp_id            HEM 
_struct_conn.ptnr2_auth_seq_id             719 
_struct_conn.ptnr2_symmetry                1_555 
_struct_conn.pdbx_ptnr3_label_atom_id      ? 
_struct_conn.pdbx_ptnr3_label_seq_id       ? 
_struct_conn.pdbx_ptnr3_label_comp_id      ? 
_struct_conn.pdbx_ptnr3_label_asym_id      ? 
_struct_conn.pdbx_ptnr3_label_alt_id       ? 
_struct_conn.pdbx_ptnr3_PDB_ins_code       ? 
_struct_conn.details                       ? 
_struct_conn.pdbx_dist_value               2.004 
_struct_conn.pdbx_value_order              ? 
_struct_conn.pdbx_role                     ? 
# 
_struct_conn_type.id          metalc 
_struct_conn_type.criteria    ? 
_struct_conn_type.reference   ? 
# 
_struct_mon_prot_cis.pdbx_id                1 
_struct_mon_prot_cis.label_comp_id          GLU 
_struct_mon_prot_cis.label_seq_id           41 
_struct_mon_prot_cis.label_asym_id          A 
_struct_mon_prot_cis.label_alt_id           . 
_struct_mon_prot_cis.pdbx_PDB_ins_code      ? 
_struct_mon_prot_cis.auth_comp_id           GLU 
_struct_mon_prot_cis.auth_seq_id            194 
_struct_mon_prot_cis.auth_asym_id           A 
_struct_mon_prot_cis.pdbx_label_comp_id_2   PRO 
_struct_mon_prot_cis.pdbx_label_seq_id_2    42 
_struct_mon_prot_cis.pdbx_label_asym_id_2   A 
_struct_mon_prot_cis.pdbx_PDB_ins_code_2    ? 
_struct_mon_prot_cis.pdbx_auth_comp_id_2    PRO 
_struct_mon_prot_cis.pdbx_auth_seq_id_2     195 
_struct_mon_prot_cis.pdbx_auth_asym_id_2    A 
_struct_mon_prot_cis.pdbx_PDB_model_num     1 
_struct_mon_prot_cis.pdbx_omega_angle       -0.14 
# 
_struct_sheet.id               A 
_struct_sheet.type             ? 
_struct_sheet.number_strands   5 
_struct_sheet.details          ? 
# 
loop_
_struct_sheet_order.sheet_id 
_struct_sheet_order.range_id_1 
_struct_sheet_order.range_id_2 
_struct_sheet_order.offset 
_struct_sheet_order.sense 
A 1 2 ? anti-parallel 
A 2 3 ? anti-parallel 
A 3 4 ? anti-parallel 
A 4 5 ? anti-parallel 
# 
loop_
_struct_sheet_range.sheet_id 
_struct_sheet_range.id 
_struct_sheet_range.beg_label_comp_id 
_struct_sheet_range.beg_label_asym_id 
_struct_sheet_range.beg_label_seq_id 
_struct_sheet_range.pdbx_beg_PDB_ins_code 
_struct_sheet_range.end_label_comp_id 
_struct_sheet_range.end_label_asym_id 
_struct_sheet_range.end_label_seq_id 
_struct_sheet_range.pdbx_end_PDB_ins_code 
_struct_sheet_range.beg_auth_comp_id 
_struct_sheet_range.beg_auth_asym_id 
_struct_sheet_range.beg_auth_seq_id 
_struct_sheet_range.end_auth_comp_id 
_struct_sheet_range.end_auth_asym_id 
_struct_sheet_range.end_auth_seq_id 
A 1 ILE A 12 ? PHE A 15  ? ILE A 165 PHE A 168 
A 2 MET A 3  ? ASP A 7   ? MET A 156 ASP A 160 
A 3 GLU A 93 ? ASP A 102 ? GLU A 246 ASP A 255 
A 4 THR A 78 ? SER A 90  ? THR A 231 SER A 243 
A 5 ARG A 67 ? LYS A 72  ? ARG A 220 LYS A 225 
# 
loop_
_pdbx_struct_sheet_hbond.sheet_id 
_pdbx_struct_sheet_hbond.range_id_1 
_pdbx_struct_sheet_hbond.range_id_2 
_pdbx_struct_sheet_hbond.range_1_label_atom_id 
_pdbx_struct_sheet_hbond.range_1_label_comp_id 
_pdbx_struct_sheet_hbond.range_1_label_asym_id 
_pdbx_struct_sheet_hbond.range_1_label_seq_id 
_pdbx_struct_sheet_hbond.range_1_PDB_ins_code 
_pdbx_struct_sheet_hbond.range_1_auth_atom_id 
_pdbx_struct_sheet_hbond.range_1_auth_comp_id 
_pdbx_struct_sheet_hbond.range_1_auth_asym_id 
_pdbx_struct_sheet_hbond.range_1_auth_seq_id 
_pdbx_struct_sheet_hbond.range_2_label_atom_id 
_pdbx_struct_sheet_hbond.range_2_label_comp_id 
_pdbx_struct_sheet_hbond.range_2_label_asym_id 
_pdbx_struct_sheet_hbond.range_2_label_seq_id 
_pdbx_struct_sheet_hbond.range_2_PDB_ins_code 
_pdbx_struct_sheet_hbond.range_2_auth_atom_id 
_pdbx_struct_sheet_hbond.range_2_auth_comp_id 
_pdbx_struct_sheet_hbond.range_2_auth_asym_id 
_pdbx_struct_sheet_hbond.range_2_auth_seq_id 
A 1 2 O GLN A 13 ? O GLN A 166 N VAL A 5  ? N VAL A 158 
A 2 3 N ILE A 4  ? N ILE A 157 O GLY A 98 ? O GLY A 251 
A 3 4 O TYR A 95 ? O TYR A 248 N MET A 88 ? N MET A 241 
A 4 5 O PHE A 79 ? O PHE A 232 N GLY A 71 ? N GLY A 224 
# 
_struct_site.id                   AC1 
_struct_site.pdbx_evidence_code   Software 
_struct_site.pdbx_auth_asym_id    A 
_struct_site.pdbx_auth_comp_id    HEM 
_struct_site.pdbx_auth_seq_id     719 
_struct_site.pdbx_auth_ins_code   ? 
_struct_site.pdbx_num_residues    19 
_struct_site.details              'BINDING SITE FOR RESIDUE HEM A 719' 
# 
loop_
_struct_site_gen.id 
_struct_site_gen.site_id 
_struct_site_gen.pdbx_num_res 
_struct_site_gen.label_comp_id 
_struct_site_gen.label_asym_id 
_struct_site_gen.label_seq_id 
_struct_site_gen.pdbx_auth_ins_code 
_struct_site_gen.auth_comp_id 
_struct_site_gen.auth_asym_id 
_struct_site_gen.auth_seq_id 
_struct_site_gen.label_atom_id 
_struct_site_gen.label_alt_id 
_struct_site_gen.symmetry 
_struct_site_gen.details 
1  AC1 19 HOH C .  ? HOH A 93  . ? 1_555 ? 
2  AC1 19 HOH C .  ? HOH A 138 . ? 1_555 ? 
3  AC1 19 ILE A 6  ? ILE A 159 . ? 1_555 ? 
4  AC1 19 VAL A 35 ? VAL A 188 . ? 1_555 ? 
5  AC1 19 LEU A 38 ? LEU A 191 . ? 1_555 ? 
6  AC1 19 MET A 39 ? MET A 192 . ? 1_555 ? 
7  AC1 19 HIS A 47 ? HIS A 200 . ? 1_555 ? 
8  AC1 19 TYR A 50 ? TYR A 203 . ? 1_555 ? 
9  AC1 19 PRO A 60 ? PRO A 213 . ? 1_555 ? 
10 AC1 19 HIS A 61 ? HIS A 214 . ? 1_555 ? 
11 AC1 19 ILE A 62 ? ILE A 215 . ? 1_555 ? 
12 AC1 19 ILE A 63 ? ILE A 216 . ? 1_555 ? 
13 AC1 19 ARG A 67 ? ARG A 220 . ? 1_555 ? 
14 AC1 19 THR A 70 ? THR A 223 . ? 1_555 ? 
15 AC1 19 LEU A 83 ? LEU A 236 . ? 1_555 ? 
16 AC1 19 ILE A 85 ? ILE A 238 . ? 1_555 ? 
17 AC1 19 PHE A 96 ? PHE A 249 . ? 1_555 ? 
18 AC1 19 THR A 97 ? THR A 250 . ? 1_555 ? 
19 AC1 19 GLY A 98 ? GLY A 251 . ? 1_555 ? 
# 
_atom_sites.entry_id                    1XJ3 
_atom_sites.fract_transf_matrix[1][1]   -0.00553299 
_atom_sites.fract_transf_matrix[1][2]   0.00627828 
_atom_sites.fract_transf_matrix[1][3]   0.00324513 
_atom_sites.fract_transf_matrix[2][1]   -0.00840373 
_atom_sites.fract_transf_matrix[2][2]   0.00060968 
_atom_sites.fract_transf_matrix[2][3]   -0.00309423 
_atom_sites.fract_transf_matrix[3][1]   -0.00522680 
_atom_sites.fract_transf_matrix[3][2]   -0.01083981 
_atom_sites.fract_transf_matrix[3][3]   0.01205979 
_atom_sites.fract_transf_vector[1]      0.151656 
_atom_sites.fract_transf_vector[2]      0.491998 
_atom_sites.fract_transf_vector[3]      0.952643 
# 
loop_
_atom_type.symbol 
C  
FE 
N  
O  
S  
# 
loop_
_atom_site.group_PDB 
_atom_site.id 
_atom_site.type_symbol 
_atom_site.label_atom_id 
_atom_site.label_alt_id 
_atom_site.label_comp_id 
_atom_site.label_asym_id 
_atom_site.label_entity_id 
_atom_site.label_seq_id 
_atom_site.pdbx_PDB_ins_code 
_atom_site.Cartn_x 
_atom_site.Cartn_y 
_atom_site.Cartn_z 
_atom_site.occupancy 
_atom_site.B_iso_or_equiv 
_atom_site.pdbx_formal_charge 
_atom_site.auth_seq_id 
_atom_site.auth_comp_id 
_atom_site.auth_asym_id 
_atom_site.auth_atom_id 
_atom_site.pdbx_PDB_model_num 
ATOM   1    N  N   . ASP A 1 1   ? -10.035 -3.979  3.783   1.00 72.12 ? 154 ASP A N   1 
ATOM   2    C  CA  . ASP A 1 1   ? -9.894  -4.971  2.681   1.00 67.10 ? 154 ASP A CA  1 
ATOM   3    C  C   . ASP A 1 1   ? -8.573  -5.734  2.797   1.00 67.96 ? 154 ASP A C   1 
ATOM   4    O  O   . ASP A 1 1   ? -8.422  -6.610  3.658   1.00 66.96 ? 154 ASP A O   1 
ATOM   5    C  CB  . ASP A 1 1   ? -9.965  -4.272  1.305   1.00 66.38 ? 154 ASP A CB  1 
ATOM   6    C  CG  . ASP A 1 1   ? -11.309 -3.599  1.047   1.00 70.37 ? 154 ASP A CG  1 
ATOM   7    O  OD1 . ASP A 1 1   ? -12.342 -4.295  1.105   1.00 72.30 ? 154 ASP A OD1 1 
ATOM   8    O  OD2 . ASP A 1 1   ? -11.334 -2.375  0.784   1.00 69.91 ? 154 ASP A OD2 1 
ATOM   9    N  N   . ALA A 1 2   ? -7.621  -5.370  1.932   1.00 58.63 ? 155 ALA A N   1 
ATOM   10   C  CA  . ALA A 1 2   ? -6.305  -5.993  1.860   1.00 49.77 ? 155 ALA A CA  1 
ATOM   11   C  C   . ALA A 1 2   ? -5.362  -5.728  3.027   1.00 45.16 ? 155 ALA A C   1 
ATOM   12   O  O   . ALA A 1 2   ? -5.404  -4.681  3.670   1.00 44.63 ? 155 ALA A O   1 
ATOM   13   C  CB  . ALA A 1 2   ? -5.625  -5.577  0.565   1.00 50.40 ? 155 ALA A CB  1 
ATOM   14   N  N   . MET A 1 3   ? -4.488  -6.691  3.276   1.00 41.49 ? 156 MET A N   1 
ATOM   15   C  CA  . MET A 1 3   ? -3.510  -6.577  4.338   1.00 40.09 ? 156 MET A CA  1 
ATOM   16   C  C   . MET A 1 3   ? -2.172  -6.971  3.716   1.00 34.40 ? 156 MET A C   1 
ATOM   17   O  O   . MET A 1 3   ? -2.074  -7.978  3.033   1.00 33.62 ? 156 MET A O   1 
ATOM   18   C  CB  . MET A 1 3   ? -3.871  -7.515  5.486   1.00 37.71 ? 156 MET A CB  1 
ATOM   19   C  CG  . MET A 1 3   ? -3.108  -7.254  6.764   1.00 50.50 ? 156 MET A CG  1 
ATOM   20   S  SD  . MET A 1 3   ? -1.736  -8.392  6.991   1.00 71.30 ? 156 MET A SD  1 
ATOM   21   C  CE  . MET A 1 3   ? -2.536  -9.613  7.940   1.00 61.05 ? 156 MET A CE  1 
ATOM   22   N  N   . ILE A 1 4   ? -1.154  -6.156  3.944   1.00 35.72 ? 157 ILE A N   1 
ATOM   23   C  CA  . ILE A 1 4   ? 0.174   -6.410  3.388   1.00 37.97 ? 157 ILE A CA  1 
ATOM   24   C  C   . ILE A 1 4   ? 1.224   -6.159  4.461   1.00 36.83 ? 157 ILE A C   1 
ATOM   25   O  O   . ILE A 1 4   ? 1.141   -5.185  5.216   1.00 38.70 ? 157 ILE A O   1 
ATOM   26   C  CB  . ILE A 1 4   ? 0.460   -5.463  2.181   1.00 33.87 ? 157 ILE A CB  1 
ATOM   27   C  CG1 . ILE A 1 4   ? -0.532  -5.750  1.053   1.00 37.91 ? 157 ILE A CG1 1 
ATOM   28   C  CG2 . ILE A 1 4   ? 1.877   -5.674  1.656   1.00 37.60 ? 157 ILE A CG2 1 
ATOM   29   C  CD1 . ILE A 1 4   ? -0.644  -4.627  0.047   1.00 43.28 ? 157 ILE A CD1 1 
ATOM   30   N  N   . VAL A 1 5   ? 2.209   -7.038  4.536   1.00 37.22 ? 158 VAL A N   1 
ATOM   31   C  CA  . VAL A 1 5   ? 3.262   -6.854  5.518   1.00 38.42 ? 158 VAL A CA  1 
ATOM   32   C  C   . VAL A 1 5   ? 4.604   -6.771  4.796   1.00 39.38 ? 158 VAL A C   1 
ATOM   33   O  O   . VAL A 1 5   ? 4.917   -7.628  3.973   1.00 39.12 ? 158 VAL A O   1 
ATOM   34   C  CB  . VAL A 1 5   ? 3.303   -8.016  6.531   1.00 39.89 ? 158 VAL A CB  1 
ATOM   35   C  CG1 . VAL A 1 5   ? 4.453   -7.806  7.505   1.00 38.51 ? 158 VAL A CG1 1 
ATOM   36   C  CG2 . VAL A 1 5   ? 1.975   -8.094  7.289   1.00 39.59 ? 158 VAL A CG2 1 
ATOM   37   N  N   . ILE A 1 6   ? 5.382   -5.734  5.095   1.00 37.42 ? 159 ILE A N   1 
ATOM   38   C  CA  . ILE A 1 6   ? 6.698   -5.559  4.468   1.00 42.57 ? 159 ILE A CA  1 
ATOM   39   C  C   . ILE A 1 6   ? 7.792   -5.398  5.524   1.00 43.65 ? 159 ILE A C   1 
ATOM   40   O  O   . ILE A 1 6   ? 7.518   -4.981  6.654   1.00 40.94 ? 159 ILE A O   1 
ATOM   41   C  CB  . ILE A 1 6   ? 6.762   -4.281  3.589   1.00 37.64 ? 159 ILE A CB  1 
ATOM   42   C  CG1 . ILE A 1 6   ? 6.563   -3.045  4.482   1.00 38.38 ? 159 ILE A CG1 1 
ATOM   43   C  CG2 . ILE A 1 6   ? 5.738   -4.347  2.469   1.00 36.06 ? 159 ILE A CG2 1 
ATOM   44   C  CD1 . ILE A 1 6   ? 6.770   -1.714  3.778   1.00 39.40 ? 159 ILE A CD1 1 
ATOM   45   N  N   . ASP A 1 7   ? 9.032   -5.710  5.150   1.00 48.99 ? 160 ASP A N   1 
ATOM   46   C  CA  . ASP A 1 7   ? 10.152  -5.536  6.071   1.00 48.59 ? 160 ASP A CA  1 
ATOM   47   C  C   . ASP A 1 7   ? 10.622  -4.084  5.990   1.00 54.16 ? 160 ASP A C   1 
ATOM   48   O  O   . ASP A 1 7   ? 10.014  -3.266  5.288   1.00 54.02 ? 160 ASP A O   1 
ATOM   49   C  CB  . ASP A 1 7   ? 11.322  -6.468  5.727   1.00 52.19 ? 160 ASP A CB  1 
ATOM   50   C  CG  . ASP A 1 7   ? 11.731  -6.391  4.267   1.00 53.50 ? 160 ASP A CG  1 
ATOM   51   O  OD1 . ASP A 1 7   ? 11.716  -5.286  3.688   1.00 52.27 ? 160 ASP A OD1 1 
ATOM   52   O  OD2 . ASP A 1 7   ? 12.083  -7.446  3.700   1.00 56.83 ? 160 ASP A OD2 1 
ATOM   53   N  N   . GLY A 1 8   ? 11.700  -3.770  6.703   1.00 49.40 ? 161 GLY A N   1 
ATOM   54   C  CA  . GLY A 1 8   ? 12.225  -2.414  6.704   1.00 50.16 ? 161 GLY A CA  1 
ATOM   55   C  C   . GLY A 1 8   ? 12.850  -1.992  5.385   1.00 49.66 ? 161 GLY A C   1 
ATOM   56   O  O   . GLY A 1 8   ? 13.361  -0.880  5.265   1.00 50.12 ? 161 GLY A O   1 
ATOM   57   N  N   . HIS A 1 9   ? 12.816  -2.884  4.399   1.00 50.10 ? 162 HIS A N   1 
ATOM   58   C  CA  . HIS A 1 9   ? 13.372  -2.602  3.077   1.00 57.47 ? 162 HIS A CA  1 
ATOM   59   C  C   . HIS A 1 9   ? 12.307  -2.507  1.987   1.00 53.37 ? 162 HIS A C   1 
ATOM   60   O  O   . HIS A 1 9   ? 12.635  -2.410  0.804   1.00 55.39 ? 162 HIS A O   1 
ATOM   61   C  CB  . HIS A 1 9   ? 14.397  -3.675  2.688   1.00 64.92 ? 162 HIS A CB  1 
ATOM   62   C  CG  . HIS A 1 9   ? 15.684  -3.583  3.447   1.00 72.66 ? 162 HIS A CG  1 
ATOM   63   N  ND1 . HIS A 1 9   ? 16.636  -4.578  3.420   1.00 79.05 ? 162 HIS A ND1 1 
ATOM   64   C  CD2 . HIS A 1 9   ? 16.180  -2.608  4.248   1.00 74.16 ? 162 HIS A CD2 1 
ATOM   65   C  CE1 . HIS A 1 9   ? 17.663  -4.222  4.172   1.00 78.81 ? 162 HIS A CE1 1 
ATOM   66   N  NE2 . HIS A 1 9   ? 17.410  -3.031  4.686   1.00 75.50 ? 162 HIS A NE2 1 
ATOM   67   N  N   . GLY A 1 10  ? 11.037  -2.560  2.378   1.00 51.17 ? 163 GLY A N   1 
ATOM   68   C  CA  . GLY A 1 10  ? 9.964   -2.455  1.403   1.00 44.61 ? 163 GLY A CA  1 
ATOM   69   C  C   . GLY A 1 10  ? 9.606   -3.748  0.704   1.00 43.88 ? 163 GLY A C   1 
ATOM   70   O  O   . GLY A 1 10  ? 8.789   -3.755  -0.217  1.00 43.77 ? 163 GLY A O   1 
ATOM   71   N  N   . ILE A 1 11  ? 10.206  -4.851  1.140   1.00 43.45 ? 164 ILE A N   1 
ATOM   72   C  CA  . ILE A 1 11  ? 9.927   -6.144  0.527   1.00 40.79 ? 164 ILE A CA  1 
ATOM   73   C  C   . ILE A 1 11  ? 8.706   -6.822  1.149   1.00 37.65 ? 164 ILE A C   1 
ATOM   74   O  O   . ILE A 1 11  ? 8.609   -6.942  2.362   1.00 41.99 ? 164 ILE A O   1 
ATOM   75   C  CB  . ILE A 1 11  ? 11.149  -7.077  0.656   1.00 49.99 ? 164 ILE A CB  1 
ATOM   76   C  CG1 . ILE A 1 11  ? 12.383  -6.380  0.079   1.00 49.64 ? 164 ILE A CG1 1 
ATOM   77   C  CG2 . ILE A 1 11  ? 10.885  -8.380  -0.094  1.00 44.05 ? 164 ILE A CG2 1 
ATOM   78   C  CD1 . ILE A 1 11  ? 13.666  -7.173  0.227   1.00 69.82 ? 164 ILE A CD1 1 
ATOM   79   N  N   . ILE A 1 12  ? 7.788   -7.275  0.303   1.00 41.64 ? 165 ILE A N   1 
ATOM   80   C  CA  . ILE A 1 12  ? 6.557   -7.918  0.755   1.00 41.84 ? 165 ILE A CA  1 
ATOM   81   C  C   . ILE A 1 12  ? 6.780   -9.281  1.397   1.00 44.24 ? 165 ILE A C   1 
ATOM   82   O  O   . ILE A 1 12  ? 7.256   -10.207 0.744   1.00 43.18 ? 165 ILE A O   1 
ATOM   83   C  CB  . ILE A 1 12  ? 5.567   -8.111  -0.409  1.00 39.89 ? 165 ILE A CB  1 
ATOM   84   C  CG1 . ILE A 1 12  ? 5.187   -6.753  -1.005  1.00 39.11 ? 165 ILE A CG1 1 
ATOM   85   C  CG2 . ILE A 1 12  ? 4.325   -8.851  0.078   1.00 41.24 ? 165 ILE A CG2 1 
ATOM   86   C  CD1 . ILE A 1 12  ? 4.367   -6.857  -2.271  1.00 38.56 ? 165 ILE A CD1 1 
ATOM   87   N  N   . GLN A 1 13  ? 6.406   -9.393  2.671   1.00 43.86 ? 166 GLN A N   1 
ATOM   88   C  CA  . GLN A 1 13  ? 6.549   -10.639 3.430   1.00 46.11 ? 166 GLN A CA  1 
ATOM   89   C  C   . GLN A 1 13  ? 5.246   -11.439 3.493   1.00 47.51 ? 166 GLN A C   1 
ATOM   90   O  O   . GLN A 1 13  ? 5.259   -12.664 3.389   1.00 44.88 ? 166 GLN A O   1 
ATOM   91   C  CB  . GLN A 1 13  ? 7.018   -10.335 4.856   1.00 50.01 ? 166 GLN A CB  1 
ATOM   92   C  CG  . GLN A 1 13  ? 8.349   -9.612  4.929   1.00 53.00 ? 166 GLN A CG  1 
ATOM   93   C  CD  . GLN A 1 13  ? 9.418   -10.309 4.109   1.00 59.02 ? 166 GLN A CD  1 
ATOM   94   O  OE1 . GLN A 1 13  ? 9.605   -11.517 4.221   1.00 61.45 ? 166 GLN A OE1 1 
ATOM   95   N  NE2 . GLN A 1 13  ? 10.117  -9.551  3.271   1.00 57.28 ? 166 GLN A NE2 1 
ATOM   96   N  N   . LEU A 1 14  ? 4.124   -10.746 3.681   1.00 40.85 ? 167 LEU A N   1 
ATOM   97   C  CA  . LEU A 1 14  ? 2.822   -11.402 3.752   1.00 41.46 ? 167 LEU A CA  1 
ATOM   98   C  C   . LEU A 1 14  ? 1.842   -10.664 2.846   1.00 38.75 ? 167 LEU A C   1 
ATOM   99   O  O   . LEU A 1 14  ? 1.820   -9.439  2.812   1.00 39.51 ? 167 LEU A O   1 
ATOM   100  C  CB  . LEU A 1 14  ? 2.305   -11.390 5.192   1.00 43.57 ? 167 LEU A CB  1 
ATOM   101  C  CG  . LEU A 1 14  ? 3.091   -12.200 6.222   1.00 46.03 ? 167 LEU A CG  1 
ATOM   102  C  CD1 . LEU A 1 14  ? 2.548   -11.892 7.611   1.00 45.49 ? 167 LEU A CD1 1 
ATOM   103  C  CD2 . LEU A 1 14  ? 2.972   -13.689 5.908   1.00 47.34 ? 167 LEU A CD2 1 
ATOM   104  N  N   . PHE A 1 15  ? 1.028   -11.418 2.124   1.00 37.94 ? 168 PHE A N   1 
ATOM   105  C  CA  . PHE A 1 15  ? 0.069   -10.846 1.190   1.00 39.42 ? 168 PHE A CA  1 
ATOM   106  C  C   . PHE A 1 15  ? -1.239  -11.602 1.365   1.00 42.19 ? 168 PHE A C   1 
ATOM   107  O  O   . PHE A 1 15  ? -1.330  -12.757 0.959   1.00 42.90 ? 168 PHE A O   1 
ATOM   108  C  CB  . PHE A 1 15  ? 0.597   -11.058 -0.220  1.00 39.42 ? 168 PHE A CB  1 
ATOM   109  C  CG  . PHE A 1 15  ? 0.041   -10.121 -1.229  1.00 35.36 ? 168 PHE A CG  1 
ATOM   110  C  CD1 . PHE A 1 15  ? 0.387   -8.776  -1.208  1.00 36.44 ? 168 PHE A CD1 1 
ATOM   111  C  CD2 . PHE A 1 15  ? -0.788  -10.589 -2.231  1.00 35.30 ? 168 PHE A CD2 1 
ATOM   112  C  CE1 . PHE A 1 15  ? -0.086  -7.900  -2.187  1.00 38.86 ? 168 PHE A CE1 1 
ATOM   113  C  CE2 . PHE A 1 15  ? -1.274  -9.727  -3.219  1.00 39.17 ? 168 PHE A CE2 1 
ATOM   114  C  CZ  . PHE A 1 15  ? -0.920  -8.382  -3.200  1.00 37.74 ? 168 PHE A CZ  1 
ATOM   115  N  N   . SER A 1 16  ? -2.258  -10.959 1.941   1.00 41.39 ? 169 SER A N   1 
ATOM   116  C  CA  . SER A 1 16  ? -3.527  -11.644 2.178   1.00 39.97 ? 169 SER A CA  1 
ATOM   117  C  C   . SER A 1 16  ? -4.327  -11.993 0.928   1.00 40.66 ? 169 SER A C   1 
ATOM   118  O  O   . SER A 1 16  ? -4.126  -11.424 -0.148  1.00 43.07 ? 169 SER A O   1 
ATOM   119  C  CB  . SER A 1 16  ? -4.424  -10.817 3.128   1.00 40.34 ? 169 SER A CB  1 
ATOM   120  O  OG  . SER A 1 16  ? -4.975  -9.676  2.487   1.00 35.20 ? 169 SER A OG  1 
ATOM   121  N  N   . THR A 1 17  ? -5.245  -12.941 1.096   1.00 42.15 ? 170 THR A N   1 
ATOM   122  C  CA  . THR A 1 17  ? -6.136  -13.385 0.032   1.00 46.49 ? 170 THR A CA  1 
ATOM   123  C  C   . THR A 1 17  ? -6.885  -12.181 -0.535  1.00 45.94 ? 170 THR A C   1 
ATOM   124  O  O   . THR A 1 17  ? -7.008  -12.018 -1.742  1.00 46.88 ? 170 THR A O   1 
ATOM   125  C  CB  . THR A 1 17  ? -7.170  -14.384 0.576   1.00 46.98 ? 170 THR A CB  1 
ATOM   126  O  OG1 . THR A 1 17  ? -6.493  -15.504 1.155   1.00 49.75 ? 170 THR A OG1 1 
ATOM   127  C  CG2 . THR A 1 17  ? -8.099  -14.857 -0.534  1.00 51.73 ? 170 THR A CG2 1 
ATOM   128  N  N   . ALA A 1 18  ? -7.390  -11.331 0.351   1.00 47.17 ? 171 ALA A N   1 
ATOM   129  C  CA  . ALA A 1 18  ? -8.113  -10.150 -0.089  1.00 47.07 ? 171 ALA A CA  1 
ATOM   130  C  C   . ALA A 1 18  ? -7.227  -9.265  -0.965  1.00 48.98 ? 171 ALA A C   1 
ATOM   131  O  O   . ALA A 1 18  ? -7.697  -8.694  -1.951  1.00 45.46 ? 171 ALA A O   1 
ATOM   132  C  CB  . ALA A 1 18  ? -8.623  -9.359  1.123   1.00 49.70 ? 171 ALA A CB  1 
ATOM   133  N  N   . ALA A 1 19  ? -5.949  -9.148  -0.601  1.00 44.80 ? 172 ALA A N   1 
ATOM   134  C  CA  . ALA A 1 19  ? -5.018  -8.329  -1.367  1.00 44.79 ? 172 ALA A CA  1 
ATOM   135  C  C   . ALA A 1 19  ? -4.843  -8.896  -2.778  1.00 42.82 ? 172 ALA A C   1 
ATOM   136  O  O   . ALA A 1 19  ? -4.697  -8.147  -3.743  1.00 43.89 ? 172 ALA A O   1 
ATOM   137  C  CB  . ALA A 1 19  ? -3.672  -8.263  -0.655  1.00 41.44 ? 172 ALA A CB  1 
ATOM   138  N  N   . GLU A 1 20  ? -4.866  -10.221 -2.885  1.00 46.01 ? 173 GLU A N   1 
ATOM   139  C  CA  . GLU A 1 20  ? -4.721  -10.899 -4.170  1.00 45.76 ? 173 GLU A CA  1 
ATOM   140  C  C   . GLU A 1 20  ? -5.840  -10.463 -5.103  1.00 48.74 ? 173 GLU A C   1 
ATOM   141  O  O   . GLU A 1 20  ? -5.613  -10.169 -6.274  1.00 46.55 ? 173 GLU A O   1 
ATOM   142  C  CB  . GLU A 1 20  ? -4.778  -12.417 -3.977  1.00 47.48 ? 173 GLU A CB  1 
ATOM   143  C  CG  . GLU A 1 20  ? -3.575  -12.994 -3.236  1.00 54.90 ? 173 GLU A CG  1 
ATOM   144  C  CD  . GLU A 1 20  ? -3.633  -14.508 -3.109  1.00 61.19 ? 173 GLU A CD  1 
ATOM   145  O  OE1 . GLU A 1 20  ? -4.463  -15.013 -2.323  1.00 69.06 ? 173 GLU A OE1 1 
ATOM   146  O  OE2 . GLU A 1 20  ? -2.849  -15.193 -3.802  1.00 60.86 ? 173 GLU A OE2 1 
ATOM   147  N  N   . ARG A 1 21  ? -7.053  -10.414 -4.565  1.00 51.39 ? 174 ARG A N   1 
ATOM   148  C  CA  . ARG A 1 21  ? -8.216  -10.012 -5.349  1.00 54.33 ? 174 ARG A CA  1 
ATOM   149  C  C   . ARG A 1 21  ? -8.176  -8.540  -5.724  1.00 49.92 ? 174 ARG A C   1 
ATOM   150  O  O   . ARG A 1 21  ? -8.520  -8.164  -6.842  1.00 52.94 ? 174 ARG A O   1 
ATOM   151  C  CB  . ARG A 1 21  ? -9.492  -10.324 -4.573  1.00 57.74 ? 174 ARG A CB  1 
ATOM   152  C  CG  . ARG A 1 21  ? -9.717  -11.820 -4.423  1.00 69.46 ? 174 ARG A CG  1 
ATOM   153  C  CD  . ARG A 1 21  ? -10.788 -12.160 -3.405  1.00 72.95 ? 174 ARG A CD  1 
ATOM   154  N  NE  . ARG A 1 21  ? -10.929 -13.608 -3.266  1.00 81.79 ? 174 ARG A NE  1 
ATOM   155  C  CZ  . ARG A 1 21  ? -11.480 -14.212 -2.216  1.00 87.20 ? 174 ARG A CZ  1 
ATOM   156  N  NH1 . ARG A 1 21  ? -11.946 -13.491 -1.200  1.00 84.04 ? 174 ARG A NH1 1 
ATOM   157  N  NH2 . ARG A 1 21  ? -11.558 -15.539 -2.176  1.00 86.19 ? 174 ARG A NH2 1 
ATOM   158  N  N   . LEU A 1 22  ? -7.732  -7.706  -4.798  1.00 46.18 ? 175 LEU A N   1 
ATOM   159  C  CA  . LEU A 1 22  ? -7.682  -6.284  -5.056  1.00 46.48 ? 175 LEU A CA  1 
ATOM   160  C  C   . LEU A 1 22  ? -6.592  -5.881  -6.051  1.00 50.85 ? 175 LEU A C   1 
ATOM   161  O  O   . LEU A 1 22  ? -6.839  -5.115  -6.987  1.00 47.07 ? 175 LEU A O   1 
ATOM   162  C  CB  . LEU A 1 22  ? -7.481  -5.530  -3.740  1.00 45.50 ? 175 LEU A CB  1 
ATOM   163  C  CG  . LEU A 1 22  ? -7.710  -4.021  -3.766  1.00 49.05 ? 175 LEU A CG  1 
ATOM   164  C  CD1 . LEU A 1 22  ? -9.165  -3.748  -4.149  1.00 55.08 ? 175 LEU A CD1 1 
ATOM   165  C  CD2 . LEU A 1 22  ? -7.396  -3.422  -2.394  1.00 45.76 ? 175 LEU A CD2 1 
ATOM   166  N  N   . PHE A 1 23  ? -5.386  -6.397  -5.859  1.00 46.80 ? 176 PHE A N   1 
ATOM   167  C  CA  . PHE A 1 23  ? -4.294  -6.024  -6.739  1.00 49.25 ? 176 PHE A CA  1 
ATOM   168  C  C   . PHE A 1 23  ? -4.056  -6.952  -7.930  1.00 48.52 ? 176 PHE A C   1 
ATOM   169  O  O   . PHE A 1 23  ? -3.387  -6.569  -8.890  1.00 49.93 ? 176 PHE A O   1 
ATOM   170  C  CB  . PHE A 1 23  ? -3.008  -5.869  -5.928  1.00 50.49 ? 176 PHE A CB  1 
ATOM   171  C  CG  . PHE A 1 23  ? -3.042  -4.728  -4.937  1.00 45.25 ? 176 PHE A CG  1 
ATOM   172  C  CD1 . PHE A 1 23  ? -3.378  -4.953  -3.610  1.00 42.84 ? 176 PHE A CD1 1 
ATOM   173  C  CD2 . PHE A 1 23  ? -2.712  -3.433  -5.333  1.00 45.11 ? 176 PHE A CD2 1 
ATOM   174  C  CE1 . PHE A 1 23  ? -3.379  -3.910  -2.689  1.00 39.54 ? 176 PHE A CE1 1 
ATOM   175  C  CE2 . PHE A 1 23  ? -2.712  -2.378  -4.416  1.00 41.91 ? 176 PHE A CE2 1 
ATOM   176  C  CZ  . PHE A 1 23  ? -3.045  -2.621  -3.094  1.00 41.64 ? 176 PHE A CZ  1 
ATOM   177  N  N   . GLY A 1 24  ? -4.598  -8.160  -7.881  1.00 49.29 ? 177 GLY A N   1 
ATOM   178  C  CA  . GLY A 1 24  ? -4.413  -9.073  -8.996  1.00 55.24 ? 177 GLY A CA  1 
ATOM   179  C  C   . GLY A 1 24  ? -3.197  -9.987  -8.925  1.00 57.37 ? 177 GLY A C   1 
ATOM   180  O  O   . GLY A 1 24  ? -3.124  -10.973 -9.661  1.00 64.66 ? 177 GLY A O   1 
ATOM   181  N  N   . TRP A 1 25  ? -2.235  -9.672  -8.064  1.00 51.55 ? 178 TRP A N   1 
ATOM   182  C  CA  . TRP A 1 25  ? -1.055  -10.526 -7.932  1.00 47.40 ? 178 TRP A CA  1 
ATOM   183  C  C   . TRP A 1 25  ? -1.353  -11.637 -6.944  1.00 51.92 ? 178 TRP A C   1 
ATOM   184  O  O   . TRP A 1 25  ? -2.034  -11.417 -5.941  1.00 53.87 ? 178 TRP A O   1 
ATOM   185  C  CB  . TRP A 1 25  ? 0.139   -9.744  -7.400  1.00 43.68 ? 178 TRP A CB  1 
ATOM   186  C  CG  . TRP A 1 25  ? 0.529   -8.589  -8.230  1.00 52.82 ? 178 TRP A CG  1 
ATOM   187  C  CD1 . TRP A 1 25  ? 0.127   -7.302  -8.080  1.00 51.09 ? 178 TRP A CD1 1 
ATOM   188  C  CD2 . TRP A 1 25  ? 1.442   -8.603  -9.330  1.00 60.72 ? 178 TRP A CD2 1 
ATOM   189  N  NE1 . TRP A 1 25  ? 0.737   -6.502  -9.014  1.00 61.32 ? 178 TRP A NE1 1 
ATOM   190  C  CE2 . TRP A 1 25  ? 1.550   -7.277  -9.797  1.00 62.03 ? 178 TRP A CE2 1 
ATOM   191  C  CE3 . TRP A 1 25  ? 2.180   -9.611  -9.967  1.00 63.58 ? 178 TRP A CE3 1 
ATOM   192  C  CZ2 . TRP A 1 25  ? 2.369   -6.928  -10.869 1.00 63.74 ? 178 TRP A CZ2 1 
ATOM   193  C  CZ3 . TRP A 1 25  ? 2.996   -9.263  -11.037 1.00 63.48 ? 178 TRP A CZ3 1 
ATOM   194  C  CH2 . TRP A 1 25  ? 3.083   -7.931  -11.476 1.00 65.02 ? 178 TRP A CH2 1 
ATOM   195  N  N   . SER A 1 26  ? -0.846  -12.833 -7.213  1.00 46.18 ? 179 SER A N   1 
ATOM   196  C  CA  . SER A 1 26  ? -1.069  -13.932 -6.289  1.00 41.85 ? 179 SER A CA  1 
ATOM   197  C  C   . SER A 1 26  ? -0.020  -13.812 -5.200  1.00 39.17 ? 179 SER A C   1 
ATOM   198  O  O   . SER A 1 26  ? 0.998   -13.150 -5.363  1.00 46.85 ? 179 SER A O   1 
ATOM   199  C  CB  . SER A 1 26  ? -0.905  -15.281 -6.976  1.00 47.25 ? 179 SER A CB  1 
ATOM   200  O  OG  . SER A 1 26  ? 0.461   -15.648 -6.985  1.00 46.86 ? 179 SER A OG  1 
ATOM   201  N  N   . GLU A 1 27  ? -0.282  -14.481 -4.092  1.00 43.28 ? 180 GLU A N   1 
ATOM   202  C  CA  . GLU A 1 27  ? 0.583   -14.494 -2.934  1.00 41.67 ? 180 GLU A CA  1 
ATOM   203  C  C   . GLU A 1 27  ? 2.038   -14.822 -3.256  1.00 44.46 ? 180 GLU A C   1 
ATOM   204  O  O   . GLU A 1 27  ? 2.948   -14.144 -2.796  1.00 41.81 ? 180 GLU A O   1 
ATOM   205  C  CB  . GLU A 1 27  ? 0.011   -15.505 -1.951  1.00 47.16 ? 180 GLU A CB  1 
ATOM   206  C  CG  . GLU A 1 27  ? 0.797   -15.725 -0.706  1.00 56.57 ? 180 GLU A CG  1 
ATOM   207  C  CD  . GLU A 1 27  ? 0.066   -16.656 0.236   1.00 55.08 ? 180 GLU A CD  1 
ATOM   208  O  OE1 . GLU A 1 27  ? -0.428  -17.704 -0.233  1.00 57.39 ? 180 GLU A OE1 1 
ATOM   209  O  OE2 . GLU A 1 27  ? -0.010  -16.338 1.436   1.00 56.60 ? 180 GLU A OE2 1 
ATOM   210  N  N   . LEU A 1 28  ? 2.251   -15.875 -4.039  1.00 44.42 ? 181 LEU A N   1 
ATOM   211  C  CA  . LEU A 1 28  ? 3.605   -16.296 -4.412  1.00 49.41 ? 181 LEU A CA  1 
ATOM   212  C  C   . LEU A 1 28  ? 4.316   -15.261 -5.284  1.00 46.01 ? 181 LEU A C   1 
ATOM   213  O  O   . LEU A 1 28  ? 5.524   -15.036 -5.151  1.00 49.04 ? 181 LEU A O   1 
ATOM   214  C  CB  . LEU A 1 28  ? 3.547   -17.642 -5.146  1.00 51.70 ? 181 LEU A CB  1 
ATOM   215  C  CG  . LEU A 1 28  ? 3.726   -18.911 -4.309  1.00 56.29 ? 181 LEU A CG  1 
ATOM   216  C  CD1 . LEU A 1 28  ? 2.988   -18.790 -2.996  1.00 63.22 ? 181 LEU A CD1 1 
ATOM   217  C  CD2 . LEU A 1 28  ? 3.227   -20.107 -5.111  1.00 58.21 ? 181 LEU A CD2 1 
ATOM   218  N  N   . GLU A 1 29  ? 3.559   -14.638 -6.183  1.00 43.91 ? 182 GLU A N   1 
ATOM   219  C  CA  . GLU A 1 29  ? 4.107   -13.622 -7.066  1.00 44.73 ? 182 GLU A CA  1 
ATOM   220  C  C   . GLU A 1 29  ? 4.512   -12.390 -6.263  1.00 47.65 ? 182 GLU A C   1 
ATOM   221  O  O   . GLU A 1 29  ? 5.646   -11.919 -6.352  1.00 48.12 ? 182 GLU A O   1 
ATOM   222  C  CB  . GLU A 1 29  ? 3.068   -13.219 -8.117  1.00 44.12 ? 182 GLU A CB  1 
ATOM   223  C  CG  . GLU A 1 29  ? 2.592   -14.355 -9.004  1.00 51.36 ? 182 GLU A CG  1 
ATOM   224  C  CD  . GLU A 1 29  ? 1.571   -13.902 -10.037 1.00 57.44 ? 182 GLU A CD  1 
ATOM   225  O  OE1 . GLU A 1 29  ? 0.512   -13.366 -9.645  1.00 57.04 ? 182 GLU A OE1 1 
ATOM   226  O  OE2 . GLU A 1 29  ? 1.824   -14.085 -11.246 1.00 59.25 ? 182 GLU A OE2 1 
ATOM   227  N  N   . ALA A 1 30  ? 3.573   -11.875 -5.472  1.00 44.39 ? 183 ALA A N   1 
ATOM   228  C  CA  . ALA A 1 30  ? 3.821   -10.681 -4.674  1.00 44.25 ? 183 ALA A CA  1 
ATOM   229  C  C   . ALA A 1 30  ? 4.960   -10.803 -3.663  1.00 41.22 ? 183 ALA A C   1 
ATOM   230  O  O   . ALA A 1 30  ? 5.794   -9.907  -3.563  1.00 41.08 ? 183 ALA A O   1 
ATOM   231  C  CB  . ALA A 1 30  ? 2.519   -10.243 -3.955  1.00 41.50 ? 183 ALA A CB  1 
ATOM   232  N  N   . ILE A 1 31  ? 4.989   -11.895 -2.901  1.00 43.94 ? 184 ILE A N   1 
ATOM   233  C  CA  . ILE A 1 31  ? 6.032   -12.070 -1.900  1.00 45.67 ? 184 ILE A CA  1 
ATOM   234  C  C   . ILE A 1 31  ? 7.418   -12.030 -2.535  1.00 50.46 ? 184 ILE A C   1 
ATOM   235  O  O   . ILE A 1 31  ? 7.649   -12.624 -3.591  1.00 46.99 ? 184 ILE A O   1 
ATOM   236  C  CB  . ILE A 1 31  ? 5.886   -13.403 -1.135  1.00 54.27 ? 184 ILE A CB  1 
ATOM   237  C  CG1 . ILE A 1 31  ? 4.614   -13.381 -0.285  1.00 55.41 ? 184 ILE A CG1 1 
ATOM   238  C  CG2 . ILE A 1 31  ? 7.108   -13.618 -0.230  1.00 49.63 ? 184 ILE A CG2 1 
ATOM   239  C  CD1 . ILE A 1 31  ? 4.419   -14.637 0.526   1.00 58.76 ? 184 ILE A CD1 1 
ATOM   240  N  N   . GLY A 1 32  ? 8.336   -11.327 -1.879  1.00 42.96 ? 185 GLY A N   1 
ATOM   241  C  CA  . GLY A 1 32  ? 9.679   -11.212 -2.407  1.00 51.43 ? 185 GLY A CA  1 
ATOM   242  C  C   . GLY A 1 32  ? 9.829   -10.047 -3.368  1.00 50.62 ? 185 GLY A C   1 
ATOM   243  O  O   . GLY A 1 32  ? 10.887  -9.869  -3.968  1.00 53.63 ? 185 GLY A O   1 
ATOM   244  N  N   . GLN A 1 33  ? 8.765   -9.267  -3.543  1.00 47.39 ? 186 GLN A N   1 
ATOM   245  C  CA  . GLN A 1 33  ? 8.811   -8.095  -4.420  1.00 43.71 ? 186 GLN A CA  1 
ATOM   246  C  C   . GLN A 1 33  ? 8.749   -6.836  -3.567  1.00 44.89 ? 186 GLN A C   1 
ATOM   247  O  O   . GLN A 1 33  ? 8.322   -6.889  -2.413  1.00 43.96 ? 186 GLN A O   1 
ATOM   248  C  CB  . GLN A 1 33  ? 7.642   -8.100  -5.403  1.00 46.69 ? 186 GLN A CB  1 
ATOM   249  C  CG  . GLN A 1 33  ? 7.750   -9.141  -6.482  1.00 54.33 ? 186 GLN A CG  1 
ATOM   250  C  CD  . GLN A 1 33  ? 9.056   -9.016  -7.251  1.00 70.22 ? 186 GLN A CD  1 
ATOM   251  O  OE1 . GLN A 1 33  ? 9.336   -7.980  -7.869  1.00 75.04 ? 186 GLN A OE1 1 
ATOM   252  N  NE2 . GLN A 1 33  ? 9.870   -10.070 -7.211  1.00 70.45 ? 186 GLN A NE2 1 
ATOM   253  N  N   . ASN A 1 34  ? 9.182   -5.709  -4.126  1.00 39.30 ? 187 ASN A N   1 
ATOM   254  C  CA  . ASN A 1 34  ? 9.144   -4.450  -3.395  1.00 43.58 ? 187 ASN A CA  1 
ATOM   255  C  C   . ASN A 1 34  ? 7.673   -4.036  -3.399  1.00 37.82 ? 187 ASN A C   1 
ATOM   256  O  O   . ASN A 1 34  ? 6.950   -4.333  -4.348  1.00 37.43 ? 187 ASN A O   1 
ATOM   257  C  CB  . ASN A 1 34  ? 9.985   -3.377  -4.102  1.00 38.74 ? 187 ASN A CB  1 
ATOM   258  C  CG  . ASN A 1 34  ? 10.262  -2.167  -3.213  1.00 49.94 ? 187 ASN A CG  1 
ATOM   259  O  OD1 . ASN A 1 34  ? 11.371  -2.005  -2.693  1.00 51.37 ? 187 ASN A OD1 1 
ATOM   260  N  ND2 . ASN A 1 34  ? 9.254   -1.316  -3.030  1.00 39.26 ? 187 ASN A ND2 1 
ATOM   261  N  N   . VAL A 1 35  ? 7.234   -3.381  -2.331  1.00 40.75 ? 188 VAL A N   1 
ATOM   262  C  CA  . VAL A 1 35  ? 5.846   -2.942  -2.249  1.00 40.32 ? 188 VAL A CA  1 
ATOM   263  C  C   . VAL A 1 35  ? 5.567   -1.896  -3.343  1.00 42.89 ? 188 VAL A C   1 
ATOM   264  O  O   . VAL A 1 35  ? 4.417   -1.704  -3.760  1.00 36.30 ? 188 VAL A O   1 
ATOM   265  C  CB  . VAL A 1 35  ? 5.531   -2.358  -0.831  1.00 41.10 ? 188 VAL A CB  1 
ATOM   266  C  CG1 . VAL A 1 35  ? 6.293   -1.056  -0.604  1.00 37.14 ? 188 VAL A CG1 1 
ATOM   267  C  CG2 . VAL A 1 35  ? 4.020   -2.143  -0.670  1.00 40.35 ? 188 VAL A CG2 1 
ATOM   268  N  N   . ASN A 1 36  ? 6.622   -1.246  -3.836  1.00 44.74 ? 189 ASN A N   1 
ATOM   269  C  CA  . ASN A 1 36  ? 6.429   -0.233  -4.861  1.00 41.36 ? 189 ASN A CA  1 
ATOM   270  C  C   . ASN A 1 36  ? 5.815   -0.765  -6.136  1.00 41.39 ? 189 ASN A C   1 
ATOM   271  O  O   . ASN A 1 36  ? 5.503   0.012   -7.027  1.00 45.66 ? 189 ASN A O   1 
ATOM   272  C  CB  . ASN A 1 36  ? 7.731   0.519   -5.187  1.00 47.02 ? 189 ASN A CB  1 
ATOM   273  C  CG  . ASN A 1 36  ? 8.790   -0.365  -5.836  1.00 48.46 ? 189 ASN A CG  1 
ATOM   274  O  OD1 . ASN A 1 36  ? 8.483   -1.315  -6.552  1.00 40.08 ? 189 ASN A OD1 1 
ATOM   275  N  ND2 . ASN A 1 36  ? 10.056  -0.027  -5.596  1.00 54.42 ? 189 ASN A ND2 1 
ATOM   276  N  N   . ILE A 1 37  ? 5.616   -2.077  -6.236  1.00 42.08 ? 190 ILE A N   1 
ATOM   277  C  CA  . ILE A 1 37  ? 4.993   -2.617  -7.439  1.00 39.38 ? 190 ILE A CA  1 
ATOM   278  C  C   . ILE A 1 37  ? 3.480   -2.419  -7.404  1.00 44.71 ? 190 ILE A C   1 
ATOM   279  O  O   . ILE A 1 37  ? 2.787   -2.720  -8.377  1.00 43.82 ? 190 ILE A O   1 
ATOM   280  C  CB  . ILE A 1 37  ? 5.212   -4.127  -7.602  1.00 42.35 ? 190 ILE A CB  1 
ATOM   281  C  CG1 . ILE A 1 37  ? 4.585   -4.867  -6.427  1.00 42.11 ? 190 ILE A CG1 1 
ATOM   282  C  CG2 . ILE A 1 37  ? 6.700   -4.442  -7.734  1.00 44.44 ? 190 ILE A CG2 1 
ATOM   283  C  CD1 . ILE A 1 37  ? 4.377   -6.328  -6.702  1.00 47.45 ? 190 ILE A CD1 1 
ATOM   284  N  N   . LEU A 1 38  ? 2.964   -1.950  -6.270  1.00 43.11 ? 191 LEU A N   1 
ATOM   285  C  CA  . LEU A 1 38  ? 1.522   -1.753  -6.122  1.00 43.97 ? 191 LEU A CA  1 
ATOM   286  C  C   . LEU A 1 38  ? 1.105   -0.300  -6.316  1.00 47.33 ? 191 LEU A C   1 
ATOM   287  O  O   . LEU A 1 38  ? -0.051  0.050   -6.076  1.00 48.60 ? 191 LEU A O   1 
ATOM   288  C  CB  . LEU A 1 38  ? 1.071   -2.220  -4.732  1.00 38.61 ? 191 LEU A CB  1 
ATOM   289  C  CG  . LEU A 1 38  ? 1.419   -3.653  -4.330  1.00 44.81 ? 191 LEU A CG  1 
ATOM   290  C  CD1 . LEU A 1 38  ? 1.044   -3.896  -2.867  1.00 42.53 ? 191 LEU A CD1 1 
ATOM   291  C  CD2 . LEU A 1 38  ? 0.707   -4.625  -5.254  1.00 39.68 ? 191 LEU A CD2 1 
ATOM   292  N  N   . MET A 1 39  ? 2.039   0.541   -6.748  1.00 49.70 ? 192 MET A N   1 
ATOM   293  C  CA  . MET A 1 39  ? 1.758   1.962   -6.936  1.00 49.77 ? 192 MET A CA  1 
ATOM   294  C  C   . MET A 1 39  ? 2.339   2.505   -8.243  1.00 54.05 ? 192 MET A C   1 
ATOM   295  O  O   . MET A 1 39  ? 3.240   1.905   -8.831  1.00 48.25 ? 192 MET A O   1 
ATOM   296  C  CB  . MET A 1 39  ? 2.318   2.759   -5.747  1.00 52.17 ? 192 MET A CB  1 
ATOM   297  C  CG  . MET A 1 39  ? 3.814   2.594   -5.537  1.00 44.79 ? 192 MET A CG  1 
ATOM   298  S  SD  . MET A 1 39  ? 4.425   3.149   -3.932  1.00 47.76 ? 192 MET A SD  1 
ATOM   299  C  CE  . MET A 1 39  ? 3.926   1.710   -2.854  1.00 40.79 ? 192 MET A CE  1 
ATOM   300  N  N   . PRO A 1 40  ? 1.818   3.647   -8.720  1.00 54.72 ? 193 PRO A N   1 
ATOM   301  C  CA  . PRO A 1 40  ? 2.301   4.255   -9.960  1.00 48.90 ? 193 PRO A CA  1 
ATOM   302  C  C   . PRO A 1 40  ? 3.371   5.315   -9.699  1.00 53.26 ? 193 PRO A C   1 
ATOM   303  O  O   . PRO A 1 40  ? 3.633   5.686   -8.547  1.00 48.19 ? 193 PRO A O   1 
ATOM   304  C  CB  . PRO A 1 40  ? 1.032   4.863   -10.540 1.00 57.89 ? 193 PRO A CB  1 
ATOM   305  C  CG  . PRO A 1 40  ? 0.368   5.402   -9.314  1.00 53.01 ? 193 PRO A CG  1 
ATOM   306  C  CD  . PRO A 1 40  ? 0.547   4.274   -8.295  1.00 57.87 ? 193 PRO A CD  1 
ATOM   307  N  N   . GLU A 1 41  ? 4.001   5.797   -10.767 1.00 49.79 ? 194 GLU A N   1 
ATOM   308  C  CA  . GLU A 1 41  ? 5.012   6.837   -10.617 1.00 51.13 ? 194 GLU A CA  1 
ATOM   309  C  C   . GLU A 1 41  ? 4.232   8.127   -10.364 1.00 47.87 ? 194 GLU A C   1 
ATOM   310  O  O   . GLU A 1 41  ? 3.077   8.239   -10.762 1.00 46.13 ? 194 GLU A O   1 
ATOM   311  C  CB  . GLU A 1 41  ? 5.839   6.950   -11.897 1.00 53.07 ? 194 GLU A CB  1 
ATOM   312  C  CG  . GLU A 1 41  ? 6.665   5.712   -12.204 1.00 52.19 ? 194 GLU A CG  1 
ATOM   313  C  CD  . GLU A 1 41  ? 7.919   5.625   -11.363 1.00 56.01 ? 194 GLU A CD  1 
ATOM   314  O  OE1 . GLU A 1 41  ? 8.108   6.480   -10.470 1.00 56.14 ? 194 GLU A OE1 1 
ATOM   315  O  OE2 . GLU A 1 41  ? 8.723   4.698   -11.598 1.00 60.30 ? 194 GLU A OE2 1 
ATOM   316  N  N   . PRO A 1 42  ? 4.847   9.118   -9.705  1.00 48.99 ? 195 PRO A N   1 
ATOM   317  C  CA  . PRO A 1 42  ? 6.206   9.156   -9.166  1.00 55.73 ? 195 PRO A CA  1 
ATOM   318  C  C   . PRO A 1 42  ? 6.421   8.469   -7.809  1.00 55.86 ? 195 PRO A C   1 
ATOM   319  O  O   . PRO A 1 42  ? 7.569   8.296   -7.385  1.00 51.46 ? 195 PRO A O   1 
ATOM   320  C  CB  . PRO A 1 42  ? 6.493   10.651  -9.096  1.00 56.87 ? 195 PRO A CB  1 
ATOM   321  C  CG  . PRO A 1 42  ? 5.167   11.197  -8.696  1.00 55.82 ? 195 PRO A CG  1 
ATOM   322  C  CD  . PRO A 1 42  ? 4.212   10.443  -9.597  1.00 52.17 ? 195 PRO A CD  1 
ATOM   323  N  N   . ASP A 1 43  ? 5.344   8.085   -7.122  1.00 53.45 ? 196 ASP A N   1 
ATOM   324  C  CA  . ASP A 1 43  ? 5.497   7.429   -5.820  1.00 48.78 ? 196 ASP A CA  1 
ATOM   325  C  C   . ASP A 1 43  ? 6.368   6.175   -5.917  1.00 48.74 ? 196 ASP A C   1 
ATOM   326  O  O   . ASP A 1 43  ? 7.240   5.941   -5.080  1.00 48.47 ? 196 ASP A O   1 
ATOM   327  C  CB  . ASP A 1 43  ? 4.135   7.054   -5.226  1.00 48.96 ? 196 ASP A CB  1 
ATOM   328  C  CG  . ASP A 1 43  ? 3.434   8.234   -4.576  1.00 44.37 ? 196 ASP A CG  1 
ATOM   329  O  OD1 . ASP A 1 43  ? 4.115   9.072   -3.952  1.00 45.52 ? 196 ASP A OD1 1 
ATOM   330  O  OD2 . ASP A 1 43  ? 2.195   8.311   -4.677  1.00 58.51 ? 196 ASP A OD2 1 
ATOM   331  N  N   . ARG A 1 44  ? 6.124   5.383   -6.950  1.00 46.00 ? 197 ARG A N   1 
ATOM   332  C  CA  . ARG A 1 44  ? 6.864   4.154   -7.175  1.00 51.62 ? 197 ARG A CA  1 
ATOM   333  C  C   . ARG A 1 44  ? 8.385   4.285   -7.023  1.00 51.25 ? 197 ARG A C   1 
ATOM   334  O  O   . ARG A 1 44  ? 8.994   3.558   -6.239  1.00 48.30 ? 197 ARG A O   1 
ATOM   335  C  CB  . ARG A 1 44  ? 6.516   3.616   -8.556  1.00 48.05 ? 197 ARG A CB  1 
ATOM   336  C  CG  . ARG A 1 44  ? 7.142   2.283   -8.885  1.00 57.91 ? 197 ARG A CG  1 
ATOM   337  C  CD  . ARG A 1 44  ? 6.406   1.673   -10.054 1.00 58.12 ? 197 ARG A CD  1 
ATOM   338  N  NE  . ARG A 1 44  ? 6.942   0.371   -10.420 1.00 73.19 ? 197 ARG A NE  1 
ATOM   339  C  CZ  . ARG A 1 44  ? 6.358   -0.452  -11.282 1.00 73.58 ? 197 ARG A CZ  1 
ATOM   340  N  NH1 . ARG A 1 44  ? 5.217   -0.101  -11.864 1.00 77.07 ? 197 ARG A NH1 1 
ATOM   341  N  NH2 . ARG A 1 44  ? 6.912   -1.625  -11.559 1.00 76.62 ? 197 ARG A NH2 1 
ATOM   342  N  N   . SER A 1 45  ? 8.989   5.214   -7.764  1.00 48.86 ? 198 SER A N   1 
ATOM   343  C  CA  . SER A 1 45  ? 10.438  5.427   -7.714  1.00 55.49 ? 198 SER A CA  1 
ATOM   344  C  C   . SER A 1 45  ? 10.924  6.089   -6.435  1.00 52.86 ? 198 SER A C   1 
ATOM   345  O  O   . SER A 1 45  ? 12.113  6.061   -6.131  1.00 57.83 ? 198 SER A O   1 
ATOM   346  C  CB  . SER A 1 45  ? 10.891  6.280   -8.902  1.00 58.02 ? 198 SER A CB  1 
ATOM   347  O  OG  . SER A 1 45  ? 10.532  5.658   -10.120 1.00 64.19 ? 198 SER A OG  1 
ATOM   348  N  N   . ARG A 1 46  ? 10.011  6.687   -5.686  1.00 52.72 ? 199 ARG A N   1 
ATOM   349  C  CA  . ARG A 1 46  ? 10.385  7.352   -4.451  1.00 50.87 ? 199 ARG A CA  1 
ATOM   350  C  C   . ARG A 1 46  ? 10.009  6.591   -3.187  1.00 49.23 ? 199 ARG A C   1 
ATOM   351  O  O   . ARG A 1 46  ? 10.438  6.979   -2.103  1.00 54.87 ? 199 ARG A O   1 
ATOM   352  C  CB  . ARG A 1 46  ? 9.751   8.746   -4.392  1.00 57.50 ? 199 ARG A CB  1 
ATOM   353  C  CG  . ARG A 1 46  ? 10.296  9.718   -5.422  1.00 59.63 ? 199 ARG A CG  1 
ATOM   354  C  CD  . ARG A 1 46  ? 9.423   10.956  -5.544  1.00 67.81 ? 199 ARG A CD  1 
ATOM   355  N  NE  . ARG A 1 46  ? 10.087  12.001  -6.324  1.00 72.36 ? 199 ARG A NE  1 
ATOM   356  C  CZ  . ARG A 1 46  ? 9.518   13.143  -6.703  1.00 73.82 ? 199 ARG A CZ  1 
ATOM   357  N  NH1 . ARG A 1 46  ? 8.255   13.406  -6.384  1.00 69.31 ? 199 ARG A NH1 1 
ATOM   358  N  NH2 . ARG A 1 46  ? 10.224  14.034  -7.392  1.00 77.54 ? 199 ARG A NH2 1 
ATOM   359  N  N   . HIS A 1 47  ? 9.240   5.511   -3.303  1.00 44.24 ? 200 HIS A N   1 
ATOM   360  C  CA  . HIS A 1 47  ? 8.814   4.807   -2.092  1.00 47.23 ? 200 HIS A CA  1 
ATOM   361  C  C   . HIS A 1 47  ? 9.969   4.366   -1.187  1.00 48.52 ? 200 HIS A C   1 
ATOM   362  O  O   . HIS A 1 47  ? 9.904   4.553   0.032   1.00 43.01 ? 200 HIS A O   1 
ATOM   363  C  CB  . HIS A 1 47  ? 7.877   3.627   -2.423  1.00 46.51 ? 200 HIS A CB  1 
ATOM   364  C  CG  . HIS A 1 47  ? 6.938   3.273   -1.299  1.00 49.56 ? 200 HIS A CG  1 
ATOM   365  N  ND1 . HIS A 1 47  ? 7.180   2.287   -0.366  1.00 46.13 ? 200 HIS A ND1 1 
ATOM   366  C  CD2 . HIS A 1 47  ? 5.763   3.844   -0.923  1.00 39.30 ? 200 HIS A CD2 1 
ATOM   367  C  CE1 . HIS A 1 47  ? 6.161   2.292   0.532   1.00 47.51 ? 200 HIS A CE1 1 
ATOM   368  N  NE2 . HIS A 1 47  ? 5.263   3.220   0.245   1.00 48.46 ? 200 HIS A NE2 1 
ATOM   369  N  N   . ASP A 1 48  ? 11.038  3.818   -1.762  1.00 52.18 ? 201 ASP A N   1 
ATOM   370  C  CA  . ASP A 1 48  ? 12.172  3.409   -0.936  1.00 51.76 ? 201 ASP A CA  1 
ATOM   371  C  C   . ASP A 1 48  ? 12.686  4.581   -0.090  1.00 51.12 ? 201 ASP A C   1 
ATOM   372  O  O   . ASP A 1 48  ? 12.978  4.408   1.096   1.00 50.07 ? 201 ASP A O   1 
ATOM   373  C  CB  . ASP A 1 48  ? 13.309  2.843   -1.799  1.00 58.31 ? 201 ASP A CB  1 
ATOM   374  C  CG  . ASP A 1 48  ? 12.928  1.536   -2.499  1.00 66.68 ? 201 ASP A CG  1 
ATOM   375  O  OD1 . ASP A 1 48  ? 12.434  0.599   -1.824  1.00 62.94 ? 201 ASP A OD1 1 
ATOM   376  O  OD2 . ASP A 1 48  ? 13.130  1.447   -3.730  1.00 74.50 ? 201 ASP A OD2 1 
ATOM   377  N  N   . SER A 1 49  ? 12.776  5.775   -0.680  1.00 50.65 ? 202 SER A N   1 
ATOM   378  C  CA  . SER A 1 49  ? 13.258  6.934   0.073   1.00 52.40 ? 202 SER A CA  1 
ATOM   379  C  C   . SER A 1 49  ? 12.251  7.331   1.151   1.00 50.07 ? 202 SER A C   1 
ATOM   380  O  O   . SER A 1 49  ? 12.619  7.882   2.185   1.00 48.53 ? 202 SER A O   1 
ATOM   381  C  CB  . SER A 1 49  ? 13.544  8.125   -0.861  1.00 57.20 ? 202 SER A CB  1 
ATOM   382  O  OG  . SER A 1 49  ? 12.364  8.659   -1.439  1.00 63.99 ? 202 SER A OG  1 
ATOM   383  N  N   . TYR A 1 50  ? 10.974  7.046   0.901   1.00 54.56 ? 203 TYR A N   1 
ATOM   384  C  CA  . TYR A 1 50  ? 9.924   7.339   1.870   1.00 50.90 ? 203 TYR A CA  1 
ATOM   385  C  C   . TYR A 1 50  ? 10.197  6.516   3.127   1.00 48.58 ? 203 TYR A C   1 
ATOM   386  O  O   . TYR A 1 50  ? 10.109  7.021   4.244   1.00 51.88 ? 203 TYR A O   1 
ATOM   387  C  CB  . TYR A 1 50  ? 8.553   6.937   1.322   1.00 49.83 ? 203 TYR A CB  1 
ATOM   388  C  CG  . TYR A 1 50  ? 8.028   7.779   0.182   1.00 54.71 ? 203 TYR A CG  1 
ATOM   389  C  CD1 . TYR A 1 50  ? 6.997   7.303   -0.627  1.00 57.98 ? 203 TYR A CD1 1 
ATOM   390  C  CD2 . TYR A 1 50  ? 8.528   9.058   -0.072  1.00 53.79 ? 203 TYR A CD2 1 
ATOM   391  C  CE1 . TYR A 1 50  ? 6.472   8.073   -1.657  1.00 62.92 ? 203 TYR A CE1 1 
ATOM   392  C  CE2 . TYR A 1 50  ? 8.006   9.841   -1.107  1.00 57.23 ? 203 TYR A CE2 1 
ATOM   393  C  CZ  . TYR A 1 50  ? 6.977   9.339   -1.891  1.00 60.43 ? 203 TYR A CZ  1 
ATOM   394  O  OH  . TYR A 1 50  ? 6.428   10.095  -2.897  1.00 57.57 ? 203 TYR A OH  1 
ATOM   395  N  N   . ILE A 1 51  ? 10.511  5.240   2.935   1.00 50.77 ? 204 ILE A N   1 
ATOM   396  C  CA  . ILE A 1 51  ? 10.787  4.352   4.059   1.00 52.49 ? 204 ILE A CA  1 
ATOM   397  C  C   . ILE A 1 51  ? 12.110  4.722   4.709   1.00 56.26 ? 204 ILE A C   1 
ATOM   398  O  O   . ILE A 1 51  ? 12.186  4.877   5.930   1.00 55.94 ? 204 ILE A O   1 
ATOM   399  C  CB  . ILE A 1 51  ? 10.831  2.883   3.614   1.00 52.39 ? 204 ILE A CB  1 
ATOM   400  C  CG1 . ILE A 1 51  ? 9.481   2.495   3.006   1.00 52.33 ? 204 ILE A CG1 1 
ATOM   401  C  CG2 . ILE A 1 51  ? 11.151  1.989   4.812   1.00 49.94 ? 204 ILE A CG2 1 
ATOM   402  C  CD1 . ILE A 1 51  ? 9.446   1.119   2.400   1.00 53.99 ? 204 ILE A CD1 1 
ATOM   403  N  N   . SER A 1 52  ? 13.146  4.870   3.888   1.00 59.48 ? 205 SER A N   1 
ATOM   404  C  CA  . SER A 1 52  ? 14.475  5.241   4.383   1.00 61.16 ? 205 SER A CA  1 
ATOM   405  C  C   . SER A 1 52  ? 14.346  6.510   5.210   1.00 60.85 ? 205 SER A C   1 
ATOM   406  O  O   . SER A 1 52  ? 14.854  6.592   6.328   1.00 58.84 ? 205 SER A O   1 
ATOM   407  C  CB  . SER A 1 52  ? 15.429  5.511   3.217   1.00 66.39 ? 205 SER A CB  1 
ATOM   408  O  OG  . SER A 1 52  ? 15.550  4.383   2.364   1.00 79.08 ? 205 SER A OG  1 
ATOM   409  N  N   . ARG A 1 53  ? 13.659  7.500   4.647   1.00 61.80 ? 206 ARG A N   1 
ATOM   410  C  CA  . ARG A 1 53  ? 13.465  8.770   5.324   1.00 64.72 ? 206 ARG A CA  1 
ATOM   411  C  C   . ARG A 1 53  ? 12.865  8.570   6.708   1.00 66.95 ? 206 ARG A C   1 
ATOM   412  O  O   . ARG A 1 53  ? 13.315  9.172   7.682   1.00 69.34 ? 206 ARG A O   1 
ATOM   413  C  CB  . ARG A 1 53  ? 12.550  9.682   4.509   1.00 68.70 ? 206 ARG A CB  1 
ATOM   414  C  CG  . ARG A 1 53  ? 12.217  10.967  5.238   1.00 74.17 ? 206 ARG A CG  1 
ATOM   415  C  CD  . ARG A 1 53  ? 10.971  11.640  4.690   1.00 80.56 ? 206 ARG A CD  1 
ATOM   416  N  NE  . ARG A 1 53  ? 10.334  12.443  5.730   1.00 87.17 ? 206 ARG A NE  1 
ATOM   417  C  CZ  . ARG A 1 53  ? 9.787   11.935  6.834   1.00 89.80 ? 206 ARG A CZ  1 
ATOM   418  N  NH1 . ARG A 1 53  ? 9.791   10.623  7.040   1.00 86.41 ? 206 ARG A NH1 1 
ATOM   419  N  NH2 . ARG A 1 53  ? 9.250   12.741  7.744   1.00 90.48 ? 206 ARG A NH2 1 
ATOM   420  N  N   . TYR A 1 54  ? 11.843  7.724   6.793   1.00 68.28 ? 207 TYR A N   1 
ATOM   421  C  CA  . TYR A 1 54  ? 11.184  7.466   8.068   1.00 65.50 ? 207 TYR A CA  1 
ATOM   422  C  C   . TYR A 1 54  ? 12.070  6.699   9.048   1.00 64.47 ? 207 TYR A C   1 
ATOM   423  O  O   . TYR A 1 54  ? 12.030  6.940   10.255  1.00 61.06 ? 207 TYR A O   1 
ATOM   424  C  CB  . TYR A 1 54  ? 9.886   6.681   7.858   1.00 60.84 ? 207 TYR A CB  1 
ATOM   425  C  CG  . TYR A 1 54  ? 9.211   6.344   9.161   1.00 54.25 ? 207 TYR A CG  1 
ATOM   426  C  CD1 . TYR A 1 54  ? 8.670   7.347   9.963   1.00 54.18 ? 207 TYR A CD1 1 
ATOM   427  C  CD2 . TYR A 1 54  ? 9.178   5.032   9.631   1.00 52.54 ? 207 TYR A CD2 1 
ATOM   428  C  CE1 . TYR A 1 54  ? 8.118   7.053   11.202  1.00 55.36 ? 207 TYR A CE1 1 
ATOM   429  C  CE2 . TYR A 1 54  ? 8.630   4.725   10.871  1.00 49.85 ? 207 TYR A CE2 1 
ATOM   430  C  CZ  . TYR A 1 54  ? 8.103   5.741   11.650  1.00 55.85 ? 207 TYR A CZ  1 
ATOM   431  O  OH  . TYR A 1 54  ? 7.561   5.453   12.878  1.00 64.00 ? 207 TYR A OH  1 
ATOM   432  N  N   . ARG A 1 55  ? 12.860  5.769   8.525   1.00 65.29 ? 208 ARG A N   1 
ATOM   433  C  CA  . ARG A 1 55  ? 13.734  4.966   9.369   1.00 72.92 ? 208 ARG A CA  1 
ATOM   434  C  C   . ARG A 1 55  ? 14.841  5.769   10.057  1.00 73.94 ? 208 ARG A C   1 
ATOM   435  O  O   . ARG A 1 55  ? 15.404  5.323   11.055  1.00 75.51 ? 208 ARG A O   1 
ATOM   436  C  CB  . ARG A 1 55  ? 14.339  3.823   8.553   1.00 69.71 ? 208 ARG A CB  1 
ATOM   437  C  CG  . ARG A 1 55  ? 13.297  2.892   7.958   1.00 77.67 ? 208 ARG A CG  1 
ATOM   438  C  CD  . ARG A 1 55  ? 13.906  1.553   7.599   1.00 81.84 ? 208 ARG A CD  1 
ATOM   439  N  NE  . ARG A 1 55  ? 14.432  0.884   8.784   1.00 84.55 ? 208 ARG A NE  1 
ATOM   440  C  CZ  . ARG A 1 55  ? 15.145  -0.238  8.756   1.00 85.65 ? 208 ARG A CZ  1 
ATOM   441  N  NH1 . ARG A 1 55  ? 15.420  -0.819  7.597   1.00 85.62 ? 208 ARG A NH1 1 
ATOM   442  N  NH2 . ARG A 1 55  ? 15.588  -0.772  9.887   1.00 80.90 ? 208 ARG A NH2 1 
ATOM   443  N  N   . THR A 1 56  ? 15.147  6.951   9.530   1.00 75.26 ? 209 THR A N   1 
ATOM   444  C  CA  . THR A 1 56  ? 16.183  7.796   10.119  1.00 77.12 ? 209 THR A CA  1 
ATOM   445  C  C   . THR A 1 56  ? 15.579  8.966   10.900  1.00 78.51 ? 209 THR A C   1 
ATOM   446  O  O   . THR A 1 56  ? 15.899  9.173   12.072  1.00 78.26 ? 209 THR A O   1 
ATOM   447  C  CB  . THR A 1 56  ? 17.143  8.356   9.035   1.00 78.21 ? 209 THR A CB  1 
ATOM   448  O  OG1 . THR A 1 56  ? 16.467  9.344   8.247   1.00 80.24 ? 209 THR A OG1 1 
ATOM   449  C  CG2 . THR A 1 56  ? 17.623  7.235   8.124   1.00 74.72 ? 209 THR A CG2 1 
ATOM   450  N  N   . THR A 1 57  ? 14.701  9.723   10.249  1.00 80.65 ? 210 THR A N   1 
ATOM   451  C  CA  . THR A 1 57  ? 14.060  10.872  10.879  1.00 81.32 ? 210 THR A CA  1 
ATOM   452  C  C   . THR A 1 57  ? 13.029  10.455  11.925  1.00 82.22 ? 210 THR A C   1 
ATOM   453  O  O   . THR A 1 57  ? 12.852  11.133  12.939  1.00 82.34 ? 210 THR A O   1 
ATOM   454  C  CB  . THR A 1 57  ? 13.360  11.761  9.832   1.00 81.47 ? 210 THR A CB  1 
ATOM   455  O  OG1 . THR A 1 57  ? 12.335  11.007  9.173   1.00 81.23 ? 210 THR A OG1 1 
ATOM   456  C  CG2 . THR A 1 57  ? 14.365  12.262  8.799   1.00 80.07 ? 210 THR A CG2 1 
ATOM   457  N  N   . SER A 1 58  ? 12.351  9.338   11.670  1.00 82.05 ? 211 SER A N   1 
ATOM   458  C  CA  . SER A 1 58  ? 11.330  8.824   12.579  1.00 80.44 ? 211 SER A CA  1 
ATOM   459  C  C   . SER A 1 58  ? 10.115  9.744   12.642  1.00 77.92 ? 211 SER A C   1 
ATOM   460  O  O   . SER A 1 58  ? 9.385   9.754   13.634  1.00 76.39 ? 211 SER A O   1 
ATOM   461  C  CB  . SER A 1 58  ? 11.912  8.635   13.980  1.00 80.78 ? 211 SER A CB  1 
ATOM   462  O  OG  . SER A 1 58  ? 13.046  7.787   13.937  1.00 86.60 ? 211 SER A OG  1 
ATOM   463  N  N   . ASP A 1 59  ? 9.915   10.524  11.582  1.00 77.35 ? 212 ASP A N   1 
ATOM   464  C  CA  . ASP A 1 59  ? 8.775   11.432  11.493  1.00 81.47 ? 212 ASP A CA  1 
ATOM   465  C  C   . ASP A 1 59  ? 7.749   10.810  10.552  1.00 78.35 ? 212 ASP A C   1 
ATOM   466  O  O   . ASP A 1 59  ? 7.921   10.820  9.331   1.00 78.91 ? 212 ASP A O   1 
ATOM   467  C  CB  . ASP A 1 59  ? 9.199   12.801  10.952  1.00 85.03 ? 212 ASP A CB  1 
ATOM   468  C  CG  . ASP A 1 59  ? 10.183  13.507  11.860  1.00 91.73 ? 212 ASP A CG  1 
ATOM   469  O  OD1 . ASP A 1 59  ? 9.920   13.580  13.082  1.00 90.49 ? 212 ASP A OD1 1 
ATOM   470  O  OD2 . ASP A 1 59  ? 11.215  13.996  11.347  1.00 95.63 ? 212 ASP A OD2 1 
ATOM   471  N  N   . PRO A 1 60  ? 6.665   10.261  11.111  1.00 76.10 ? 213 PRO A N   1 
ATOM   472  C  CA  . PRO A 1 60  ? 5.621   9.633   10.303  1.00 74.78 ? 213 PRO A CA  1 
ATOM   473  C  C   . PRO A 1 60  ? 4.806   10.618  9.477   1.00 68.26 ? 213 PRO A C   1 
ATOM   474  O  O   . PRO A 1 60  ? 4.503   11.721  9.925   1.00 67.30 ? 213 PRO A O   1 
ATOM   475  C  CB  . PRO A 1 60  ? 4.774   8.917   11.347  1.00 75.48 ? 213 PRO A CB  1 
ATOM   476  C  CG  . PRO A 1 60  ? 4.843   9.859   12.509  1.00 74.97 ? 213 PRO A CG  1 
ATOM   477  C  CD  . PRO A 1 60  ? 6.315   10.224  12.544  1.00 74.22 ? 213 PRO A CD  1 
ATOM   478  N  N   . HIS A 1 61  ? 4.463   10.210  8.263   1.00 67.83 ? 214 HIS A N   1 
ATOM   479  C  CA  . HIS A 1 61  ? 3.654   11.036  7.380   1.00 66.57 ? 214 HIS A CA  1 
ATOM   480  C  C   . HIS A 1 61  ? 2.323   10.343  7.115   1.00 64.06 ? 214 HIS A C   1 
ATOM   481  O  O   . HIS A 1 61  ? 1.329   10.988  6.782   1.00 66.01 ? 214 HIS A O   1 
ATOM   482  C  CB  . HIS A 1 61  ? 4.387   11.306  6.065   1.00 69.62 ? 214 HIS A CB  1 
ATOM   483  C  CG  . HIS A 1 61  ? 5.445   12.360  6.174   1.00 76.40 ? 214 HIS A CG  1 
ATOM   484  N  ND1 . HIS A 1 61  ? 6.070   12.906  5.073   1.00 79.92 ? 214 HIS A ND1 1 
ATOM   485  C  CD2 . HIS A 1 61  ? 5.978   12.979  7.254   1.00 80.25 ? 214 HIS A CD2 1 
ATOM   486  C  CE1 . HIS A 1 61  ? 6.940   13.818  5.469   1.00 79.76 ? 214 HIS A CE1 1 
ATOM   487  N  NE2 . HIS A 1 61  ? 6.904   13.881  6.790   1.00 80.06 ? 214 HIS A NE2 1 
ATOM   488  N  N   . ILE A 1 62  ? 2.312   9.023   7.263   1.00 60.32 ? 215 ILE A N   1 
ATOM   489  C  CA  . ILE A 1 62  ? 1.100   8.245   7.066   1.00 55.70 ? 215 ILE A CA  1 
ATOM   490  C  C   . ILE A 1 62  ? 0.827   7.388   8.296   1.00 54.74 ? 215 ILE A C   1 
ATOM   491  O  O   . ILE A 1 62  ? -0.325  7.207   8.689   1.00 55.01 ? 215 ILE A O   1 
ATOM   492  C  CB  . ILE A 1 62  ? 1.198   7.327   5.827   1.00 53.71 ? 215 ILE A CB  1 
ATOM   493  C  CG1 . ILE A 1 62  ? 1.230   8.175   4.552   1.00 53.29 ? 215 ILE A CG1 1 
ATOM   494  C  CG2 . ILE A 1 62  ? 0.016   6.359   5.802   1.00 58.30 ? 215 ILE A CG2 1 
ATOM   495  C  CD1 . ILE A 1 62  ? 1.234   7.364   3.256   1.00 51.66 ? 215 ILE A CD1 1 
ATOM   496  N  N   . ILE A 1 63  ? 1.886   6.863   8.905   1.00 51.12 ? 216 ILE A N   1 
ATOM   497  C  CA  . ILE A 1 63  ? 1.729   6.026   10.087  1.00 55.37 ? 216 ILE A CA  1 
ATOM   498  C  C   . ILE A 1 63  ? 0.996   6.774   11.195  1.00 54.50 ? 216 ILE A C   1 
ATOM   499  O  O   . ILE A 1 63  ? 1.384   7.878   11.580  1.00 54.50 ? 216 ILE A O   1 
ATOM   500  C  CB  . ILE A 1 63  ? 3.089   5.553   10.629  1.00 53.04 ? 216 ILE A CB  1 
ATOM   501  C  CG1 . ILE A 1 63  ? 3.788   4.682   9.585   1.00 55.92 ? 216 ILE A CG1 1 
ATOM   502  C  CG2 . ILE A 1 63  ? 2.889   4.779   11.921  1.00 54.18 ? 216 ILE A CG2 1 
ATOM   503  C  CD1 . ILE A 1 63  ? 5.170   4.198   10.006  1.00 61.46 ? 216 ILE A CD1 1 
ATOM   504  N  N   . GLY A 1 64  ? -0.069  6.159   11.699  1.00 59.25 ? 217 GLY A N   1 
ATOM   505  C  CA  . GLY A 1 64  ? -0.852  6.768   12.759  1.00 59.46 ? 217 GLY A CA  1 
ATOM   506  C  C   . GLY A 1 64  ? -1.725  7.908   12.270  1.00 62.31 ? 217 GLY A C   1 
ATOM   507  O  O   . GLY A 1 64  ? -2.481  8.502   13.041  1.00 63.77 ? 217 GLY A O   1 
ATOM   508  N  N   . ILE A 1 65  ? -1.625  8.216   10.982  1.00 57.55 ? 218 ILE A N   1 
ATOM   509  C  CA  . ILE A 1 65  ? -2.407  9.295   10.401  1.00 57.38 ? 218 ILE A CA  1 
ATOM   510  C  C   . ILE A 1 65  ? -3.409  8.755   9.384   1.00 56.51 ? 218 ILE A C   1 
ATOM   511  O  O   . ILE A 1 65  ? -4.612  9.016   9.477   1.00 55.83 ? 218 ILE A O   1 
ATOM   512  C  CB  . ILE A 1 65  ? -1.493  10.313  9.677   1.00 61.25 ? 218 ILE A CB  1 
ATOM   513  C  CG1 . ILE A 1 65  ? -0.379  10.784  10.619  1.00 66.43 ? 218 ILE A CG1 1 
ATOM   514  C  CG2 . ILE A 1 65  ? -2.322  11.488  9.173   1.00 57.92 ? 218 ILE A CG2 1 
ATOM   515  C  CD1 . ILE A 1 65  ? -0.873  11.483  11.865  1.00 76.29 ? 218 ILE A CD1 1 
ATOM   516  N  N   . GLY A 1 66  ? -2.901  7.991   8.419   1.00 53.01 ? 219 GLY A N   1 
ATOM   517  C  CA  . GLY A 1 66  ? -3.744  7.448   7.373   1.00 49.80 ? 219 GLY A CA  1 
ATOM   518  C  C   . GLY A 1 66  ? -3.775  8.443   6.228   1.00 49.76 ? 219 GLY A C   1 
ATOM   519  O  O   . GLY A 1 66  ? -3.539  9.633   6.433   1.00 52.18 ? 219 GLY A O   1 
ATOM   520  N  N   . ARG A 1 67  ? -4.046  7.961   5.019   1.00 47.42 ? 220 ARG A N   1 
ATOM   521  C  CA  . ARG A 1 67  ? -4.117  8.825   3.846   1.00 45.12 ? 220 ARG A CA  1 
ATOM   522  C  C   . ARG A 1 67  ? -4.818  8.100   2.699   1.00 42.07 ? 220 ARG A C   1 
ATOM   523  O  O   . ARG A 1 67  ? -4.872  6.870   2.660   1.00 43.72 ? 220 ARG A O   1 
ATOM   524  C  CB  . ARG A 1 67  ? -2.708  9.254   3.393   1.00 48.53 ? 220 ARG A CB  1 
ATOM   525  C  CG  . ARG A 1 67  ? -2.721  10.257  2.220   1.00 50.93 ? 220 ARG A CG  1 
ATOM   526  C  CD  . ARG A 1 67  ? -1.332  10.728  1.780   1.00 53.31 ? 220 ARG A CD  1 
ATOM   527  N  NE  . ARG A 1 67  ? -0.544  11.270  2.884   1.00 56.11 ? 220 ARG A NE  1 
ATOM   528  C  CZ  . ARG A 1 67  ? 0.665   11.815  2.760   1.00 55.99 ? 220 ARG A CZ  1 
ATOM   529  N  NH1 . ARG A 1 67  ? 1.248   11.902  1.569   1.00 58.26 ? 220 ARG A NH1 1 
ATOM   530  N  NH2 . ARG A 1 67  ? 1.297   12.276  3.829   1.00 53.98 ? 220 ARG A NH2 1 
ATOM   531  N  N   . ILE A 1 68  ? -5.371  8.874   1.775   1.00 43.14 ? 221 ILE A N   1 
ATOM   532  C  CA  . ILE A 1 68  ? -6.037  8.312   0.612   1.00 38.53 ? 221 ILE A CA  1 
ATOM   533  C  C   . ILE A 1 68  ? -5.037  8.492   -0.512  1.00 41.42 ? 221 ILE A C   1 
ATOM   534  O  O   . ILE A 1 68  ? -4.589  9.598   -0.776  1.00 40.24 ? 221 ILE A O   1 
ATOM   535  C  CB  . ILE A 1 68  ? -7.344  9.070   0.276   1.00 38.02 ? 221 ILE A CB  1 
ATOM   536  C  CG1 . ILE A 1 68  ? -8.354  8.851   1.403   1.00 46.10 ? 221 ILE A CG1 1 
ATOM   537  C  CG2 . ILE A 1 68  ? -7.908  8.584   -1.052  1.00 41.65 ? 221 ILE A CG2 1 
ATOM   538  C  CD1 . ILE A 1 68  ? -9.674  9.580   1.211   1.00 46.03 ? 221 ILE A CD1 1 
ATOM   539  N  N   . VAL A 1 69  ? -4.669  7.390   -1.151  1.00 42.86 ? 222 VAL A N   1 
ATOM   540  C  CA  . VAL A 1 69  ? -3.701  7.429   -2.240  1.00 40.77 ? 222 VAL A CA  1 
ATOM   541  C  C   . VAL A 1 69  ? -4.197  6.623   -3.431  1.00 41.13 ? 222 VAL A C   1 
ATOM   542  O  O   . VAL A 1 69  ? -5.276  6.031   -3.403  1.00 36.79 ? 222 VAL A O   1 
ATOM   543  C  CB  . VAL A 1 69  ? -2.336  6.849   -1.789  1.00 40.78 ? 222 VAL A CB  1 
ATOM   544  C  CG1 . VAL A 1 69  ? -1.724  7.720   -0.713  1.00 43.52 ? 222 VAL A CG1 1 
ATOM   545  C  CG2 . VAL A 1 69  ? -2.526  5.439   -1.257  1.00 43.84 ? 222 VAL A CG2 1 
ATOM   546  N  N   . THR A 1 70  ? -3.385  6.594   -4.477  1.00 42.35 ? 223 THR A N   1 
ATOM   547  C  CA  . THR A 1 70  ? -3.724  5.855   -5.671  1.00 42.89 ? 223 THR A CA  1 
ATOM   548  C  C   . THR A 1 70  ? -2.976  4.532   -5.684  1.00 45.44 ? 223 THR A C   1 
ATOM   549  O  O   . THR A 1 70  ? -1.758  4.499   -5.511  1.00 48.21 ? 223 THR A O   1 
ATOM   550  C  CB  . THR A 1 70  ? -3.332  6.639   -6.930  1.00 50.19 ? 223 THR A CB  1 
ATOM   551  O  OG1 . THR A 1 70  ? -4.040  7.887   -6.955  1.00 49.33 ? 223 THR A OG1 1 
ATOM   552  C  CG2 . THR A 1 70  ? -3.656  5.829   -8.182  1.00 46.58 ? 223 THR A CG2 1 
ATOM   553  N  N   . GLY A 1 71  ? -3.711  3.447   -5.876  1.00 43.51 ? 224 GLY A N   1 
ATOM   554  C  CA  . GLY A 1 71  ? -3.095  2.141   -5.947  1.00 47.77 ? 224 GLY A CA  1 
ATOM   555  C  C   . GLY A 1 71  ? -3.034  1.740   -7.408  1.00 48.26 ? 224 GLY A C   1 
ATOM   556  O  O   . GLY A 1 71  ? -3.818  2.236   -8.222  1.00 42.99 ? 224 GLY A O   1 
ATOM   557  N  N   . LYS A 1 72  ? -2.109  0.846   -7.749  1.00 47.18 ? 225 LYS A N   1 
ATOM   558  C  CA  . LYS A 1 72  ? -1.976  0.391   -9.125  1.00 50.84 ? 225 LYS A CA  1 
ATOM   559  C  C   . LYS A 1 72  ? -2.158  -1.123  -9.189  1.00 48.77 ? 225 LYS A C   1 
ATOM   560  O  O   . LYS A 1 72  ? -1.472  -1.867  -8.488  1.00 50.76 ? 225 LYS A O   1 
ATOM   561  C  CB  . LYS A 1 72  ? -0.604  0.798   -9.678  1.00 54.49 ? 225 LYS A CB  1 
ATOM   562  C  CG  . LYS A 1 72  ? -0.406  0.530   -11.168 1.00 57.40 ? 225 LYS A CG  1 
ATOM   563  C  CD  . LYS A 1 72  ? 0.985   0.967   -11.605 1.00 66.94 ? 225 LYS A CD  1 
ATOM   564  C  CE  . LYS A 1 72  ? 1.175   0.852   -13.115 1.00 76.12 ? 225 LYS A CE  1 
ATOM   565  N  NZ  . LYS A 1 72  ? 2.467   1.472   -13.563 1.00 74.39 ? 225 LYS A NZ  1 
ATOM   566  N  N   . ARG A 1 73  ? -3.094  -1.576  -10.020 1.00 45.21 ? 226 ARG A N   1 
ATOM   567  C  CA  . ARG A 1 73  ? -3.359  -3.006  -10.163 1.00 44.59 ? 226 ARG A CA  1 
ATOM   568  C  C   . ARG A 1 73  ? -2.389  -3.634  -11.159 1.00 52.87 ? 226 ARG A C   1 
ATOM   569  O  O   . ARG A 1 73  ? -1.646  -2.929  -11.850 1.00 45.68 ? 226 ARG A O   1 
ATOM   570  C  CB  . ARG A 1 73  ? -4.789  -3.247  -10.648 1.00 48.53 ? 226 ARG A CB  1 
ATOM   571  C  CG  . ARG A 1 73  ? -5.871  -2.692  -9.739  1.00 60.95 ? 226 ARG A CG  1 
ATOM   572  C  CD  . ARG A 1 73  ? -7.247  -2.856  -10.378 1.00 66.71 ? 226 ARG A CD  1 
ATOM   573  N  NE  . ARG A 1 73  ? -8.266  -2.049  -9.708  1.00 72.58 ? 226 ARG A NE  1 
ATOM   574  C  CZ  . ARG A 1 73  ? -8.976  -2.452  -8.658  1.00 79.86 ? 226 ARG A CZ  1 
ATOM   575  N  NH1 . ARG A 1 73  ? -8.790  -3.665  -8.152  1.00 83.01 ? 226 ARG A NH1 1 
ATOM   576  N  NH2 . ARG A 1 73  ? -9.868  -1.634  -8.105  1.00 81.17 ? 226 ARG A NH2 1 
ATOM   577  N  N   . ARG A 1 74  ? -2.417  -4.961  -11.234 1.00 51.47 ? 227 ARG A N   1 
ATOM   578  C  CA  . ARG A 1 74  ? -1.544  -5.705  -12.133 1.00 59.85 ? 227 ARG A CA  1 
ATOM   579  C  C   . ARG A 1 74  ? -1.780  -5.338  -13.594 1.00 62.95 ? 227 ARG A C   1 
ATOM   580  O  O   . ARG A 1 74  ? -0.827  -5.214  -14.369 1.00 60.89 ? 227 ARG A O   1 
ATOM   581  C  CB  . ARG A 1 74  ? -1.754  -7.205  -11.948 1.00 62.63 ? 227 ARG A CB  1 
ATOM   582  C  CG  . ARG A 1 74  ? -0.713  -8.048  -12.658 1.00 71.50 ? 227 ARG A CG  1 
ATOM   583  C  CD  . ARG A 1 74  ? -0.873  -9.511  -12.314 1.00 73.93 ? 227 ARG A CD  1 
ATOM   584  N  NE  . ARG A 1 74  ? 0.223   -10.310 -12.847 1.00 75.30 ? 227 ARG A NE  1 
ATOM   585  C  CZ  . ARG A 1 74  ? 0.378   -11.606 -12.606 1.00 80.07 ? 227 ARG A CZ  1 
ATOM   586  N  NH1 . ARG A 1 74  ? -0.498  -12.247 -11.840 1.00 77.75 ? 227 ARG A NH1 1 
ATOM   587  N  NH2 . ARG A 1 74  ? 1.408   -12.258 -13.129 1.00 77.27 ? 227 ARG A NH2 1 
ATOM   588  N  N   . ASP A 1 75  ? -3.046  -5.162  -13.971 1.00 61.19 ? 228 ASP A N   1 
ATOM   589  C  CA  . ASP A 1 75  ? -3.368  -4.807  -15.349 1.00 64.50 ? 228 ASP A CA  1 
ATOM   590  C  C   . ASP A 1 75  ? -3.154  -3.326  -15.644 1.00 60.68 ? 228 ASP A C   1 
ATOM   591  O  O   . ASP A 1 75  ? -3.665  -2.806  -16.633 1.00 65.61 ? 228 ASP A O   1 
ATOM   592  C  CB  . ASP A 1 75  ? -4.810  -5.196  -15.690 1.00 62.01 ? 228 ASP A CB  1 
ATOM   593  C  CG  . ASP A 1 75  ? -5.821  -4.570  -14.756 1.00 67.79 ? 228 ASP A CG  1 
ATOM   594  O  OD1 . ASP A 1 75  ? -5.712  -3.354  -14.488 1.00 66.67 ? 228 ASP A OD1 1 
ATOM   595  O  OD2 . ASP A 1 75  ? -6.729  -5.297  -14.296 1.00 65.96 ? 228 ASP A OD2 1 
ATOM   596  N  N   . GLY A 1 76  ? -2.402  -2.648  -14.782 1.00 58.81 ? 229 GLY A N   1 
ATOM   597  C  CA  . GLY A 1 76  ? -2.122  -1.237  -14.992 1.00 57.26 ? 229 GLY A CA  1 
ATOM   598  C  C   . GLY A 1 76  ? -3.199  -0.239  -14.598 1.00 53.66 ? 229 GLY A C   1 
ATOM   599  O  O   . GLY A 1 76  ? -2.954  0.967   -14.630 1.00 54.89 ? 229 GLY A O   1 
ATOM   600  N  N   . THR A 1 77  ? -4.386  -0.711  -14.237 1.00 51.06 ? 230 THR A N   1 
ATOM   601  C  CA  . THR A 1 77  ? -5.453  0.209   -13.840 1.00 58.57 ? 230 THR A CA  1 
ATOM   602  C  C   . THR A 1 77  ? -5.202  0.724   -12.425 1.00 58.48 ? 230 THR A C   1 
ATOM   603  O  O   . THR A 1 77  ? -4.806  -0.037  -11.543 1.00 59.76 ? 230 THR A O   1 
ATOM   604  C  CB  . THR A 1 77  ? -6.826  -0.467  -13.869 1.00 56.48 ? 230 THR A CB  1 
ATOM   605  O  OG1 . THR A 1 77  ? -6.796  -1.635  -13.048 1.00 60.80 ? 230 THR A OG1 1 
ATOM   606  C  CG2 . THR A 1 77  ? -7.199  -0.863  -15.288 1.00 63.00 ? 230 THR A CG2 1 
ATOM   607  N  N   . THR A 1 78  ? -5.434  2.016   -12.218 1.00 54.56 ? 231 THR A N   1 
ATOM   608  C  CA  . THR A 1 78  ? -5.224  2.629   -10.918 1.00 54.21 ? 231 THR A CA  1 
ATOM   609  C  C   . THR A 1 78  ? -6.546  2.888   -10.208 1.00 56.33 ? 231 THR A C   1 
ATOM   610  O  O   . THR A 1 78  ? -7.594  3.004   -10.846 1.00 52.17 ? 231 THR A O   1 
ATOM   611  C  CB  . THR A 1 78  ? -4.458  3.942   -11.054 1.00 55.76 ? 231 THR A CB  1 
ATOM   612  O  OG1 . THR A 1 78  ? -5.216  4.858   -11.852 1.00 54.01 ? 231 THR A OG1 1 
ATOM   613  C  CG2 . THR A 1 78  ? -3.116  3.689   -11.717 1.00 51.22 ? 231 THR A CG2 1 
ATOM   614  N  N   . PHE A 1 79  ? -6.487  2.991   -8.883  1.00 50.84 ? 232 PHE A N   1 
ATOM   615  C  CA  . PHE A 1 79  ? -7.687  3.195   -8.088  1.00 47.72 ? 232 PHE A CA  1 
ATOM   616  C  C   . PHE A 1 79  ? -7.404  3.860   -6.746  1.00 51.03 ? 232 PHE A C   1 
ATOM   617  O  O   . PHE A 1 79  ? -6.302  3.744   -6.199  1.00 43.87 ? 232 PHE A O   1 
ATOM   618  C  CB  . PHE A 1 79  ? -8.359  1.848   -7.841  1.00 45.78 ? 232 PHE A CB  1 
ATOM   619  C  CG  . PHE A 1 79  ? -7.555  0.925   -6.960  1.00 53.53 ? 232 PHE A CG  1 
ATOM   620  C  CD1 . PHE A 1 79  ? -7.857  0.793   -5.605  1.00 48.41 ? 232 PHE A CD1 1 
ATOM   621  C  CD2 . PHE A 1 79  ? -6.497  0.180   -7.486  1.00 52.09 ? 232 PHE A CD2 1 
ATOM   622  C  CE1 . PHE A 1 79  ? -7.127  -0.068  -4.785  1.00 47.00 ? 232 PHE A CE1 1 
ATOM   623  C  CE2 . PHE A 1 79  ? -5.757  -0.686  -6.676  1.00 48.01 ? 232 PHE A CE2 1 
ATOM   624  C  CZ  . PHE A 1 79  ? -6.072  -0.812  -5.323  1.00 52.50 ? 232 PHE A CZ  1 
ATOM   625  N  N   . PRO A 1 80  ? -8.410  4.560   -6.189  1.00 44.59 ? 233 PRO A N   1 
ATOM   626  C  CA  . PRO A 1 80  ? -8.283  5.246   -4.903  1.00 42.47 ? 233 PRO A CA  1 
ATOM   627  C  C   . PRO A 1 80  ? -8.423  4.222   -3.776  1.00 38.37 ? 233 PRO A C   1 
ATOM   628  O  O   . PRO A 1 80  ? -9.220  3.292   -3.869  1.00 43.13 ? 233 PRO A O   1 
ATOM   629  C  CB  . PRO A 1 80  ? -9.447  6.235   -4.933  1.00 45.16 ? 233 PRO A CB  1 
ATOM   630  C  CG  . PRO A 1 80  ? -10.512 5.423   -5.604  1.00 41.39 ? 233 PRO A CG  1 
ATOM   631  C  CD  . PRO A 1 80  ? -9.754  4.774   -6.764  1.00 51.63 ? 233 PRO A CD  1 
ATOM   632  N  N   . MET A 1 81  ? -7.647  4.387   -2.716  1.00 37.81 ? 234 MET A N   1 
ATOM   633  C  CA  . MET A 1 81  ? -7.708  3.455   -1.601  1.00 36.98 ? 234 MET A CA  1 
ATOM   634  C  C   . MET A 1 81  ? -7.289  4.173   -0.338  1.00 36.90 ? 234 MET A C   1 
ATOM   635  O  O   . MET A 1 81  ? -6.476  5.092   -0.384  1.00 37.35 ? 234 MET A O   1 
ATOM   636  C  CB  . MET A 1 81  ? -6.756  2.268   -1.853  1.00 44.37 ? 234 MET A CB  1 
ATOM   637  C  CG  . MET A 1 81  ? -5.363  2.682   -2.339  1.00 47.61 ? 234 MET A CG  1 
ATOM   638  S  SD  . MET A 1 81  ? -4.133  1.309   -2.406  1.00 41.86 ? 234 MET A SD  1 
ATOM   639  C  CE  . MET A 1 81  ? -3.277  1.566   -0.814  1.00 38.90 ? 234 MET A CE  1 
ATOM   640  N  N   . HIS A 1 82  ? -7.852  3.780   0.792   1.00 35.94 ? 235 HIS A N   1 
ATOM   641  C  CA  . HIS A 1 82  ? -7.419  4.407   2.017   1.00 40.78 ? 235 HIS A CA  1 
ATOM   642  C  C   . HIS A 1 82  ? -6.310  3.514   2.564   1.00 33.11 ? 235 HIS A C   1 
ATOM   643  O  O   . HIS A 1 82  ? -6.424  2.296   2.537   1.00 40.12 ? 235 HIS A O   1 
ATOM   644  C  CB  . HIS A 1 82  ? -8.553  4.529   3.030   1.00 40.80 ? 235 HIS A CB  1 
ATOM   645  C  CG  . HIS A 1 82  ? -8.124  5.175   4.305   1.00 42.67 ? 235 HIS A CG  1 
ATOM   646  N  ND1 . HIS A 1 82  ? -7.638  4.454   5.374   1.00 43.19 ? 235 HIS A ND1 1 
ATOM   647  C  CD2 . HIS A 1 82  ? -8.015  6.480   4.649   1.00 40.98 ? 235 HIS A CD2 1 
ATOM   648  C  CE1 . HIS A 1 82  ? -7.244  5.287   6.321   1.00 45.55 ? 235 HIS A CE1 1 
ATOM   649  N  NE2 . HIS A 1 82  ? -7.461  6.522   5.906   1.00 42.95 ? 235 HIS A NE2 1 
ATOM   650  N  N   . LEU A 1 83  ? -5.241  4.126   3.048   1.00 36.65 ? 236 LEU A N   1 
ATOM   651  C  CA  . LEU A 1 83  ? -4.110  3.372   3.568   1.00 38.68 ? 236 LEU A CA  1 
ATOM   652  C  C   . LEU A 1 83  ? -3.810  3.695   5.025   1.00 38.88 ? 236 LEU A C   1 
ATOM   653  O  O   . LEU A 1 83  ? -3.667  4.862   5.406   1.00 40.04 ? 236 LEU A O   1 
ATOM   654  C  CB  . LEU A 1 83  ? -2.867  3.659   2.714   1.00 40.39 ? 236 LEU A CB  1 
ATOM   655  C  CG  . LEU A 1 83  ? -1.537  2.954   3.047   1.00 42.27 ? 236 LEU A CG  1 
ATOM   656  C  CD1 . LEU A 1 83  ? -1.616  1.454   2.741   1.00 36.44 ? 236 LEU A CD1 1 
ATOM   657  C  CD2 . LEU A 1 83  ? -0.440  3.588   2.225   1.00 41.50 ? 236 LEU A CD2 1 
ATOM   658  N  N   . SER A 1 84  ? -3.739  2.651   5.840   1.00 35.12 ? 237 SER A N   1 
ATOM   659  C  CA  . SER A 1 84  ? -3.413  2.799   7.248   1.00 39.21 ? 237 SER A CA  1 
ATOM   660  C  C   . SER A 1 84  ? -2.174  1.949   7.392   1.00 37.42 ? 237 SER A C   1 
ATOM   661  O  O   . SER A 1 84  ? -2.114  0.847   6.848   1.00 35.63 ? 237 SER A O   1 
ATOM   662  C  CB  . SER A 1 84  ? -4.519  2.230   8.134   1.00 41.81 ? 237 SER A CB  1 
ATOM   663  O  OG  . SER A 1 84  ? -5.755  2.860   7.856   1.00 57.67 ? 237 SER A OG  1 
ATOM   664  N  N   . ILE A 1 85  ? -1.187  2.458   8.114   1.00 39.14 ? 238 ILE A N   1 
ATOM   665  C  CA  . ILE A 1 85  ? 0.055   1.716   8.299   1.00 40.58 ? 238 ILE A CA  1 
ATOM   666  C  C   . ILE A 1 85  ? 0.386   1.550   9.777   1.00 41.25 ? 238 ILE A C   1 
ATOM   667  O  O   . ILE A 1 85  ? 0.293   2.498   10.565  1.00 40.81 ? 238 ILE A O   1 
ATOM   668  C  CB  . ILE A 1 85  ? 1.243   2.432   7.622   1.00 43.76 ? 238 ILE A CB  1 
ATOM   669  C  CG1 . ILE A 1 85  ? 0.990   2.557   6.121   1.00 41.67 ? 238 ILE A CG1 1 
ATOM   670  C  CG2 . ILE A 1 85  ? 2.548   1.648   7.889   1.00 41.84 ? 238 ILE A CG2 1 
ATOM   671  C  CD1 . ILE A 1 85  ? 2.010   3.419   5.412   1.00 43.04 ? 238 ILE A CD1 1 
ATOM   672  N  N   . GLY A 1 86  ? 0.768   0.332   10.143  1.00 40.90 ? 239 GLY A N   1 
ATOM   673  C  CA  . GLY A 1 86  ? 1.130   0.048   11.518  1.00 40.42 ? 239 GLY A CA  1 
ATOM   674  C  C   . GLY A 1 86  ? 2.579   -0.401  11.577  1.00 44.63 ? 239 GLY A C   1 
ATOM   675  O  O   . GLY A 1 86  ? 3.057   -1.081  10.672  1.00 46.14 ? 239 GLY A O   1 
ATOM   676  N  N   . GLU A 1 87  ? 3.286   -0.005  12.630  1.00 45.47 ? 240 GLU A N   1 
ATOM   677  C  CA  . GLU A 1 87  ? 4.680   -0.388  12.791  1.00 48.99 ? 240 GLU A CA  1 
ATOM   678  C  C   . GLU A 1 87  ? 4.795   -1.482  13.850  1.00 49.39 ? 240 GLU A C   1 
ATOM   679  O  O   . GLU A 1 87  ? 4.201   -1.392  14.926  1.00 49.51 ? 240 GLU A O   1 
ATOM   680  C  CB  . GLU A 1 87  ? 5.515   0.830   13.196  1.00 53.91 ? 240 GLU A CB  1 
ATOM   681  C  CG  . GLU A 1 87  ? 6.956   0.507   13.570  1.00 59.11 ? 240 GLU A CG  1 
ATOM   682  C  CD  . GLU A 1 87  ? 7.823   1.749   13.658  1.00 63.97 ? 240 GLU A CD  1 
ATOM   683  O  OE1 . GLU A 1 87  ? 7.379   2.749   14.267  1.00 63.23 ? 240 GLU A OE1 1 
ATOM   684  O  OE2 . GLU A 1 87  ? 8.951   1.725   13.123  1.00 66.55 ? 240 GLU A OE2 1 
ATOM   685  N  N   . MET A 1 88  ? 5.558   -2.520  13.536  1.00 44.89 ? 241 MET A N   1 
ATOM   686  C  CA  . MET A 1 88  ? 5.747   -3.628  14.457  1.00 49.85 ? 241 MET A CA  1 
ATOM   687  C  C   . MET A 1 88  ? 7.183   -4.118  14.363  1.00 55.50 ? 241 MET A C   1 
ATOM   688  O  O   . MET A 1 88  ? 7.922   -3.747  13.450  1.00 56.45 ? 241 MET A O   1 
ATOM   689  C  CB  . MET A 1 88  ? 4.806   -4.771  14.097  1.00 49.13 ? 241 MET A CB  1 
ATOM   690  C  CG  . MET A 1 88  ? 3.376   -4.335  13.906  1.00 56.33 ? 241 MET A CG  1 
ATOM   691  S  SD  . MET A 1 88  ? 2.456   -5.521  12.944  1.00 66.48 ? 241 MET A SD  1 
ATOM   692  C  CE  . MET A 1 88  ? 1.908   -6.635  14.226  1.00 66.15 ? 241 MET A CE  1 
ATOM   693  N  N   . GLN A 1 89  ? 7.581   -4.950  15.314  1.00 58.85 ? 242 GLN A N   1 
ATOM   694  C  CA  . GLN A 1 89  ? 8.921   -5.497  15.288  1.00 62.68 ? 242 GLN A CA  1 
ATOM   695  C  C   . GLN A 1 89  ? 8.848   -6.987  15.562  1.00 61.95 ? 242 GLN A C   1 
ATOM   696  O  O   . GLN A 1 89  ? 8.005   -7.445  16.328  1.00 60.22 ? 242 GLN A O   1 
ATOM   697  C  CB  . GLN A 1 89  ? 9.810   -4.813  16.327  1.00 67.65 ? 242 GLN A CB  1 
ATOM   698  C  CG  . GLN A 1 89  ? 9.427   -5.078  17.765  1.00 76.29 ? 242 GLN A CG  1 
ATOM   699  C  CD  . GLN A 1 89  ? 10.610  -4.920  18.701  1.00 80.67 ? 242 GLN A CD  1 
ATOM   700  O  OE1 . GLN A 1 89  ? 11.564  -5.705  18.653  1.00 82.16 ? 242 GLN A OE1 1 
ATOM   701  N  NE2 . GLN A 1 89  ? 10.563  -3.898  19.550  1.00 83.59 ? 242 GLN A NE2 1 
ATOM   702  N  N   . SER A 1 90  ? 9.712   -7.742  14.895  1.00 62.96 ? 243 SER A N   1 
ATOM   703  C  CA  . SER A 1 90  ? 9.780   -9.187  15.070  1.00 66.05 ? 243 SER A CA  1 
ATOM   704  C  C   . SER A 1 90  ? 11.214  -9.613  14.804  1.00 65.87 ? 243 SER A C   1 
ATOM   705  O  O   . SER A 1 90  ? 11.845  -9.131  13.861  1.00 62.86 ? 243 SER A O   1 
ATOM   706  C  CB  . SER A 1 90  ? 8.844   -9.901  14.094  1.00 64.21 ? 243 SER A CB  1 
ATOM   707  O  OG  . SER A 1 90  ? 8.862   -11.300 14.330  1.00 60.49 ? 243 SER A OG  1 
ATOM   708  N  N   . GLY A 1 91  ? 11.730  -10.516 15.632  1.00 69.42 ? 244 GLY A N   1 
ATOM   709  C  CA  . GLY A 1 91  ? 13.102  -10.962 15.452  1.00 65.59 ? 244 GLY A CA  1 
ATOM   710  C  C   . GLY A 1 91  ? 14.066  -9.786  15.476  1.00 61.38 ? 244 GLY A C   1 
ATOM   711  O  O   . GLY A 1 91  ? 15.048  -9.760  14.737  1.00 63.85 ? 244 GLY A O   1 
ATOM   712  N  N   . GLY A 1 92  ? 13.771  -8.801  16.319  1.00 61.00 ? 245 GLY A N   1 
ATOM   713  C  CA  . GLY A 1 92  ? 14.626  -7.633  16.427  1.00 65.67 ? 245 GLY A CA  1 
ATOM   714  C  C   . GLY A 1 92  ? 14.653  -6.743  15.196  1.00 72.63 ? 245 GLY A C   1 
ATOM   715  O  O   . GLY A 1 92  ? 15.462  -5.816  15.119  1.00 74.05 ? 245 GLY A O   1 
ATOM   716  N  N   . GLU A 1 93  ? 13.770  -7.012  14.238  1.00 72.62 ? 246 GLU A N   1 
ATOM   717  C  CA  . GLU A 1 93  ? 13.711  -6.227  13.004  1.00 72.59 ? 246 GLU A CA  1 
ATOM   718  C  C   . GLU A 1 93  ? 12.347  -5.554  12.844  1.00 68.77 ? 246 GLU A C   1 
ATOM   719  O  O   . GLU A 1 93  ? 11.326  -6.093  13.270  1.00 62.92 ? 246 GLU A O   1 
ATOM   720  C  CB  . GLU A 1 93  ? 13.969  -7.131  11.796  1.00 75.88 ? 246 GLU A CB  1 
ATOM   721  C  CG  . GLU A 1 93  ? 15.216  -7.990  11.919  1.00 84.87 ? 246 GLU A CG  1 
ATOM   722  C  CD  . GLU A 1 93  ? 15.285  -9.071  10.854  1.00 91.01 ? 246 GLU A CD  1 
ATOM   723  O  OE1 . GLU A 1 93  ? 16.184  -9.937  10.944  1.00 98.02 ? 246 GLU A OE1 1 
ATOM   724  O  OE2 . GLU A 1 93  ? 14.442  -9.054  9.929   1.00 91.04 ? 246 GLU A OE2 1 
ATOM   725  N  N   . PRO A 1 94  ? 12.314  -4.367  12.218  1.00 66.77 ? 247 PRO A N   1 
ATOM   726  C  CA  . PRO A 1 94  ? 11.064  -3.634  12.011  1.00 62.07 ? 247 PRO A CA  1 
ATOM   727  C  C   . PRO A 1 94  ? 10.228  -4.160  10.839  1.00 57.62 ? 247 PRO A C   1 
ATOM   728  O  O   . PRO A 1 94  ? 10.758  -4.544  9.793   1.00 53.54 ? 247 PRO A O   1 
ATOM   729  C  CB  . PRO A 1 94  ? 11.546  -2.209  11.771  1.00 62.40 ? 247 PRO A CB  1 
ATOM   730  C  CG  . PRO A 1 94  ? 12.791  -2.439  10.980  1.00 67.32 ? 247 PRO A CG  1 
ATOM   731  C  CD  . PRO A 1 94  ? 13.465  -3.571  11.748  1.00 66.75 ? 247 PRO A CD  1 
ATOM   732  N  N   . TYR A 1 95  ? 8.912   -4.187  11.035  1.00 51.46 ? 248 TYR A N   1 
ATOM   733  C  CA  . TYR A 1 95  ? 7.995   -4.625  9.995   1.00 44.50 ? 248 TYR A CA  1 
ATOM   734  C  C   . TYR A 1 95  ? 6.876   -3.617  9.924   1.00 43.79 ? 248 TYR A C   1 
ATOM   735  O  O   . TYR A 1 95  ? 6.544   -2.973  10.920  1.00 45.54 ? 248 TYR A O   1 
ATOM   736  C  CB  . TYR A 1 95  ? 7.427   -6.010  10.296  1.00 44.71 ? 248 TYR A CB  1 
ATOM   737  C  CG  . TYR A 1 95  ? 8.434   -7.109  10.094  1.00 43.29 ? 248 TYR A CG  1 
ATOM   738  C  CD1 . TYR A 1 95  ? 9.411   -7.371  11.052  1.00 47.67 ? 248 TYR A CD1 1 
ATOM   739  C  CD2 . TYR A 1 95  ? 8.443   -7.856  8.921   1.00 41.40 ? 248 TYR A CD2 1 
ATOM   740  C  CE1 . TYR A 1 95  ? 10.377  -8.350  10.845  1.00 48.57 ? 248 TYR A CE1 1 
ATOM   741  C  CE2 . TYR A 1 95  ? 9.398   -8.838  8.699   1.00 50.37 ? 248 TYR A CE2 1 
ATOM   742  C  CZ  . TYR A 1 95  ? 10.362  -9.081  9.666   1.00 51.61 ? 248 TYR A CZ  1 
ATOM   743  O  OH  . TYR A 1 95  ? 11.296  -10.065 9.454   1.00 56.01 ? 248 TYR A OH  1 
ATOM   744  N  N   . PHE A 1 96  ? 6.313   -3.458  8.739   1.00 43.38 ? 249 PHE A N   1 
ATOM   745  C  CA  . PHE A 1 96  ? 5.231   -2.516  8.565   1.00 41.25 ? 249 PHE A CA  1 
ATOM   746  C  C   . PHE A 1 96  ? 4.057   -3.254  7.970   1.00 39.77 ? 249 PHE A C   1 
ATOM   747  O  O   . PHE A 1 96  ? 4.209   -4.063  7.050   1.00 36.89 ? 249 PHE A O   1 
ATOM   748  C  CB  . PHE A 1 96  ? 5.670   -1.357  7.663   1.00 39.91 ? 249 PHE A CB  1 
ATOM   749  C  CG  . PHE A 1 96  ? 6.789   -0.547  8.243   1.00 39.28 ? 249 PHE A CG  1 
ATOM   750  C  CD1 . PHE A 1 96  ? 8.104   -0.769  7.849   1.00 47.75 ? 249 PHE A CD1 1 
ATOM   751  C  CD2 . PHE A 1 96  ? 6.537   0.391   9.241   1.00 48.30 ? 249 PHE A CD2 1 
ATOM   752  C  CE1 . PHE A 1 96  ? 9.158   -0.077  8.443   1.00 44.86 ? 249 PHE A CE1 1 
ATOM   753  C  CE2 . PHE A 1 96  ? 7.583   1.093   9.845   1.00 46.16 ? 249 PHE A CE2 1 
ATOM   754  C  CZ  . PHE A 1 96  ? 8.896   0.855   9.444   1.00 48.73 ? 249 PHE A CZ  1 
ATOM   755  N  N   . THR A 1 97  ? 2.882   -2.990  8.524   1.00 37.20 ? 250 THR A N   1 
ATOM   756  C  CA  . THR A 1 97  ? 1.684   -3.638  8.048   1.00 38.93 ? 250 THR A CA  1 
ATOM   757  C  C   . THR A 1 97  ? 0.779   -2.573  7.470   1.00 35.94 ? 250 THR A C   1 
ATOM   758  O  O   . THR A 1 97  ? 0.552   -1.538  8.093   1.00 40.21 ? 250 THR A O   1 
ATOM   759  C  CB  . THR A 1 97  ? 0.953   -4.372  9.199   1.00 42.46 ? 250 THR A CB  1 
ATOM   760  O  OG1 . THR A 1 97  ? 1.837   -5.339  9.777   1.00 49.58 ? 250 THR A OG1 1 
ATOM   761  C  CG2 . THR A 1 97  ? -0.275  -5.089  8.679   1.00 44.64 ? 250 THR A CG2 1 
ATOM   762  N  N   . GLY A 1 98  ? 0.283   -2.828  6.271   1.00 35.46 ? 251 GLY A N   1 
ATOM   763  C  CA  . GLY A 1 98  ? -0.607  -1.889  5.630   1.00 39.72 ? 251 GLY A CA  1 
ATOM   764  C  C   . GLY A 1 98  ? -1.993  -2.467  5.445   1.00 37.82 ? 251 GLY A C   1 
ATOM   765  O  O   . GLY A 1 98  ? -2.152  -3.579  4.945   1.00 35.49 ? 251 GLY A O   1 
ATOM   766  N  N   . PHE A 1 99  ? -2.999  -1.717  5.880   1.00 37.27 ? 252 PHE A N   1 
ATOM   767  C  CA  . PHE A 1 99  ? -4.386  -2.137  5.725   1.00 40.36 ? 252 PHE A CA  1 
ATOM   768  C  C   . PHE A 1 99  ? -4.954  -1.237  4.651   1.00 35.98 ? 252 PHE A C   1 
ATOM   769  O  O   . PHE A 1 99  ? -4.864  -0.008  4.737   1.00 40.81 ? 252 PHE A O   1 
ATOM   770  C  CB  . PHE A 1 99  ? -5.155  -1.962  7.031   1.00 42.23 ? 252 PHE A CB  1 
ATOM   771  C  CG  . PHE A 1 99  ? -4.577  -2.741  8.173   1.00 47.31 ? 252 PHE A CG  1 
ATOM   772  C  CD1 . PHE A 1 99  ? -3.693  -2.142  9.065   1.00 52.37 ? 252 PHE A CD1 1 
ATOM   773  C  CD2 . PHE A 1 99  ? -4.912  -4.078  8.356   1.00 49.51 ? 252 PHE A CD2 1 
ATOM   774  C  CE1 . PHE A 1 99  ? -3.158  -2.862  10.126  1.00 53.13 ? 252 PHE A CE1 1 
ATOM   775  C  CE2 . PHE A 1 99  ? -4.384  -4.806  9.410   1.00 47.77 ? 252 PHE A CE2 1 
ATOM   776  C  CZ  . PHE A 1 99  ? -3.507  -4.201  10.298  1.00 54.65 ? 252 PHE A CZ  1 
ATOM   777  N  N   . VAL A 1 100 ? -5.536  -1.856  3.636   1.00 37.16 ? 253 VAL A N   1 
ATOM   778  C  CA  . VAL A 1 100 ? -6.072  -1.138  2.498   1.00 37.59 ? 253 VAL A CA  1 
ATOM   779  C  C   . VAL A 1 100 ? -7.586  -1.235  2.365   1.00 45.53 ? 253 VAL A C   1 
ATOM   780  O  O   . VAL A 1 100 ? -8.169  -2.306  2.534   1.00 45.74 ? 253 VAL A O   1 
ATOM   781  C  CB  . VAL A 1 100 ? -5.430  -1.666  1.190   1.00 40.83 ? 253 VAL A CB  1 
ATOM   782  C  CG1 . VAL A 1 100 ? -6.134  -1.087  -0.022  1.00 41.31 ? 253 VAL A CG1 1 
ATOM   783  C  CG2 . VAL A 1 100 ? -3.951  -1.311  1.166   1.00 38.57 ? 253 VAL A CG2 1 
ATOM   784  N  N   . ARG A 1 101 ? -8.209  -0.098  2.064   1.00 48.70 ? 254 ARG A N   1 
ATOM   785  C  CA  . ARG A 1 101 ? -9.651  -0.022  1.860   1.00 43.74 ? 254 ARG A CA  1 
ATOM   786  C  C   . ARG A 1 101 ? -9.867  0.538   0.461   1.00 39.78 ? 254 ARG A C   1 
ATOM   787  O  O   . ARG A 1 101 ? -9.433  1.644   0.158   1.00 40.31 ? 254 ARG A O   1 
ATOM   788  C  CB  . ARG A 1 101 ? -10.297 0.908   2.889   1.00 54.55 ? 254 ARG A CB  1 
ATOM   789  C  CG  . ARG A 1 101 ? -11.744 1.279   2.549   1.00 66.31 ? 254 ARG A CG  1 
ATOM   790  C  CD  . ARG A 1 101 ? -12.732 0.195   2.973   1.00 74.13 ? 254 ARG A CD  1 
ATOM   791  N  NE  . ARG A 1 101 ? -13.136 0.356   4.372   1.00 78.42 ? 254 ARG A NE  1 
ATOM   792  C  CZ  . ARG A 1 101 ? -13.713 -0.593  5.106   1.00 79.12 ? 254 ARG A CZ  1 
ATOM   793  N  NH1 . ARG A 1 101 ? -14.045 -0.342  6.368   1.00 79.32 ? 254 ARG A NH1 1 
ATOM   794  N  NH2 . ARG A 1 101 ? -13.945 -1.795  4.586   1.00 76.09 ? 254 ARG A NH2 1 
ATOM   795  N  N   . ASP A 1 102 ? -10.525 -0.245  -0.388  1.00 37.57 ? 255 ASP A N   1 
ATOM   796  C  CA  . ASP A 1 102 ? -10.808 0.139   -1.761  1.00 45.78 ? 255 ASP A CA  1 
ATOM   797  C  C   . ASP A 1 102 ? -11.919 1.194   -1.726  1.00 46.21 ? 255 ASP A C   1 
ATOM   798  O  O   . ASP A 1 102 ? -12.969 0.956   -1.149  1.00 49.22 ? 255 ASP A O   1 
ATOM   799  C  CB  . ASP A 1 102 ? -11.271 -1.106  -2.526  1.00 46.24 ? 255 ASP A CB  1 
ATOM   800  C  CG  . ASP A 1 102 ? -11.554 -0.841  -3.990  1.00 50.33 ? 255 ASP A CG  1 
ATOM   801  O  OD1 . ASP A 1 102 ? -11.373 0.299   -4.472  1.00 49.30 ? 255 ASP A OD1 1 
ATOM   802  O  OD2 . ASP A 1 102 ? -11.965 -1.803  -4.672  1.00 58.94 ? 255 ASP A OD2 1 
ATOM   803  N  N   . LEU A 1 103 ? -11.684 2.353   -2.329  1.00 42.25 ? 256 LEU A N   1 
ATOM   804  C  CA  . LEU A 1 103 ? -12.688 3.413   -2.336  1.00 42.50 ? 256 LEU A CA  1 
ATOM   805  C  C   . LEU A 1 103 ? -13.236 3.644   -3.748  1.00 44.46 ? 256 LEU A C   1 
ATOM   806  O  O   . LEU A 1 103 ? -13.847 4.681   -4.031  1.00 42.08 ? 256 LEU A O   1 
ATOM   807  C  CB  . LEU A 1 103 ? -12.089 4.718   -1.793  1.00 36.94 ? 256 LEU A CB  1 
ATOM   808  C  CG  . LEU A 1 103 ? -11.545 4.700   -0.360  1.00 39.61 ? 256 LEU A CG  1 
ATOM   809  C  CD1 . LEU A 1 103 ? -10.963 6.059   -0.023  1.00 39.45 ? 256 LEU A CD1 1 
ATOM   810  C  CD2 . LEU A 1 103 ? -12.647 4.339   0.618   1.00 44.53 ? 256 LEU A CD2 1 
ATOM   811  N  N   . THR A 1 104 ? -13.012 2.675   -4.631  1.00 40.45 ? 257 THR A N   1 
ATOM   812  C  CA  . THR A 1 104 ? -13.468 2.774   -6.013  1.00 45.14 ? 257 THR A CA  1 
ATOM   813  C  C   . THR A 1 104 ? -14.953 3.133   -6.109  1.00 40.52 ? 257 THR A C   1 
ATOM   814  O  O   . THR A 1 104 ? -15.327 4.055   -6.820  1.00 40.10 ? 257 THR A O   1 
ATOM   815  C  CB  . THR A 1 104 ? -13.200 1.446   -6.775  1.00 54.43 ? 257 THR A CB  1 
ATOM   816  O  OG1 . THR A 1 104 ? -11.783 1.255   -6.910  1.00 53.18 ? 257 THR A OG1 1 
ATOM   817  C  CG2 . THR A 1 104 ? -13.838 1.479   -8.159  1.00 56.75 ? 257 THR A CG2 1 
ATOM   818  N  N   . GLU A 1 105 ? -15.785 2.403   -5.380  1.00 45.45 ? 258 GLU A N   1 
ATOM   819  C  CA  . GLU A 1 105 ? -17.224 2.636   -5.380  1.00 47.97 ? 258 GLU A CA  1 
ATOM   820  C  C   . GLU A 1 105 ? -17.553 4.057   -4.905  1.00 46.83 ? 258 GLU A C   1 
ATOM   821  O  O   . GLU A 1 105 ? -18.340 4.769   -5.532  1.00 44.73 ? 258 GLU A O   1 
ATOM   822  C  CB  . GLU A 1 105 ? -17.901 1.612   -4.469  1.00 49.77 ? 258 GLU A CB  1 
ATOM   823  C  CG  . GLU A 1 105 ? -19.412 1.617   -4.539  1.00 70.57 ? 258 GLU A CG  1 
ATOM   824  C  CD  . GLU A 1 105 ? -19.965 0.413   -5.285  1.00 80.87 ? 258 GLU A CD  1 
ATOM   825  O  OE1 . GLU A 1 105 ? -19.687 -0.729  -4.853  1.00 83.35 ? 258 GLU A OE1 1 
ATOM   826  O  OE2 . GLU A 1 105 ? -20.676 0.610   -6.301  1.00 85.45 ? 258 GLU A OE2 1 
ATOM   827  N  N   . HIS A 1 106 ? -16.948 4.464   -3.792  1.00 41.53 ? 259 HIS A N   1 
ATOM   828  C  CA  . HIS A 1 106 ? -17.172 5.799   -3.242  1.00 39.66 ? 259 HIS A CA  1 
ATOM   829  C  C   . HIS A 1 106 ? -16.876 6.868   -4.275  1.00 41.86 ? 259 HIS A C   1 
ATOM   830  O  O   . HIS A 1 106 ? -17.661 7.795   -4.473  1.00 43.54 ? 259 HIS A O   1 
ATOM   831  C  CB  . HIS A 1 106 ? -16.274 6.015   -2.034  1.00 43.44 ? 259 HIS A CB  1 
ATOM   832  C  CG  . HIS A 1 106 ? -16.514 5.035   -0.937  1.00 55.55 ? 259 HIS A CG  1 
ATOM   833  N  ND1 . HIS A 1 106 ? -17.448 5.244   0.054   1.00 65.01 ? 259 HIS A ND1 1 
ATOM   834  C  CD2 . HIS A 1 106 ? -15.982 3.813   -0.701  1.00 61.28 ? 259 HIS A CD2 1 
ATOM   835  C  CE1 . HIS A 1 106 ? -17.481 4.193   0.854   1.00 66.49 ? 259 HIS A CE1 1 
ATOM   836  N  NE2 . HIS A 1 106 ? -16.601 3.311   0.417   1.00 65.66 ? 259 HIS A NE2 1 
ATOM   837  N  N   . GLN A 1 107 ? -15.741 6.737   -4.945  1.00 37.29 ? 260 GLN A N   1 
ATOM   838  C  CA  . GLN A 1 107 ? -15.354 7.708   -5.949  1.00 37.51 ? 260 GLN A CA  1 
ATOM   839  C  C   . GLN A 1 107 ? -16.292 7.713   -7.161  1.00 42.06 ? 260 GLN A C   1 
ATOM   840  O  O   . GLN A 1 107 ? -16.602 8.774   -7.707  1.00 40.93 ? 260 GLN A O   1 
ATOM   841  C  CB  . GLN A 1 107 ? -13.929 7.434   -6.416  1.00 41.24 ? 260 GLN A CB  1 
ATOM   842  C  CG  . GLN A 1 107 ? -13.403 8.482   -7.385  1.00 43.30 ? 260 GLN A CG  1 
ATOM   843  C  CD  . GLN A 1 107 ? -12.033 8.129   -7.918  1.00 53.41 ? 260 GLN A CD  1 
ATOM   844  O  OE1 . GLN A 1 107 ? -11.865 7.111   -8.603  1.00 53.19 ? 260 GLN A OE1 1 
ATOM   845  N  NE2 . GLN A 1 107 ? -11.041 8.963   -7.607  1.00 48.89 ? 260 GLN A NE2 1 
ATOM   846  N  N   . GLN A 1 108 ? -16.728 6.529   -7.585  1.00 40.18 ? 261 GLN A N   1 
ATOM   847  C  CA  . GLN A 1 108 ? -17.624 6.419   -8.737  1.00 44.92 ? 261 GLN A CA  1 
ATOM   848  C  C   . GLN A 1 108 ? -18.957 7.085   -8.440  1.00 38.41 ? 261 GLN A C   1 
ATOM   849  O  O   . GLN A 1 108 ? -19.475 7.846   -9.246  1.00 41.13 ? 261 GLN A O   1 
ATOM   850  C  CB  . GLN A 1 108 ? -17.883 4.955   -9.089  1.00 51.04 ? 261 GLN A CB  1 
ATOM   851  C  CG  . GLN A 1 108 ? -16.681 4.208   -9.635  1.00 64.77 ? 261 GLN A CG  1 
ATOM   852  C  CD  . GLN A 1 108 ? -16.995 2.744   -9.944  1.00 74.17 ? 261 GLN A CD  1 
ATOM   853  O  OE1 . GLN A 1 108 ? -16.129 1.998   -10.408 1.00 80.10 ? 261 GLN A OE1 1 
ATOM   854  N  NE2 . GLN A 1 108 ? -18.241 2.329   -9.687  1.00 74.13 ? 261 GLN A NE2 1 
ATOM   855  N  N   . THR A 1 109 ? -19.511 6.776   -7.275  1.00 40.93 ? 262 THR A N   1 
ATOM   856  C  CA  . THR A 1 109 ? -20.783 7.344   -6.848  1.00 39.69 ? 262 THR A CA  1 
ATOM   857  C  C   . THR A 1 109 ? -20.710 8.868   -6.790  1.00 40.29 ? 262 THR A C   1 
ATOM   858  O  O   . THR A 1 109 ? -21.597 9.562   -7.280  1.00 38.91 ? 262 THR A O   1 
ATOM   859  C  CB  . THR A 1 109 ? -21.171 6.810   -5.473  1.00 40.20 ? 262 THR A CB  1 
ATOM   860  O  OG1 . THR A 1 109 ? -21.301 5.385   -5.544  1.00 45.93 ? 262 THR A OG1 1 
ATOM   861  C  CG2 . THR A 1 109 ? -22.488 7.408   -5.028  1.00 45.46 ? 262 THR A CG2 1 
ATOM   862  N  N   . GLN A 1 110 ? -19.648 9.380   -6.170  1.00 36.78 ? 263 GLN A N   1 
ATOM   863  C  CA  . GLN A 1 110 ? -19.441 10.817  -6.055  1.00 36.55 ? 263 GLN A CA  1 
ATOM   864  C  C   . GLN A 1 110 ? -19.338 11.487  -7.429  1.00 34.91 ? 263 GLN A C   1 
ATOM   865  O  O   . GLN A 1 110 ? -19.953 12.522  -7.667  1.00 41.39 ? 263 GLN A O   1 
ATOM   866  C  CB  . GLN A 1 110 ? -18.177 11.098  -5.223  1.00 43.57 ? 263 GLN A CB  1 
ATOM   867  C  CG  . GLN A 1 110 ? -17.540 12.454  -5.482  1.00 50.17 ? 263 GLN A CG  1 
ATOM   868  C  CD  . GLN A 1 110 ? -16.339 12.722  -4.582  1.00 55.83 ? 263 GLN A CD  1 
ATOM   869  O  OE1 . GLN A 1 110 ? -15.493 13.561  -4.894  1.00 55.31 ? 263 GLN A OE1 1 
ATOM   870  N  NE2 . GLN A 1 110 ? -16.270 12.015  -3.451  1.00 58.20 ? 263 GLN A NE2 1 
ATOM   871  N  N   . ALA A 1 111 ? -18.566 10.905  -8.338  1.00 37.33 ? 264 ALA A N   1 
ATOM   872  C  CA  . ALA A 1 111 ? -18.427 11.487  -9.673  1.00 44.31 ? 264 ALA A CA  1 
ATOM   873  C  C   . ALA A 1 111 ? -19.777 11.451  -10.404 1.00 43.76 ? 264 ALA A C   1 
ATOM   874  O  O   . ALA A 1 111 ? -20.161 12.405  -11.076 1.00 40.45 ? 264 ALA A O   1 
ATOM   875  C  CB  . ALA A 1 111 ? -17.392 10.714  -10.475 1.00 45.60 ? 264 ALA A CB  1 
ATOM   876  N  N   . ARG A 1 112 ? -20.492 10.339  -10.260 1.00 46.14 ? 265 ARG A N   1 
ATOM   877  C  CA  . ARG A 1 112 ? -21.791 10.176  -10.913 1.00 48.86 ? 265 ARG A CA  1 
ATOM   878  C  C   . ARG A 1 112 ? -22.790 11.231  -10.429 1.00 49.02 ? 265 ARG A C   1 
ATOM   879  O  O   . ARG A 1 112 ? -23.441 11.903  -11.243 1.00 46.81 ? 265 ARG A O   1 
ATOM   880  C  CB  . ARG A 1 112 ? -22.324 8.769   -10.647 1.00 53.32 ? 265 ARG A CB  1 
ATOM   881  C  CG  . ARG A 1 112 ? -23.614 8.440   -11.369 1.00 59.75 ? 265 ARG A CG  1 
ATOM   882  C  CD  . ARG A 1 112 ? -23.498 8.651   -12.874 1.00 60.56 ? 265 ARG A CD  1 
ATOM   883  N  NE  . ARG A 1 112 ? -24.613 8.009   -13.563 1.00 63.47 ? 265 ARG A NE  1 
ATOM   884  C  CZ  . ARG A 1 112 ? -24.972 8.247   -14.821 1.00 68.80 ? 265 ARG A CZ  1 
ATOM   885  N  NH1 . ARG A 1 112 ? -24.302 9.126   -15.556 1.00 59.17 ? 265 ARG A NH1 1 
ATOM   886  N  NH2 . ARG A 1 112 ? -26.007 7.595   -15.344 1.00 61.85 ? 265 ARG A NH2 1 
ATOM   887  N  N   . LEU A 1 113 ? -22.912 11.381  -9.111  1.00 44.64 ? 266 LEU A N   1 
ATOM   888  C  CA  . LEU A 1 113 ? -23.825 12.379  -8.561  1.00 43.90 ? 266 LEU A CA  1 
ATOM   889  C  C   . LEU A 1 113 ? -23.445 13.792  -8.987  1.00 50.47 ? 266 LEU A C   1 
ATOM   890  O  O   . LEU A 1 113 ? -24.307 14.665  -9.107  1.00 54.46 ? 266 LEU A O   1 
ATOM   891  C  CB  . LEU A 1 113 ? -23.861 12.311  -7.038  1.00 36.89 ? 266 LEU A CB  1 
ATOM   892  C  CG  . LEU A 1 113 ? -24.644 11.138  -6.450  1.00 43.22 ? 266 LEU A CG  1 
ATOM   893  C  CD1 . LEU A 1 113 ? -24.593 11.190  -4.939  1.00 36.75 ? 266 LEU A CD1 1 
ATOM   894  C  CD2 . LEU A 1 113 ? -26.086 11.187  -6.940  1.00 42.31 ? 266 LEU A CD2 1 
ATOM   895  N  N   . GLN A 1 114 ? -22.158 14.017  -9.219  1.00 52.02 ? 267 GLN A N   1 
ATOM   896  C  CA  . GLN A 1 114 ? -21.672 15.333  -9.628  1.00 57.66 ? 267 GLN A CA  1 
ATOM   897  C  C   . GLN A 1 114 ? -22.046 15.615  -11.078 1.00 57.15 ? 267 GLN A C   1 
ATOM   898  O  O   . GLN A 1 114 ? -22.348 16.747  -11.447 1.00 57.41 ? 267 GLN A O   1 
ATOM   899  C  CB  . GLN A 1 114 ? -20.153 15.390  -9.464  1.00 61.99 ? 267 GLN A CB  1 
ATOM   900  C  CG  . GLN A 1 114 ? -19.543 16.728  -9.795  1.00 68.51 ? 267 GLN A CG  1 
ATOM   901  C  CD  . GLN A 1 114 ? -18.076 16.785  -9.424  1.00 80.94 ? 267 GLN A CD  1 
ATOM   902  O  OE1 . GLN A 1 114 ? -17.258 16.021  -9.948  1.00 83.76 ? 267 GLN A OE1 1 
ATOM   903  N  NE2 . GLN A 1 114 ? -17.732 17.689  -8.509  1.00 79.31 ? 267 GLN A NE2 1 
ATOM   904  N  N   . GLU A 1 115 ? -22.024 14.557  -11.881 1.00 58.42 ? 268 GLU A N   1 
ATOM   905  C  CA  . GLU A 1 115 ? -22.353 14.606  -13.298 1.00 61.73 ? 268 GLU A CA  1 
ATOM   906  C  C   . GLU A 1 115 ? -23.848 14.842  -13.566 1.00 63.51 ? 268 GLU A C   1 
ATOM   907  O  O   . GLU A 1 115 ? -24.220 15.365  -14.617 1.00 67.57 ? 268 GLU A O   1 
ATOM   908  C  CB  . GLU A 1 115 ? -21.910 13.291  -13.942 1.00 63.75 ? 268 GLU A CB  1 
ATOM   909  C  CG  . GLU A 1 115 ? -22.253 13.137  -15.403 1.00 73.64 ? 268 GLU A CG  1 
ATOM   910  C  CD  . GLU A 1 115 ? -21.979 11.734  -15.915 1.00 80.42 ? 268 GLU A CD  1 
ATOM   911  O  OE1 . GLU A 1 115 ? -22.194 11.492  -17.123 1.00 88.98 ? 268 GLU A OE1 1 
ATOM   912  O  OE2 . GLU A 1 115 ? -21.555 10.870  -15.113 1.00 76.88 ? 268 GLU A OE2 1 
ATOM   913  N  N   . LEU A 1 116 ? -24.703 14.465  -12.619 1.00 63.36 ? 269 LEU A N   1 
ATOM   914  C  CA  . LEU A 1 116 ? -26.149 14.626  -12.789 1.00 64.87 ? 269 LEU A CA  1 
ATOM   915  C  C   . LEU A 1 116 ? -26.726 15.840  -12.057 1.00 63.35 ? 269 LEU A C   1 
ATOM   916  O  O   . LEU A 1 116 ? -25.992 16.738  -11.640 1.00 67.10 ? 269 LEU A O   1 
ATOM   917  C  CB  . LEU A 1 116 ? -26.865 13.355  -12.317 1.00 60.38 ? 269 LEU A CB  1 
ATOM   918  C  CG  . LEU A 1 116 ? -26.368 12.039  -12.922 1.00 57.31 ? 269 LEU A CG  1 
ATOM   919  C  CD1 . LEU A 1 116 ? -27.104 10.884  -12.279 1.00 52.31 ? 269 LEU A CD1 1 
ATOM   920  C  CD2 . LEU A 1 116 ? -26.583 12.032  -14.433 1.00 63.67 ? 269 LEU A CD2 1 
HETATM 921  C  CHA . HEM B 2 .   ? 5.249   6.230   3.189   1.00 40.09 ? 719 HEM A CHA 1 
HETATM 922  C  CHB . HEM B 2 .   ? 2.468   6.105   -0.749  1.00 33.27 ? 719 HEM A CHB 1 
HETATM 923  C  CHC . HEM B 2 .   ? 1.420   1.501   0.046   1.00 34.98 ? 719 HEM A CHC 1 
HETATM 924  C  CHD . HEM B 2 .   ? 4.497   1.511   3.778   1.00 35.49 ? 719 HEM A CHD 1 
HETATM 925  C  C1A . HEM B 2 .   ? 4.582   6.602   2.036   1.00 43.96 ? 719 HEM A C1A 1 
HETATM 926  C  C2A . HEM B 2 .   ? 4.494   7.950   1.535   1.00 46.83 ? 719 HEM A C2A 1 
HETATM 927  C  C3A . HEM B 2 .   ? 3.645   7.925   0.490   1.00 43.93 ? 719 HEM A C3A 1 
HETATM 928  C  C4A . HEM B 2 .   ? 3.336   6.539   0.231   1.00 38.52 ? 719 HEM A C4A 1 
HETATM 929  C  CMA . HEM B 2 .   ? 3.093   9.134   -0.289  1.00 44.74 ? 719 HEM A CMA 1 
HETATM 930  C  CAA . HEM B 2 .   ? 5.277   9.164   2.020   1.00 56.31 ? 719 HEM A CAA 1 
HETATM 931  C  CBA . HEM B 2 .   ? 4.313   10.208  2.533   1.00 65.45 ? 719 HEM A CBA 1 
HETATM 932  C  CGA . HEM B 2 .   ? 4.934   11.581  2.604   1.00 68.78 ? 719 HEM A CGA 1 
HETATM 933  O  O1A . HEM B 2 .   ? 4.195   12.539  2.904   1.00 74.48 ? 719 HEM A O1A 1 
HETATM 934  O  O2A . HEM B 2 .   ? 6.156   11.702  2.361   1.00 69.26 ? 719 HEM A O2A 1 
HETATM 935  C  C1B . HEM B 2 .   ? 2.027   4.812   -0.936  1.00 34.73 ? 719 HEM A C1B 1 
HETATM 936  C  C2B . HEM B 2 .   ? 1.189   4.381   -2.034  1.00 33.20 ? 719 HEM A C2B 1 
HETATM 937  C  C3B . HEM B 2 .   ? 0.858   3.103   -1.795  1.00 35.45 ? 719 HEM A C3B 1 
HETATM 938  C  C4B . HEM B 2 .   ? 1.532   2.722   -0.578  1.00 30.10 ? 719 HEM A C4B 1 
HETATM 939  C  CMB . HEM B 2 .   ? 0.728   5.157   -3.270  1.00 38.14 ? 719 HEM A CMB 1 
HETATM 940  C  CAB . HEM B 2 .   ? -0.014  2.426   -2.644  1.00 33.46 ? 719 HEM A CAB 1 
HETATM 941  C  CBB . HEM B 2 .   ? -0.043  1.029   -2.949  1.00 34.88 ? 719 HEM A CBB 1 
HETATM 942  C  C1C . HEM B 2 .   ? 2.152   1.117   1.145   1.00 34.35 ? 719 HEM A C1C 1 
HETATM 943  C  C2C . HEM B 2 .   ? 2.044   -0.163  1.782   1.00 31.07 ? 719 HEM A C2C 1 
HETATM 944  C  C3C . HEM B 2 .   ? 2.981   -0.208  2.735   1.00 36.11 ? 719 HEM A C3C 1 
HETATM 945  C  C4C . HEM B 2 .   ? 3.586   1.107   2.806   1.00 36.00 ? 719 HEM A C4C 1 
HETATM 946  C  CMC . HEM B 2 .   ? 1.116   -1.293  1.400   1.00 30.83 ? 719 HEM A CMC 1 
HETATM 947  C  CAC . HEM B 2 .   ? 3.259   -1.387  3.421   1.00 41.19 ? 719 HEM A CAC 1 
HETATM 948  C  CBC . HEM B 2 .   ? 2.947   -1.634  4.734   1.00 35.85 ? 719 HEM A CBC 1 
HETATM 949  C  C1D . HEM B 2 .   ? 5.072   2.769   3.883   1.00 44.49 ? 719 HEM A C1D 1 
HETATM 950  C  C2D . HEM B 2 .   ? 5.927   3.198   4.963   1.00 39.52 ? 719 HEM A C2D 1 
HETATM 951  C  C3D . HEM B 2 .   ? 6.110   4.530   4.817   1.00 42.60 ? 719 HEM A C3D 1 
HETATM 952  C  C4D . HEM B 2 .   ? 5.372   4.928   3.644   1.00 44.87 ? 719 HEM A C4D 1 
HETATM 953  C  CMD . HEM B 2 .   ? 6.459   2.368   6.120   1.00 45.07 ? 719 HEM A CMD 1 
HETATM 954  C  CAD . HEM B 2 .   ? 6.908   5.422   5.785   1.00 47.73 ? 719 HEM A CAD 1 
HETATM 955  C  CBD . HEM B 2 .   ? 6.200   5.683   7.114   1.00 57.69 ? 719 HEM A CBD 1 
HETATM 956  C  CGD . HEM B 2 .   ? 5.441   7.006   7.134   1.00 63.54 ? 719 HEM A CGD 1 
HETATM 957  O  O1D . HEM B 2 .   ? 4.540   7.168   7.988   1.00 57.76 ? 719 HEM A O1D 1 
HETATM 958  O  O2D . HEM B 2 .   ? 5.757   7.888   6.306   1.00 62.09 ? 719 HEM A O2D 1 
HETATM 959  N  NA  . HEM B 2 .   ? 3.939   5.734   1.176   1.00 40.13 ? 719 HEM A NA  1 
HETATM 960  N  NB  . HEM B 2 .   ? 2.371   3.726   -0.155  1.00 36.81 ? 719 HEM A NB  1 
HETATM 961  N  NC  . HEM B 2 .   ? 3.111   1.888   1.774   1.00 37.82 ? 719 HEM A NC  1 
HETATM 962  N  ND  . HEM B 2 .   ? 4.829   3.822   3.019   1.00 38.01 ? 719 HEM A ND  1 
HETATM 963  FE FE  . HEM B 2 .   ? 3.712   3.756   1.395   1.00 39.28 ? 719 HEM A FE  1 
HETATM 964  O  O   . HOH C 3 .   ? 1.318   -14.297 2.233   1.00 39.04 ? 1   HOH A O   1 
HETATM 965  O  O   . HOH C 3 .   ? -7.022  -8.889  4.201   1.00 44.22 ? 2   HOH A O   1 
HETATM 966  O  O   . HOH C 3 .   ? -6.033  11.835  2.602   1.00 40.13 ? 3   HOH A O   1 
HETATM 967  O  O   . HOH C 3 .   ? 9.297   0.749   -1.400  1.00 40.36 ? 4   HOH A O   1 
HETATM 968  O  O   . HOH C 3 .   ? -6.967  1.763   5.624   1.00 45.53 ? 5   HOH A O   1 
HETATM 969  O  O   . HOH C 3 .   ? -1.938  4.935   9.379   1.00 47.94 ? 6   HOH A O   1 
HETATM 970  O  O   . HOH C 3 .   ? 3.314   4.433   -13.351 1.00 52.71 ? 7   HOH A O   1 
HETATM 971  O  O   . HOH C 3 .   ? -2.715  -15.120 1.100   1.00 49.68 ? 8   HOH A O   1 
HETATM 972  O  O   . HOH C 3 .   ? 1.879   1.538   14.904  1.00 48.72 ? 9   HOH A O   1 
HETATM 973  O  O   . HOH C 3 .   ? 0.396   -3.760  -9.277  1.00 49.05 ? 10  HOH A O   1 
HETATM 974  O  O   . HOH C 3 .   ? 0.248   11.311  -1.323  1.00 55.48 ? 11  HOH A O   1 
HETATM 975  O  O   . HOH C 3 .   ? 10.996  2.976   -4.653  1.00 54.96 ? 13  HOH A O   1 
HETATM 976  O  O   . HOH C 3 .   ? 13.019  -5.366  8.654   1.00 53.49 ? 14  HOH A O   1 
HETATM 977  O  O   . HOH C 3 .   ? 10.345  -5.785  -6.912  1.00 50.86 ? 15  HOH A O   1 
HETATM 978  O  O   . HOH C 3 .   ? -7.928  -11.606 3.292   1.00 51.30 ? 16  HOH A O   1 
HETATM 979  O  O   . HOH C 3 .   ? -15.001 1.090   -3.017  1.00 68.75 ? 18  HOH A O   1 
HETATM 980  O  O   . HOH C 3 .   ? -9.720  -5.660  5.833   1.00 69.68 ? 19  HOH A O   1 
HETATM 981  O  O   . HOH C 3 .   ? -0.213  6.971   -5.706  1.00 60.74 ? 20  HOH A O   1 
HETATM 982  O  O   . HOH C 3 .   ? -7.153  7.355   -8.192  1.00 62.54 ? 21  HOH A O   1 
HETATM 983  O  O   . HOH C 3 .   ? -7.266  8.962   7.832   1.00 54.32 ? 22  HOH A O   1 
HETATM 984  O  O   . HOH C 3 .   ? 10.739  -2.768  -7.599  1.00 61.28 ? 23  HOH A O   1 
HETATM 985  O  O   . HOH C 3 .   ? -2.330  -19.244 1.416   1.00 58.79 ? 24  HOH A O   1 
HETATM 986  O  O   . HOH C 3 .   ? 12.319  -11.646 12.133  1.00 67.16 ? 27  HOH A O   1 
HETATM 987  O  O   . HOH C 3 .   ? -10.710 -6.082  -8.159  1.00 81.84 ? 28  HOH A O   1 
HETATM 988  O  O   . HOH C 3 .   ? 12.699  12.197  -7.152  1.00 82.59 ? 29  HOH A O   1 
HETATM 989  O  O   . HOH C 3 .   ? 13.612  -11.151 -2.847  1.00 58.96 ? 31  HOH A O   1 
HETATM 990  O  O   . HOH C 3 .   ? 0.665   -17.896 -8.332  1.00 57.30 ? 32  HOH A O   1 
HETATM 991  O  O   . HOH C 3 .   ? 8.748   -3.036  21.275  1.00 65.75 ? 35  HOH A O   1 
HETATM 992  O  O   . HOH C 3 .   ? -0.662  3.658   12.831  1.00 77.06 ? 37  HOH A O   1 
HETATM 993  O  O   . HOH C 3 .   ? 15.220  -12.176 11.945  1.00 86.55 ? 40  HOH A O   1 
HETATM 994  O  O   . HOH C 3 .   ? 6.745   2.584   -13.718 1.00 79.05 ? 44  HOH A O   1 
HETATM 995  O  O   . HOH C 3 .   ? 13.856  -3.680  -3.718  1.00 61.43 ? 46  HOH A O   1 
HETATM 996  O  O   . HOH C 3 .   ? -4.931  -6.762  -12.435 1.00 74.39 ? 48  HOH A O   1 
HETATM 997  O  O   . HOH C 3 .   ? 9.797   10.139  -9.738  1.00 74.03 ? 49  HOH A O   1 
HETATM 998  O  O   . HOH C 3 .   ? 0.160   -18.255 -4.533  1.00 52.79 ? 50  HOH A O   1 
HETATM 999  O  O   . HOH C 3 .   ? 8.856   15.168  9.216   1.00 89.33 ? 51  HOH A O   1 
HETATM 1000 O  O   . HOH C 3 .   ? 6.056   14.555  10.468  1.00 82.78 ? 52  HOH A O   1 
HETATM 1001 O  O   . HOH C 3 .   ? 14.302  1.218   11.438  1.00 77.60 ? 53  HOH A O   1 
HETATM 1002 O  O   . HOH C 3 .   ? -1.733  9.576   -4.926  1.00 65.96 ? 59  HOH A O   1 
HETATM 1003 O  O   . HOH C 3 .   ? 3.682   -1.130  17.649  1.00 80.05 ? 60  HOH A O   1 
HETATM 1004 O  O   . HOH C 3 .   ? 13.427  5.630   -3.765  1.00 60.20 ? 61  HOH A O   1 
HETATM 1005 O  O   . HOH C 3 .   ? -10.423 -7.751  -1.619  1.00 56.79 ? 64  HOH A O   1 
HETATM 1006 O  O   . HOH C 3 .   ? -11.577 -10.990 -0.494  1.00 71.23 ? 65  HOH A O   1 
HETATM 1007 O  O   . HOH C 3 .   ? -13.018 -17.517 -0.807  1.00 76.56 ? 66  HOH A O   1 
HETATM 1008 O  O   . HOH C 3 .   ? -18.066 14.068  -12.446 1.00 73.69 ? 67  HOH A O   1 
HETATM 1009 O  O   . HOH C 3 .   ? -13.814 -1.654  8.676   1.00 61.39 ? 68  HOH A O   1 
HETATM 1010 O  O   . HOH C 3 .   ? 2.831   11.515  -2.383  1.00 75.37 ? 69  HOH A O   1 
HETATM 1011 O  O   . HOH C 3 .   ? -7.975  -6.462  -9.661  1.00 82.44 ? 70  HOH A O   1 
HETATM 1012 O  O   . HOH C 3 .   ? -5.238  -15.178 -5.538  1.00 90.92 ? 72  HOH A O   1 
HETATM 1013 O  O   . HOH C 3 .   ? -23.637 0.907   -6.050  1.00 65.11 ? 73  HOH A O   1 
HETATM 1014 O  O   . HOH C 3 .   ? -8.891  -4.410  -13.230 1.00 80.91 ? 74  HOH A O   1 
HETATM 1015 O  O   . HOH C 3 .   ? -26.838 18.625  -13.037 1.00 67.47 ? 75  HOH A O   1 
HETATM 1016 O  O   . HOH C 3 .   ? -17.765 0.754   -7.616  1.00 82.72 ? 77  HOH A O   1 
HETATM 1017 O  O   . HOH C 3 .   ? 7.265   17.144  6.226   1.00 74.32 ? 78  HOH A O   1 
HETATM 1018 O  O   . HOH C 3 .   ? 14.456  -5.509  19.363  1.00 92.09 ? 80  HOH A O   1 
HETATM 1019 O  O   . HOH C 3 .   ? 18.374  -6.790  2.599   1.00 88.73 ? 81  HOH A O   1 
HETATM 1020 O  O   . HOH C 3 .   ? -16.601 14.689  -7.713  1.00 68.76 ? 82  HOH A O   1 
HETATM 1021 O  O   . HOH C 3 .   ? 1.867   -0.627  -15.817 1.00 92.42 ? 85  HOH A O   1 
HETATM 1022 O  O   . HOH C 3 .   ? 0.059   9.003   -3.168  1.00 60.32 ? 88  HOH A O   1 
HETATM 1023 O  O   . HOH C 3 .   ? 13.239  -8.809  -5.152  1.00 70.86 ? 91  HOH A O   1 
HETATM 1024 O  O   . HOH C 3 .   ? -16.217 -1.338  7.817   1.00 74.30 ? 92  HOH A O   1 
HETATM 1025 O  O   . HOH C 3 .   ? 3.599   14.711  4.285   1.00 83.58 ? 93  HOH A O   1 
HETATM 1026 O  O   . HOH C 3 .   ? -24.538 11.968  -18.414 1.00 81.45 ? 94  HOH A O   1 
HETATM 1027 O  O   . HOH C 3 .   ? -16.046 1.344   5.812   1.00 89.00 ? 96  HOH A O   1 
HETATM 1028 O  O   . HOH C 3 .   ? -20.542 3.759   -7.922  1.00 80.47 ? 97  HOH A O   1 
HETATM 1029 O  O   . HOH C 3 .   ? 17.846  -2.109  0.624   1.00 91.90 ? 98  HOH A O   1 
HETATM 1030 O  O   . HOH C 3 .   ? -1.595  11.805  5.475   1.00 65.60 ? 99  HOH A O   1 
HETATM 1031 O  O   . HOH C 3 .   ? -12.240 -17.335 -4.026  1.00 81.15 ? 100 HOH A O   1 
HETATM 1032 O  O   . HOH C 3 .   ? -12.061 -0.103  -10.256 1.00 87.69 ? 101 HOH A O   1 
HETATM 1033 O  O   . HOH C 3 .   ? 11.991  -8.350  18.022  1.00 65.85 ? 102 HOH A O   1 
HETATM 1034 O  O   . HOH C 3 .   ? -5.425  -14.416 3.910   1.00 60.83 ? 108 HOH A O   1 
HETATM 1035 O  O   . HOH C 3 .   ? 16.599  -6.309  0.530   1.00 70.62 ? 109 HOH A O   1 
HETATM 1036 O  O   . HOH C 3 .   ? 12.115  9.829   -8.798  1.00 75.71 ? 115 HOH A O   1 
HETATM 1037 O  O   . HOH C 3 .   ? 14.089  -14.244 12.837  1.00 79.73 ? 117 HOH A O   1 
HETATM 1038 O  O   . HOH C 3 .   ? -26.509 9.848   -18.033 1.00 71.61 ? 118 HOH A O   1 
HETATM 1039 O  O   . HOH C 3 .   ? -25.148 18.824  -10.815 1.00 61.50 ? 121 HOH A O   1 
HETATM 1040 O  O   . HOH C 3 .   ? 13.745  9.102   -5.282  1.00 75.57 ? 131 HOH A O   1 
HETATM 1041 O  O   . HOH C 3 .   ? 6.524   11.473  -5.948  1.00 94.36 ? 134 HOH A O   1 
HETATM 1042 O  O   . HOH C 3 .   ? 7.083   13.646  12.865  1.00 84.42 ? 136 HOH A O   1 
HETATM 1043 O  O   . HOH C 3 .   ? 8.416   9.113   5.300   1.00 72.44 ? 138 HOH A O   1 
HETATM 1044 O  O   . HOH C 3 .   ? -23.365 19.518  -8.278  1.00 92.48 ? 139 HOH A O   1 
# 
loop_
_pdbx_poly_seq_scheme.asym_id 
_pdbx_poly_seq_scheme.entity_id 
_pdbx_poly_seq_scheme.seq_id 
_pdbx_poly_seq_scheme.mon_id 
_pdbx_poly_seq_scheme.ndb_seq_num 
_pdbx_poly_seq_scheme.pdb_seq_num 
_pdbx_poly_seq_scheme.auth_seq_num 
_pdbx_poly_seq_scheme.pdb_mon_id 
_pdbx_poly_seq_scheme.auth_mon_id 
_pdbx_poly_seq_scheme.pdb_strand_id 
_pdbx_poly_seq_scheme.pdb_ins_code 
_pdbx_poly_seq_scheme.hetero 
A 1 1   ASP 1   154 154 ASP ASP A . n 
A 1 2   ALA 2   155 155 ALA ALA A . n 
A 1 3   MET 3   156 156 MET MET A . n 
A 1 4   ILE 4   157 157 ILE ILE A . n 
A 1 5   VAL 5   158 158 VAL VAL A . n 
A 1 6   ILE 6   159 159 ILE ILE A . n 
A 1 7   ASP 7   160 160 ASP ASP A . n 
A 1 8   GLY 8   161 161 GLY GLY A . n 
A 1 9   HIS 9   162 162 HIS HIS A . n 
A 1 10  GLY 10  163 163 GLY GLY A . n 
A 1 11  ILE 11  164 164 ILE ILE A . n 
A 1 12  ILE 12  165 165 ILE ILE A . n 
A 1 13  GLN 13  166 166 GLN GLN A . n 
A 1 14  LEU 14  167 167 LEU LEU A . n 
A 1 15  PHE 15  168 168 PHE PHE A . n 
A 1 16  SER 16  169 169 SER SER A . n 
A 1 17  THR 17  170 170 THR THR A . n 
A 1 18  ALA 18  171 171 ALA ALA A . n 
A 1 19  ALA 19  172 172 ALA ALA A . n 
A 1 20  GLU 20  173 173 GLU GLU A . n 
A 1 21  ARG 21  174 174 ARG ARG A . n 
A 1 22  LEU 22  175 175 LEU LEU A . n 
A 1 23  PHE 23  176 176 PHE PHE A . n 
A 1 24  GLY 24  177 177 GLY GLY A . n 
A 1 25  TRP 25  178 178 TRP TRP A . n 
A 1 26  SER 26  179 179 SER SER A . n 
A 1 27  GLU 27  180 180 GLU GLU A . n 
A 1 28  LEU 28  181 181 LEU LEU A . n 
A 1 29  GLU 29  182 182 GLU GLU A . n 
A 1 30  ALA 30  183 183 ALA ALA A . n 
A 1 31  ILE 31  184 184 ILE ILE A . n 
A 1 32  GLY 32  185 185 GLY GLY A . n 
A 1 33  GLN 33  186 186 GLN GLN A . n 
A 1 34  ASN 34  187 187 ASN ASN A . n 
A 1 35  VAL 35  188 188 VAL VAL A . n 
A 1 36  ASN 36  189 189 ASN ASN A . n 
A 1 37  ILE 37  190 190 ILE ILE A . n 
A 1 38  LEU 38  191 191 LEU LEU A . n 
A 1 39  MET 39  192 192 MET MET A . n 
A 1 40  PRO 40  193 193 PRO PRO A . n 
A 1 41  GLU 41  194 194 GLU GLU A . n 
A 1 42  PRO 42  195 195 PRO PRO A . n 
A 1 43  ASP 43  196 196 ASP ASP A . n 
A 1 44  ARG 44  197 197 ARG ARG A . n 
A 1 45  SER 45  198 198 SER SER A . n 
A 1 46  ARG 46  199 199 ARG ARG A . n 
A 1 47  HIS 47  200 200 HIS HIS A . n 
A 1 48  ASP 48  201 201 ASP ASP A . n 
A 1 49  SER 49  202 202 SER SER A . n 
A 1 50  TYR 50  203 203 TYR TYR A . n 
A 1 51  ILE 51  204 204 ILE ILE A . n 
A 1 52  SER 52  205 205 SER SER A . n 
A 1 53  ARG 53  206 206 ARG ARG A . n 
A 1 54  TYR 54  207 207 TYR TYR A . n 
A 1 55  ARG 55  208 208 ARG ARG A . n 
A 1 56  THR 56  209 209 THR THR A . n 
A 1 57  THR 57  210 210 THR THR A . n 
A 1 58  SER 58  211 211 SER SER A . n 
A 1 59  ASP 59  212 212 ASP ASP A . n 
A 1 60  PRO 60  213 213 PRO PRO A . n 
A 1 61  HIS 61  214 214 HIS HIS A . n 
A 1 62  ILE 62  215 215 ILE ILE A . n 
A 1 63  ILE 63  216 216 ILE ILE A . n 
A 1 64  GLY 64  217 217 GLY GLY A . n 
A 1 65  ILE 65  218 218 ILE ILE A . n 
A 1 66  GLY 66  219 219 GLY GLY A . n 
A 1 67  ARG 67  220 220 ARG ARG A . n 
A 1 68  ILE 68  221 221 ILE ILE A . n 
A 1 69  VAL 69  222 222 VAL VAL A . n 
A 1 70  THR 70  223 223 THR THR A . n 
A 1 71  GLY 71  224 224 GLY GLY A . n 
A 1 72  LYS 72  225 225 LYS LYS A . n 
A 1 73  ARG 73  226 226 ARG ARG A . n 
A 1 74  ARG 74  227 227 ARG ARG A . n 
A 1 75  ASP 75  228 228 ASP ASP A . n 
A 1 76  GLY 76  229 229 GLY GLY A . n 
A 1 77  THR 77  230 230 THR THR A . n 
A 1 78  THR 78  231 231 THR THR A . n 
A 1 79  PHE 79  232 232 PHE PHE A . n 
A 1 80  PRO 80  233 233 PRO PRO A . n 
A 1 81  MET 81  234 234 MET MET A . n 
A 1 82  HIS 82  235 235 HIS HIS A . n 
A 1 83  LEU 83  236 236 LEU LEU A . n 
A 1 84  SER 84  237 237 SER SER A . n 
A 1 85  ILE 85  238 238 ILE ILE A . n 
A 1 86  GLY 86  239 239 GLY GLY A . n 
A 1 87  GLU 87  240 240 GLU GLU A . n 
A 1 88  MET 88  241 241 MET MET A . n 
A 1 89  GLN 89  242 242 GLN GLN A . n 
A 1 90  SER 90  243 243 SER SER A . n 
A 1 91  GLY 91  244 244 GLY GLY A . n 
A 1 92  GLY 92  245 245 GLY GLY A . n 
A 1 93  GLU 93  246 246 GLU GLU A . n 
A 1 94  PRO 94  247 247 PRO PRO A . n 
A 1 95  TYR 95  248 248 TYR TYR A . n 
A 1 96  PHE 96  249 249 PHE PHE A . n 
A 1 97  THR 97  250 250 THR THR A . n 
A 1 98  GLY 98  251 251 GLY GLY A . n 
A 1 99  PHE 99  252 252 PHE PHE A . n 
A 1 100 VAL 100 253 253 VAL VAL A . n 
A 1 101 ARG 101 254 254 ARG ARG A . n 
A 1 102 ASP 102 255 255 ASP ASP A . n 
A 1 103 LEU 103 256 256 LEU LEU A . n 
A 1 104 THR 104 257 257 THR THR A . n 
A 1 105 GLU 105 258 258 GLU GLU A . n 
A 1 106 HIS 106 259 259 HIS HIS A . n 
A 1 107 GLN 107 260 260 GLN GLN A . n 
A 1 108 GLN 108 261 261 GLN GLN A . n 
A 1 109 THR 109 262 262 THR THR A . n 
A 1 110 GLN 110 263 263 GLN GLN A . n 
A 1 111 ALA 111 264 264 ALA ALA A . n 
A 1 112 ARG 112 265 265 ARG ARG A . n 
A 1 113 LEU 113 266 266 LEU LEU A . n 
A 1 114 GLN 114 267 267 GLN GLN A . n 
A 1 115 GLU 115 268 268 GLU GLU A . n 
A 1 116 LEU 116 269 269 LEU LEU A . n 
# 
loop_
_pdbx_nonpoly_scheme.asym_id 
_pdbx_nonpoly_scheme.entity_id 
_pdbx_nonpoly_scheme.mon_id 
_pdbx_nonpoly_scheme.ndb_seq_num 
_pdbx_nonpoly_scheme.pdb_seq_num 
_pdbx_nonpoly_scheme.auth_seq_num 
_pdbx_nonpoly_scheme.pdb_mon_id 
_pdbx_nonpoly_scheme.auth_mon_id 
_pdbx_nonpoly_scheme.pdb_strand_id 
_pdbx_nonpoly_scheme.pdb_ins_code 
B 2 HEM 1  719 719 HEM HEM A . 
C 3 HOH 1  1   1   HOH HOH A . 
C 3 HOH 2  2   2   HOH HOH A . 
C 3 HOH 3  3   3   HOH HOH A . 
C 3 HOH 4  4   4   HOH HOH A . 
C 3 HOH 5  5   5   HOH HOH A . 
C 3 HOH 6  6   6   HOH HOH A . 
C 3 HOH 7  7   7   HOH HOH A . 
C 3 HOH 8  8   8   HOH HOH A . 
C 3 HOH 9  9   9   HOH HOH A . 
C 3 HOH 10 10  10  HOH HOH A . 
C 3 HOH 11 11  11  HOH HOH A . 
C 3 HOH 12 13  13  HOH HOH A . 
C 3 HOH 13 14  14  HOH HOH A . 
C 3 HOH 14 15  15  HOH HOH A . 
C 3 HOH 15 16  16  HOH HOH A . 
C 3 HOH 16 18  18  HOH HOH A . 
C 3 HOH 17 19  19  HOH HOH A . 
C 3 HOH 18 20  20  HOH HOH A . 
C 3 HOH 19 21  21  HOH HOH A . 
C 3 HOH 20 22  22  HOH HOH A . 
C 3 HOH 21 23  23  HOH HOH A . 
C 3 HOH 22 24  24  HOH HOH A . 
C 3 HOH 23 27  27  HOH HOH A . 
C 3 HOH 24 28  28  HOH HOH A . 
C 3 HOH 25 29  29  HOH HOH A . 
C 3 HOH 26 31  31  HOH HOH A . 
C 3 HOH 27 32  32  HOH HOH A . 
C 3 HOH 28 35  35  HOH HOH A . 
C 3 HOH 29 37  37  HOH HOH A . 
C 3 HOH 30 40  40  HOH HOH A . 
C 3 HOH 31 44  44  HOH HOH A . 
C 3 HOH 32 46  46  HOH HOH A . 
C 3 HOH 33 48  48  HOH HOH A . 
C 3 HOH 34 49  49  HOH HOH A . 
C 3 HOH 35 50  50  HOH HOH A . 
C 3 HOH 36 51  51  HOH HOH A . 
C 3 HOH 37 52  52  HOH HOH A . 
C 3 HOH 38 53  53  HOH HOH A . 
C 3 HOH 39 59  59  HOH HOH A . 
C 3 HOH 40 60  60  HOH HOH A . 
C 3 HOH 41 61  61  HOH HOH A . 
C 3 HOH 42 64  64  HOH HOH A . 
C 3 HOH 43 65  65  HOH HOH A . 
C 3 HOH 44 66  66  HOH HOH A . 
C 3 HOH 45 67  67  HOH HOH A . 
C 3 HOH 46 68  68  HOH HOH A . 
C 3 HOH 47 69  69  HOH HOH A . 
C 3 HOH 48 70  70  HOH HOH A . 
C 3 HOH 49 72  72  HOH HOH A . 
C 3 HOH 50 73  73  HOH HOH A . 
C 3 HOH 51 74  74  HOH HOH A . 
C 3 HOH 52 75  75  HOH HOH A . 
C 3 HOH 53 77  77  HOH HOH A . 
C 3 HOH 54 78  78  HOH HOH A . 
C 3 HOH 55 80  80  HOH HOH A . 
C 3 HOH 56 81  81  HOH HOH A . 
C 3 HOH 57 82  82  HOH HOH A . 
C 3 HOH 58 85  85  HOH HOH A . 
C 3 HOH 59 88  88  HOH HOH A . 
C 3 HOH 60 91  91  HOH HOH A . 
C 3 HOH 61 92  92  HOH HOH A . 
C 3 HOH 62 93  93  HOH HOH A . 
C 3 HOH 63 94  94  HOH HOH A . 
C 3 HOH 64 96  96  HOH HOH A . 
C 3 HOH 65 97  97  HOH HOH A . 
C 3 HOH 66 98  98  HOH HOH A . 
C 3 HOH 67 99  99  HOH HOH A . 
C 3 HOH 68 100 100 HOH HOH A . 
C 3 HOH 69 101 101 HOH HOH A . 
C 3 HOH 70 102 102 HOH HOH A . 
C 3 HOH 71 108 108 HOH HOH A . 
C 3 HOH 72 109 109 HOH HOH A . 
C 3 HOH 73 115 115 HOH HOH A . 
C 3 HOH 74 117 117 HOH HOH A . 
C 3 HOH 75 118 118 HOH HOH A . 
C 3 HOH 76 121 121 HOH HOH A . 
C 3 HOH 77 131 131 HOH HOH A . 
C 3 HOH 78 134 134 HOH HOH A . 
C 3 HOH 79 136 136 HOH HOH A . 
C 3 HOH 80 138 138 HOH HOH A . 
C 3 HOH 81 139 139 HOH HOH A . 
# 
_pdbx_struct_assembly.id                   1 
_pdbx_struct_assembly.details              author_defined_assembly 
_pdbx_struct_assembly.method_details       ? 
_pdbx_struct_assembly.oligomeric_details   monomeric 
_pdbx_struct_assembly.oligomeric_count     1 
# 
_pdbx_struct_assembly_gen.assembly_id       1 
_pdbx_struct_assembly_gen.oper_expression   1 
_pdbx_struct_assembly_gen.asym_id_list      A,B,C 
# 
_pdbx_struct_oper_list.id                   1 
_pdbx_struct_oper_list.type                 'identity operation' 
_pdbx_struct_oper_list.name                 1_555 
_pdbx_struct_oper_list.symmetry_operation   x,y,z 
_pdbx_struct_oper_list.matrix[1][1]         1.0000000000 
_pdbx_struct_oper_list.matrix[1][2]         0.0000000000 
_pdbx_struct_oper_list.matrix[1][3]         0.0000000000 
_pdbx_struct_oper_list.vector[1]            0.0000000000 
_pdbx_struct_oper_list.matrix[2][1]         0.0000000000 
_pdbx_struct_oper_list.matrix[2][2]         1.0000000000 
_pdbx_struct_oper_list.matrix[2][3]         0.0000000000 
_pdbx_struct_oper_list.vector[2]            0.0000000000 
_pdbx_struct_oper_list.matrix[3][1]         0.0000000000 
_pdbx_struct_oper_list.matrix[3][2]         0.0000000000 
_pdbx_struct_oper_list.matrix[3][3]         1.0000000000 
_pdbx_struct_oper_list.vector[3]            0.0000000000 
# 
loop_
_pdbx_struct_conn_angle.id 
_pdbx_struct_conn_angle.ptnr1_label_atom_id 
_pdbx_struct_conn_angle.ptnr1_label_alt_id 
_pdbx_struct_conn_angle.ptnr1_label_asym_id 
_pdbx_struct_conn_angle.ptnr1_label_comp_id 
_pdbx_struct_conn_angle.ptnr1_label_seq_id 
_pdbx_struct_conn_angle.ptnr1_auth_atom_id 
_pdbx_struct_conn_angle.ptnr1_auth_asym_id 
_pdbx_struct_conn_angle.ptnr1_auth_comp_id 
_pdbx_struct_conn_angle.ptnr1_auth_seq_id 
_pdbx_struct_conn_angle.ptnr1_PDB_ins_code 
_pdbx_struct_conn_angle.ptnr1_symmetry 
_pdbx_struct_conn_angle.ptnr2_label_atom_id 
_pdbx_struct_conn_angle.ptnr2_label_alt_id 
_pdbx_struct_conn_angle.ptnr2_label_asym_id 
_pdbx_struct_conn_angle.ptnr2_label_comp_id 
_pdbx_struct_conn_angle.ptnr2_label_seq_id 
_pdbx_struct_conn_angle.ptnr2_auth_atom_id 
_pdbx_struct_conn_angle.ptnr2_auth_asym_id 
_pdbx_struct_conn_angle.ptnr2_auth_comp_id 
_pdbx_struct_conn_angle.ptnr2_auth_seq_id 
_pdbx_struct_conn_angle.ptnr2_PDB_ins_code 
_pdbx_struct_conn_angle.ptnr2_symmetry 
_pdbx_struct_conn_angle.ptnr3_label_atom_id 
_pdbx_struct_conn_angle.ptnr3_label_alt_id 
_pdbx_struct_conn_angle.ptnr3_label_asym_id 
_pdbx_struct_conn_angle.ptnr3_label_comp_id 
_pdbx_struct_conn_angle.ptnr3_label_seq_id 
_pdbx_struct_conn_angle.ptnr3_auth_atom_id 
_pdbx_struct_conn_angle.ptnr3_auth_asym_id 
_pdbx_struct_conn_angle.ptnr3_auth_comp_id 
_pdbx_struct_conn_angle.ptnr3_auth_seq_id 
_pdbx_struct_conn_angle.ptnr3_PDB_ins_code 
_pdbx_struct_conn_angle.ptnr3_symmetry 
_pdbx_struct_conn_angle.value 
_pdbx_struct_conn_angle.value_esd 
1  NE2 ? A HIS 47 ? A HIS 200 ? 1_555 FE ? B HEM . ? A HEM 719 ? 1_555 NA ? B HEM . ? A HEM 719 ? 1_555 96.5  ? 
2  NE2 ? A HIS 47 ? A HIS 200 ? 1_555 FE ? B HEM . ? A HEM 719 ? 1_555 NB ? B HEM . ? A HEM 719 ? 1_555 93.9  ? 
3  NA  ? B HEM .  ? A HEM 719 ? 1_555 FE ? B HEM . ? A HEM 719 ? 1_555 NB ? B HEM . ? A HEM 719 ? 1_555 90.3  ? 
4  NE2 ? A HIS 47 ? A HIS 200 ? 1_555 FE ? B HEM . ? A HEM 719 ? 1_555 NC ? B HEM . ? A HEM 719 ? 1_555 95.3  ? 
5  NA  ? B HEM .  ? A HEM 719 ? 1_555 FE ? B HEM . ? A HEM 719 ? 1_555 NC ? B HEM . ? A HEM 719 ? 1_555 167.9 ? 
6  NB  ? B HEM .  ? A HEM 719 ? 1_555 FE ? B HEM . ? A HEM 719 ? 1_555 NC ? B HEM . ? A HEM 719 ? 1_555 86.1  ? 
7  NE2 ? A HIS 47 ? A HIS 200 ? 1_555 FE ? B HEM . ? A HEM 719 ? 1_555 ND ? B HEM . ? A HEM 719 ? 1_555 92.5  ? 
8  NA  ? B HEM .  ? A HEM 719 ? 1_555 FE ? B HEM . ? A HEM 719 ? 1_555 ND ? B HEM . ? A HEM 719 ? 1_555 89.6  ? 
9  NB  ? B HEM .  ? A HEM 719 ? 1_555 FE ? B HEM . ? A HEM 719 ? 1_555 ND ? B HEM . ? A HEM 719 ? 1_555 173.6 ? 
10 NC  ? B HEM .  ? A HEM 719 ? 1_555 FE ? B HEM . ? A HEM 719 ? 1_555 ND ? B HEM . ? A HEM 719 ? 1_555 92.6  ? 
# 
loop_
_pdbx_audit_revision_history.ordinal 
_pdbx_audit_revision_history.data_content_type 
_pdbx_audit_revision_history.major_revision 
_pdbx_audit_revision_history.minor_revision 
_pdbx_audit_revision_history.revision_date 
1 'Structure model' 1 0 2005-03-29 
2 'Structure model' 1 1 2008-04-30 
3 'Structure model' 1 2 2011-07-13 
4 'Structure model' 1 3 2023-08-23 
# 
_pdbx_audit_revision_details.ordinal             1 
_pdbx_audit_revision_details.revision_ordinal    1 
_pdbx_audit_revision_details.data_content_type   'Structure model' 
_pdbx_audit_revision_details.provider            repository 
_pdbx_audit_revision_details.type                'Initial release' 
_pdbx_audit_revision_details.description         ? 
_pdbx_audit_revision_details.details             ? 
# 
loop_
_pdbx_audit_revision_group.ordinal 
_pdbx_audit_revision_group.revision_ordinal 
_pdbx_audit_revision_group.data_content_type 
_pdbx_audit_revision_group.group 
1 2 'Structure model' 'Version format compliance' 
2 3 'Structure model' 'Version format compliance' 
3 4 'Structure model' 'Data collection'           
4 4 'Structure model' 'Database references'       
5 4 'Structure model' 'Derived calculations'      
6 4 'Structure model' 'Refinement description'    
# 
loop_
_pdbx_audit_revision_category.ordinal 
_pdbx_audit_revision_category.revision_ordinal 
_pdbx_audit_revision_category.data_content_type 
_pdbx_audit_revision_category.category 
1 4 'Structure model' chem_comp_atom                
2 4 'Structure model' chem_comp_bond                
3 4 'Structure model' database_2                    
4 4 'Structure model' pdbx_initial_refinement_model 
5 4 'Structure model' struct_conn                   
6 4 'Structure model' struct_site                   
# 
loop_
_pdbx_audit_revision_item.ordinal 
_pdbx_audit_revision_item.revision_ordinal 
_pdbx_audit_revision_item.data_content_type 
_pdbx_audit_revision_item.item 
1  4 'Structure model' '_database_2.pdbx_DOI'                
2  4 'Structure model' '_database_2.pdbx_database_accession' 
3  4 'Structure model' '_struct_conn.ptnr1_auth_comp_id'     
4  4 'Structure model' '_struct_conn.ptnr1_auth_seq_id'      
5  4 'Structure model' '_struct_conn.ptnr1_label_asym_id'    
6  4 'Structure model' '_struct_conn.ptnr1_label_atom_id'    
7  4 'Structure model' '_struct_conn.ptnr1_label_comp_id'    
8  4 'Structure model' '_struct_conn.ptnr1_label_seq_id'     
9  4 'Structure model' '_struct_conn.ptnr2_auth_comp_id'     
10 4 'Structure model' '_struct_conn.ptnr2_auth_seq_id'      
11 4 'Structure model' '_struct_conn.ptnr2_label_asym_id'    
12 4 'Structure model' '_struct_conn.ptnr2_label_atom_id'    
13 4 'Structure model' '_struct_conn.ptnr2_label_comp_id'    
14 4 'Structure model' '_struct_conn.ptnr2_label_seq_id'     
15 4 'Structure model' '_struct_site.pdbx_auth_asym_id'      
16 4 'Structure model' '_struct_site.pdbx_auth_comp_id'      
17 4 'Structure model' '_struct_site.pdbx_auth_seq_id'       
# 
loop_
_software.name 
_software.classification 
_software.version 
_software.citation_id 
_software.pdbx_ordinal 
DENZO     'data reduction' . ? 1 
SCALEPACK 'data scaling'   . ? 2 
EPMR      phasing          . ? 3 
CNS       refinement       . ? 4 
# 
loop_
_chem_comp_atom.comp_id 
_chem_comp_atom.atom_id 
_chem_comp_atom.type_symbol 
_chem_comp_atom.pdbx_aromatic_flag 
_chem_comp_atom.pdbx_stereo_config 
_chem_comp_atom.pdbx_ordinal 
ALA N    N  N N 1   
ALA CA   C  N S 2   
ALA C    C  N N 3   
ALA O    O  N N 4   
ALA CB   C  N N 5   
ALA OXT  O  N N 6   
ALA H    H  N N 7   
ALA H2   H  N N 8   
ALA HA   H  N N 9   
ALA HB1  H  N N 10  
ALA HB2  H  N N 11  
ALA HB3  H  N N 12  
ALA HXT  H  N N 13  
ARG N    N  N N 14  
ARG CA   C  N S 15  
ARG C    C  N N 16  
ARG O    O  N N 17  
ARG CB   C  N N 18  
ARG CG   C  N N 19  
ARG CD   C  N N 20  
ARG NE   N  N N 21  
ARG CZ   C  N N 22  
ARG NH1  N  N N 23  
ARG NH2  N  N N 24  
ARG OXT  O  N N 25  
ARG H    H  N N 26  
ARG H2   H  N N 27  
ARG HA   H  N N 28  
ARG HB2  H  N N 29  
ARG HB3  H  N N 30  
ARG HG2  H  N N 31  
ARG HG3  H  N N 32  
ARG HD2  H  N N 33  
ARG HD3  H  N N 34  
ARG HE   H  N N 35  
ARG HH11 H  N N 36  
ARG HH12 H  N N 37  
ARG HH21 H  N N 38  
ARG HH22 H  N N 39  
ARG HXT  H  N N 40  
ASN N    N  N N 41  
ASN CA   C  N S 42  
ASN C    C  N N 43  
ASN O    O  N N 44  
ASN CB   C  N N 45  
ASN CG   C  N N 46  
ASN OD1  O  N N 47  
ASN ND2  N  N N 48  
ASN OXT  O  N N 49  
ASN H    H  N N 50  
ASN H2   H  N N 51  
ASN HA   H  N N 52  
ASN HB2  H  N N 53  
ASN HB3  H  N N 54  
ASN HD21 H  N N 55  
ASN HD22 H  N N 56  
ASN HXT  H  N N 57  
ASP N    N  N N 58  
ASP CA   C  N S 59  
ASP C    C  N N 60  
ASP O    O  N N 61  
ASP CB   C  N N 62  
ASP CG   C  N N 63  
ASP OD1  O  N N 64  
ASP OD2  O  N N 65  
ASP OXT  O  N N 66  
ASP H    H  N N 67  
ASP H2   H  N N 68  
ASP HA   H  N N 69  
ASP HB2  H  N N 70  
ASP HB3  H  N N 71  
ASP HD2  H  N N 72  
ASP HXT  H  N N 73  
GLN N    N  N N 74  
GLN CA   C  N S 75  
GLN C    C  N N 76  
GLN O    O  N N 77  
GLN CB   C  N N 78  
GLN CG   C  N N 79  
GLN CD   C  N N 80  
GLN OE1  O  N N 81  
GLN NE2  N  N N 82  
GLN OXT  O  N N 83  
GLN H    H  N N 84  
GLN H2   H  N N 85  
GLN HA   H  N N 86  
GLN HB2  H  N N 87  
GLN HB3  H  N N 88  
GLN HG2  H  N N 89  
GLN HG3  H  N N 90  
GLN HE21 H  N N 91  
GLN HE22 H  N N 92  
GLN HXT  H  N N 93  
GLU N    N  N N 94  
GLU CA   C  N S 95  
GLU C    C  N N 96  
GLU O    O  N N 97  
GLU CB   C  N N 98  
GLU CG   C  N N 99  
GLU CD   C  N N 100 
GLU OE1  O  N N 101 
GLU OE2  O  N N 102 
GLU OXT  O  N N 103 
GLU H    H  N N 104 
GLU H2   H  N N 105 
GLU HA   H  N N 106 
GLU HB2  H  N N 107 
GLU HB3  H  N N 108 
GLU HG2  H  N N 109 
GLU HG3  H  N N 110 
GLU HE2  H  N N 111 
GLU HXT  H  N N 112 
GLY N    N  N N 113 
GLY CA   C  N N 114 
GLY C    C  N N 115 
GLY O    O  N N 116 
GLY OXT  O  N N 117 
GLY H    H  N N 118 
GLY H2   H  N N 119 
GLY HA2  H  N N 120 
GLY HA3  H  N N 121 
GLY HXT  H  N N 122 
HEM CHA  C  N N 123 
HEM CHB  C  N N 124 
HEM CHC  C  N N 125 
HEM CHD  C  N N 126 
HEM C1A  C  Y N 127 
HEM C2A  C  Y N 128 
HEM C3A  C  Y N 129 
HEM C4A  C  Y N 130 
HEM CMA  C  N N 131 
HEM CAA  C  N N 132 
HEM CBA  C  N N 133 
HEM CGA  C  N N 134 
HEM O1A  O  N N 135 
HEM O2A  O  N N 136 
HEM C1B  C  N N 137 
HEM C2B  C  N N 138 
HEM C3B  C  N N 139 
HEM C4B  C  N N 140 
HEM CMB  C  N N 141 
HEM CAB  C  N N 142 
HEM CBB  C  N N 143 
HEM C1C  C  Y N 144 
HEM C2C  C  Y N 145 
HEM C3C  C  Y N 146 
HEM C4C  C  Y N 147 
HEM CMC  C  N N 148 
HEM CAC  C  N N 149 
HEM CBC  C  N N 150 
HEM C1D  C  N N 151 
HEM C2D  C  N N 152 
HEM C3D  C  N N 153 
HEM C4D  C  N N 154 
HEM CMD  C  N N 155 
HEM CAD  C  N N 156 
HEM CBD  C  N N 157 
HEM CGD  C  N N 158 
HEM O1D  O  N N 159 
HEM O2D  O  N N 160 
HEM NA   N  Y N 161 
HEM NB   N  N N 162 
HEM NC   N  Y N 163 
HEM ND   N  N N 164 
HEM FE   FE N N 165 
HEM HHB  H  N N 166 
HEM HHC  H  N N 167 
HEM HHD  H  N N 168 
HEM HMA  H  N N 169 
HEM HMAA H  N N 170 
HEM HMAB H  N N 171 
HEM HAA  H  N N 172 
HEM HAAA H  N N 173 
HEM HBA  H  N N 174 
HEM HBAA H  N N 175 
HEM HMB  H  N N 176 
HEM HMBA H  N N 177 
HEM HMBB H  N N 178 
HEM HAB  H  N N 179 
HEM HBB  H  N N 180 
HEM HBBA H  N N 181 
HEM HMC  H  N N 182 
HEM HMCA H  N N 183 
HEM HMCB H  N N 184 
HEM HAC  H  N N 185 
HEM HBC  H  N N 186 
HEM HBCA H  N N 187 
HEM HMD  H  N N 188 
HEM HMDA H  N N 189 
HEM HMDB H  N N 190 
HEM HAD  H  N N 191 
HEM HADA H  N N 192 
HEM HBD  H  N N 193 
HEM HBDA H  N N 194 
HEM H2A  H  N N 195 
HEM H2D  H  N N 196 
HEM HHA  H  N N 197 
HIS N    N  N N 198 
HIS CA   C  N S 199 
HIS C    C  N N 200 
HIS O    O  N N 201 
HIS CB   C  N N 202 
HIS CG   C  Y N 203 
HIS ND1  N  Y N 204 
HIS CD2  C  Y N 205 
HIS CE1  C  Y N 206 
HIS NE2  N  Y N 207 
HIS OXT  O  N N 208 
HIS H    H  N N 209 
HIS H2   H  N N 210 
HIS HA   H  N N 211 
HIS HB2  H  N N 212 
HIS HB3  H  N N 213 
HIS HD1  H  N N 214 
HIS HD2  H  N N 215 
HIS HE1  H  N N 216 
HIS HE2  H  N N 217 
HIS HXT  H  N N 218 
HOH O    O  N N 219 
HOH H1   H  N N 220 
HOH H2   H  N N 221 
ILE N    N  N N 222 
ILE CA   C  N S 223 
ILE C    C  N N 224 
ILE O    O  N N 225 
ILE CB   C  N S 226 
ILE CG1  C  N N 227 
ILE CG2  C  N N 228 
ILE CD1  C  N N 229 
ILE OXT  O  N N 230 
ILE H    H  N N 231 
ILE H2   H  N N 232 
ILE HA   H  N N 233 
ILE HB   H  N N 234 
ILE HG12 H  N N 235 
ILE HG13 H  N N 236 
ILE HG21 H  N N 237 
ILE HG22 H  N N 238 
ILE HG23 H  N N 239 
ILE HD11 H  N N 240 
ILE HD12 H  N N 241 
ILE HD13 H  N N 242 
ILE HXT  H  N N 243 
LEU N    N  N N 244 
LEU CA   C  N S 245 
LEU C    C  N N 246 
LEU O    O  N N 247 
LEU CB   C  N N 248 
LEU CG   C  N N 249 
LEU CD1  C  N N 250 
LEU CD2  C  N N 251 
LEU OXT  O  N N 252 
LEU H    H  N N 253 
LEU H2   H  N N 254 
LEU HA   H  N N 255 
LEU HB2  H  N N 256 
LEU HB3  H  N N 257 
LEU HG   H  N N 258 
LEU HD11 H  N N 259 
LEU HD12 H  N N 260 
LEU HD13 H  N N 261 
LEU HD21 H  N N 262 
LEU HD22 H  N N 263 
LEU HD23 H  N N 264 
LEU HXT  H  N N 265 
LYS N    N  N N 266 
LYS CA   C  N S 267 
LYS C    C  N N 268 
LYS O    O  N N 269 
LYS CB   C  N N 270 
LYS CG   C  N N 271 
LYS CD   C  N N 272 
LYS CE   C  N N 273 
LYS NZ   N  N N 274 
LYS OXT  O  N N 275 
LYS H    H  N N 276 
LYS H2   H  N N 277 
LYS HA   H  N N 278 
LYS HB2  H  N N 279 
LYS HB3  H  N N 280 
LYS HG2  H  N N 281 
LYS HG3  H  N N 282 
LYS HD2  H  N N 283 
LYS HD3  H  N N 284 
LYS HE2  H  N N 285 
LYS HE3  H  N N 286 
LYS HZ1  H  N N 287 
LYS HZ2  H  N N 288 
LYS HZ3  H  N N 289 
LYS HXT  H  N N 290 
MET N    N  N N 291 
MET CA   C  N S 292 
MET C    C  N N 293 
MET O    O  N N 294 
MET CB   C  N N 295 
MET CG   C  N N 296 
MET SD   S  N N 297 
MET CE   C  N N 298 
MET OXT  O  N N 299 
MET H    H  N N 300 
MET H2   H  N N 301 
MET HA   H  N N 302 
MET HB2  H  N N 303 
MET HB3  H  N N 304 
MET HG2  H  N N 305 
MET HG3  H  N N 306 
MET HE1  H  N N 307 
MET HE2  H  N N 308 
MET HE3  H  N N 309 
MET HXT  H  N N 310 
PHE N    N  N N 311 
PHE CA   C  N S 312 
PHE C    C  N N 313 
PHE O    O  N N 314 
PHE CB   C  N N 315 
PHE CG   C  Y N 316 
PHE CD1  C  Y N 317 
PHE CD2  C  Y N 318 
PHE CE1  C  Y N 319 
PHE CE2  C  Y N 320 
PHE CZ   C  Y N 321 
PHE OXT  O  N N 322 
PHE H    H  N N 323 
PHE H2   H  N N 324 
PHE HA   H  N N 325 
PHE HB2  H  N N 326 
PHE HB3  H  N N 327 
PHE HD1  H  N N 328 
PHE HD2  H  N N 329 
PHE HE1  H  N N 330 
PHE HE2  H  N N 331 
PHE HZ   H  N N 332 
PHE HXT  H  N N 333 
PRO N    N  N N 334 
PRO CA   C  N S 335 
PRO C    C  N N 336 
PRO O    O  N N 337 
PRO CB   C  N N 338 
PRO CG   C  N N 339 
PRO CD   C  N N 340 
PRO OXT  O  N N 341 
PRO H    H  N N 342 
PRO HA   H  N N 343 
PRO HB2  H  N N 344 
PRO HB3  H  N N 345 
PRO HG2  H  N N 346 
PRO HG3  H  N N 347 
PRO HD2  H  N N 348 
PRO HD3  H  N N 349 
PRO HXT  H  N N 350 
SER N    N  N N 351 
SER CA   C  N S 352 
SER C    C  N N 353 
SER O    O  N N 354 
SER CB   C  N N 355 
SER OG   O  N N 356 
SER OXT  O  N N 357 
SER H    H  N N 358 
SER H2   H  N N 359 
SER HA   H  N N 360 
SER HB2  H  N N 361 
SER HB3  H  N N 362 
SER HG   H  N N 363 
SER HXT  H  N N 364 
THR N    N  N N 365 
THR CA   C  N S 366 
THR C    C  N N 367 
THR O    O  N N 368 
THR CB   C  N R 369 
THR OG1  O  N N 370 
THR CG2  C  N N 371 
THR OXT  O  N N 372 
THR H    H  N N 373 
THR H2   H  N N 374 
THR HA   H  N N 375 
THR HB   H  N N 376 
THR HG1  H  N N 377 
THR HG21 H  N N 378 
THR HG22 H  N N 379 
THR HG23 H  N N 380 
THR HXT  H  N N 381 
TRP N    N  N N 382 
TRP CA   C  N S 383 
TRP C    C  N N 384 
TRP O    O  N N 385 
TRP CB   C  N N 386 
TRP CG   C  Y N 387 
TRP CD1  C  Y N 388 
TRP CD2  C  Y N 389 
TRP NE1  N  Y N 390 
TRP CE2  C  Y N 391 
TRP CE3  C  Y N 392 
TRP CZ2  C  Y N 393 
TRP CZ3  C  Y N 394 
TRP CH2  C  Y N 395 
TRP OXT  O  N N 396 
TRP H    H  N N 397 
TRP H2   H  N N 398 
TRP HA   H  N N 399 
TRP HB2  H  N N 400 
TRP HB3  H  N N 401 
TRP HD1  H  N N 402 
TRP HE1  H  N N 403 
TRP HE3  H  N N 404 
TRP HZ2  H  N N 405 
TRP HZ3  H  N N 406 
TRP HH2  H  N N 407 
TRP HXT  H  N N 408 
TYR N    N  N N 409 
TYR CA   C  N S 410 
TYR C    C  N N 411 
TYR O    O  N N 412 
TYR CB   C  N N 413 
TYR CG   C  Y N 414 
TYR CD1  C  Y N 415 
TYR CD2  C  Y N 416 
TYR CE1  C  Y N 417 
TYR CE2  C  Y N 418 
TYR CZ   C  Y N 419 
TYR OH   O  N N 420 
TYR OXT  O  N N 421 
TYR H    H  N N 422 
TYR H2   H  N N 423 
TYR HA   H  N N 424 
TYR HB2  H  N N 425 
TYR HB3  H  N N 426 
TYR HD1  H  N N 427 
TYR HD2  H  N N 428 
TYR HE1  H  N N 429 
TYR HE2  H  N N 430 
TYR HH   H  N N 431 
TYR HXT  H  N N 432 
VAL N    N  N N 433 
VAL CA   C  N S 434 
VAL C    C  N N 435 
VAL O    O  N N 436 
VAL CB   C  N N 437 
VAL CG1  C  N N 438 
VAL CG2  C  N N 439 
VAL OXT  O  N N 440 
VAL H    H  N N 441 
VAL H2   H  N N 442 
VAL HA   H  N N 443 
VAL HB   H  N N 444 
VAL HG11 H  N N 445 
VAL HG12 H  N N 446 
VAL HG13 H  N N 447 
VAL HG21 H  N N 448 
VAL HG22 H  N N 449 
VAL HG23 H  N N 450 
VAL HXT  H  N N 451 
# 
loop_
_chem_comp_bond.comp_id 
_chem_comp_bond.atom_id_1 
_chem_comp_bond.atom_id_2 
_chem_comp_bond.value_order 
_chem_comp_bond.pdbx_aromatic_flag 
_chem_comp_bond.pdbx_stereo_config 
_chem_comp_bond.pdbx_ordinal 
ALA N   CA   sing N N 1   
ALA N   H    sing N N 2   
ALA N   H2   sing N N 3   
ALA CA  C    sing N N 4   
ALA CA  CB   sing N N 5   
ALA CA  HA   sing N N 6   
ALA C   O    doub N N 7   
ALA C   OXT  sing N N 8   
ALA CB  HB1  sing N N 9   
ALA CB  HB2  sing N N 10  
ALA CB  HB3  sing N N 11  
ALA OXT HXT  sing N N 12  
ARG N   CA   sing N N 13  
ARG N   H    sing N N 14  
ARG N   H2   sing N N 15  
ARG CA  C    sing N N 16  
ARG CA  CB   sing N N 17  
ARG CA  HA   sing N N 18  
ARG C   O    doub N N 19  
ARG C   OXT  sing N N 20  
ARG CB  CG   sing N N 21  
ARG CB  HB2  sing N N 22  
ARG CB  HB3  sing N N 23  
ARG CG  CD   sing N N 24  
ARG CG  HG2  sing N N 25  
ARG CG  HG3  sing N N 26  
ARG CD  NE   sing N N 27  
ARG CD  HD2  sing N N 28  
ARG CD  HD3  sing N N 29  
ARG NE  CZ   sing N N 30  
ARG NE  HE   sing N N 31  
ARG CZ  NH1  sing N N 32  
ARG CZ  NH2  doub N N 33  
ARG NH1 HH11 sing N N 34  
ARG NH1 HH12 sing N N 35  
ARG NH2 HH21 sing N N 36  
ARG NH2 HH22 sing N N 37  
ARG OXT HXT  sing N N 38  
ASN N   CA   sing N N 39  
ASN N   H    sing N N 40  
ASN N   H2   sing N N 41  
ASN CA  C    sing N N 42  
ASN CA  CB   sing N N 43  
ASN CA  HA   sing N N 44  
ASN C   O    doub N N 45  
ASN C   OXT  sing N N 46  
ASN CB  CG   sing N N 47  
ASN CB  HB2  sing N N 48  
ASN CB  HB3  sing N N 49  
ASN CG  OD1  doub N N 50  
ASN CG  ND2  sing N N 51  
ASN ND2 HD21 sing N N 52  
ASN ND2 HD22 sing N N 53  
ASN OXT HXT  sing N N 54  
ASP N   CA   sing N N 55  
ASP N   H    sing N N 56  
ASP N   H2   sing N N 57  
ASP CA  C    sing N N 58  
ASP CA  CB   sing N N 59  
ASP CA  HA   sing N N 60  
ASP C   O    doub N N 61  
ASP C   OXT  sing N N 62  
ASP CB  CG   sing N N 63  
ASP CB  HB2  sing N N 64  
ASP CB  HB3  sing N N 65  
ASP CG  OD1  doub N N 66  
ASP CG  OD2  sing N N 67  
ASP OD2 HD2  sing N N 68  
ASP OXT HXT  sing N N 69  
GLN N   CA   sing N N 70  
GLN N   H    sing N N 71  
GLN N   H2   sing N N 72  
GLN CA  C    sing N N 73  
GLN CA  CB   sing N N 74  
GLN CA  HA   sing N N 75  
GLN C   O    doub N N 76  
GLN C   OXT  sing N N 77  
GLN CB  CG   sing N N 78  
GLN CB  HB2  sing N N 79  
GLN CB  HB3  sing N N 80  
GLN CG  CD   sing N N 81  
GLN CG  HG2  sing N N 82  
GLN CG  HG3  sing N N 83  
GLN CD  OE1  doub N N 84  
GLN CD  NE2  sing N N 85  
GLN NE2 HE21 sing N N 86  
GLN NE2 HE22 sing N N 87  
GLN OXT HXT  sing N N 88  
GLU N   CA   sing N N 89  
GLU N   H    sing N N 90  
GLU N   H2   sing N N 91  
GLU CA  C    sing N N 92  
GLU CA  CB   sing N N 93  
GLU CA  HA   sing N N 94  
GLU C   O    doub N N 95  
GLU C   OXT  sing N N 96  
GLU CB  CG   sing N N 97  
GLU CB  HB2  sing N N 98  
GLU CB  HB3  sing N N 99  
GLU CG  CD   sing N N 100 
GLU CG  HG2  sing N N 101 
GLU CG  HG3  sing N N 102 
GLU CD  OE1  doub N N 103 
GLU CD  OE2  sing N N 104 
GLU OE2 HE2  sing N N 105 
GLU OXT HXT  sing N N 106 
GLY N   CA   sing N N 107 
GLY N   H    sing N N 108 
GLY N   H2   sing N N 109 
GLY CA  C    sing N N 110 
GLY CA  HA2  sing N N 111 
GLY CA  HA3  sing N N 112 
GLY C   O    doub N N 113 
GLY C   OXT  sing N N 114 
GLY OXT HXT  sing N N 115 
HEM CHA C1A  sing N N 116 
HEM CHA C4D  doub N N 117 
HEM CHA HHA  sing N N 118 
HEM CHB C4A  sing N N 119 
HEM CHB C1B  doub N N 120 
HEM CHB HHB  sing N N 121 
HEM CHC C4B  sing N N 122 
HEM CHC C1C  doub N N 123 
HEM CHC HHC  sing N N 124 
HEM CHD C4C  doub N N 125 
HEM CHD C1D  sing N N 126 
HEM CHD HHD  sing N N 127 
HEM C1A C2A  doub Y N 128 
HEM C1A NA   sing Y N 129 
HEM C2A C3A  sing Y N 130 
HEM C2A CAA  sing N N 131 
HEM C3A C4A  doub Y N 132 
HEM C3A CMA  sing N N 133 
HEM C4A NA   sing Y N 134 
HEM CMA HMA  sing N N 135 
HEM CMA HMAA sing N N 136 
HEM CMA HMAB sing N N 137 
HEM CAA CBA  sing N N 138 
HEM CAA HAA  sing N N 139 
HEM CAA HAAA sing N N 140 
HEM CBA CGA  sing N N 141 
HEM CBA HBA  sing N N 142 
HEM CBA HBAA sing N N 143 
HEM CGA O1A  doub N N 144 
HEM CGA O2A  sing N N 145 
HEM C1B C2B  sing N N 146 
HEM C1B NB   sing N N 147 
HEM C2B C3B  doub N N 148 
HEM C2B CMB  sing N N 149 
HEM C3B C4B  sing N N 150 
HEM C3B CAB  sing N N 151 
HEM C4B NB   doub N N 152 
HEM CMB HMB  sing N N 153 
HEM CMB HMBA sing N N 154 
HEM CMB HMBB sing N N 155 
HEM CAB CBB  doub N N 156 
HEM CAB HAB  sing N N 157 
HEM CBB HBB  sing N N 158 
HEM CBB HBBA sing N N 159 
HEM C1C C2C  sing Y N 160 
HEM C1C NC   sing Y N 161 
HEM C2C C3C  doub Y N 162 
HEM C2C CMC  sing N N 163 
HEM C3C C4C  sing Y N 164 
HEM C3C CAC  sing N N 165 
HEM C4C NC   sing Y N 166 
HEM CMC HMC  sing N N 167 
HEM CMC HMCA sing N N 168 
HEM CMC HMCB sing N N 169 
HEM CAC CBC  doub N N 170 
HEM CAC HAC  sing N N 171 
HEM CBC HBC  sing N N 172 
HEM CBC HBCA sing N N 173 
HEM C1D C2D  sing N N 174 
HEM C1D ND   doub N N 175 
HEM C2D C3D  doub N N 176 
HEM C2D CMD  sing N N 177 
HEM C3D C4D  sing N N 178 
HEM C3D CAD  sing N N 179 
HEM C4D ND   sing N N 180 
HEM CMD HMD  sing N N 181 
HEM CMD HMDA sing N N 182 
HEM CMD HMDB sing N N 183 
HEM CAD CBD  sing N N 184 
HEM CAD HAD  sing N N 185 
HEM CAD HADA sing N N 186 
HEM CBD CGD  sing N N 187 
HEM CBD HBD  sing N N 188 
HEM CBD HBDA sing N N 189 
HEM CGD O1D  doub N N 190 
HEM CGD O2D  sing N N 191 
HEM O2A H2A  sing N N 192 
HEM O2D H2D  sing N N 193 
HEM FE  NA   sing N N 194 
HEM FE  NB   sing N N 195 
HEM FE  NC   sing N N 196 
HEM FE  ND   sing N N 197 
HIS N   CA   sing N N 198 
HIS N   H    sing N N 199 
HIS N   H2   sing N N 200 
HIS CA  C    sing N N 201 
HIS CA  CB   sing N N 202 
HIS CA  HA   sing N N 203 
HIS C   O    doub N N 204 
HIS C   OXT  sing N N 205 
HIS CB  CG   sing N N 206 
HIS CB  HB2  sing N N 207 
HIS CB  HB3  sing N N 208 
HIS CG  ND1  sing Y N 209 
HIS CG  CD2  doub Y N 210 
HIS ND1 CE1  doub Y N 211 
HIS ND1 HD1  sing N N 212 
HIS CD2 NE2  sing Y N 213 
HIS CD2 HD2  sing N N 214 
HIS CE1 NE2  sing Y N 215 
HIS CE1 HE1  sing N N 216 
HIS NE2 HE2  sing N N 217 
HIS OXT HXT  sing N N 218 
HOH O   H1   sing N N 219 
HOH O   H2   sing N N 220 
ILE N   CA   sing N N 221 
ILE N   H    sing N N 222 
ILE N   H2   sing N N 223 
ILE CA  C    sing N N 224 
ILE CA  CB   sing N N 225 
ILE CA  HA   sing N N 226 
ILE C   O    doub N N 227 
ILE C   OXT  sing N N 228 
ILE CB  CG1  sing N N 229 
ILE CB  CG2  sing N N 230 
ILE CB  HB   sing N N 231 
ILE CG1 CD1  sing N N 232 
ILE CG1 HG12 sing N N 233 
ILE CG1 HG13 sing N N 234 
ILE CG2 HG21 sing N N 235 
ILE CG2 HG22 sing N N 236 
ILE CG2 HG23 sing N N 237 
ILE CD1 HD11 sing N N 238 
ILE CD1 HD12 sing N N 239 
ILE CD1 HD13 sing N N 240 
ILE OXT HXT  sing N N 241 
LEU N   CA   sing N N 242 
LEU N   H    sing N N 243 
LEU N   H2   sing N N 244 
LEU CA  C    sing N N 245 
LEU CA  CB   sing N N 246 
LEU CA  HA   sing N N 247 
LEU C   O    doub N N 248 
LEU C   OXT  sing N N 249 
LEU CB  CG   sing N N 250 
LEU CB  HB2  sing N N 251 
LEU CB  HB3  sing N N 252 
LEU CG  CD1  sing N N 253 
LEU CG  CD2  sing N N 254 
LEU CG  HG   sing N N 255 
LEU CD1 HD11 sing N N 256 
LEU CD1 HD12 sing N N 257 
LEU CD1 HD13 sing N N 258 
LEU CD2 HD21 sing N N 259 
LEU CD2 HD22 sing N N 260 
LEU CD2 HD23 sing N N 261 
LEU OXT HXT  sing N N 262 
LYS N   CA   sing N N 263 
LYS N   H    sing N N 264 
LYS N   H2   sing N N 265 
LYS CA  C    sing N N 266 
LYS CA  CB   sing N N 267 
LYS CA  HA   sing N N 268 
LYS C   O    doub N N 269 
LYS C   OXT  sing N N 270 
LYS CB  CG   sing N N 271 
LYS CB  HB2  sing N N 272 
LYS CB  HB3  sing N N 273 
LYS CG  CD   sing N N 274 
LYS CG  HG2  sing N N 275 
LYS CG  HG3  sing N N 276 
LYS CD  CE   sing N N 277 
LYS CD  HD2  sing N N 278 
LYS CD  HD3  sing N N 279 
LYS CE  NZ   sing N N 280 
LYS CE  HE2  sing N N 281 
LYS CE  HE3  sing N N 282 
LYS NZ  HZ1  sing N N 283 
LYS NZ  HZ2  sing N N 284 
LYS NZ  HZ3  sing N N 285 
LYS OXT HXT  sing N N 286 
MET N   CA   sing N N 287 
MET N   H    sing N N 288 
MET N   H2   sing N N 289 
MET CA  C    sing N N 290 
MET CA  CB   sing N N 291 
MET CA  HA   sing N N 292 
MET C   O    doub N N 293 
MET C   OXT  sing N N 294 
MET CB  CG   sing N N 295 
MET CB  HB2  sing N N 296 
MET CB  HB3  sing N N 297 
MET CG  SD   sing N N 298 
MET CG  HG2  sing N N 299 
MET CG  HG3  sing N N 300 
MET SD  CE   sing N N 301 
MET CE  HE1  sing N N 302 
MET CE  HE2  sing N N 303 
MET CE  HE3  sing N N 304 
MET OXT HXT  sing N N 305 
PHE N   CA   sing N N 306 
PHE N   H    sing N N 307 
PHE N   H2   sing N N 308 
PHE CA  C    sing N N 309 
PHE CA  CB   sing N N 310 
PHE CA  HA   sing N N 311 
PHE C   O    doub N N 312 
PHE C   OXT  sing N N 313 
PHE CB  CG   sing N N 314 
PHE CB  HB2  sing N N 315 
PHE CB  HB3  sing N N 316 
PHE CG  CD1  doub Y N 317 
PHE CG  CD2  sing Y N 318 
PHE CD1 CE1  sing Y N 319 
PHE CD1 HD1  sing N N 320 
PHE CD2 CE2  doub Y N 321 
PHE CD2 HD2  sing N N 322 
PHE CE1 CZ   doub Y N 323 
PHE CE1 HE1  sing N N 324 
PHE CE2 CZ   sing Y N 325 
PHE CE2 HE2  sing N N 326 
PHE CZ  HZ   sing N N 327 
PHE OXT HXT  sing N N 328 
PRO N   CA   sing N N 329 
PRO N   CD   sing N N 330 
PRO N   H    sing N N 331 
PRO CA  C    sing N N 332 
PRO CA  CB   sing N N 333 
PRO CA  HA   sing N N 334 
PRO C   O    doub N N 335 
PRO C   OXT  sing N N 336 
PRO CB  CG   sing N N 337 
PRO CB  HB2  sing N N 338 
PRO CB  HB3  sing N N 339 
PRO CG  CD   sing N N 340 
PRO CG  HG2  sing N N 341 
PRO CG  HG3  sing N N 342 
PRO CD  HD2  sing N N 343 
PRO CD  HD3  sing N N 344 
PRO OXT HXT  sing N N 345 
SER N   CA   sing N N 346 
SER N   H    sing N N 347 
SER N   H2   sing N N 348 
SER CA  C    sing N N 349 
SER CA  CB   sing N N 350 
SER CA  HA   sing N N 351 
SER C   O    doub N N 352 
SER C   OXT  sing N N 353 
SER CB  OG   sing N N 354 
SER CB  HB2  sing N N 355 
SER CB  HB3  sing N N 356 
SER OG  HG   sing N N 357 
SER OXT HXT  sing N N 358 
THR N   CA   sing N N 359 
THR N   H    sing N N 360 
THR N   H2   sing N N 361 
THR CA  C    sing N N 362 
THR CA  CB   sing N N 363 
THR CA  HA   sing N N 364 
THR C   O    doub N N 365 
THR C   OXT  sing N N 366 
THR CB  OG1  sing N N 367 
THR CB  CG2  sing N N 368 
THR CB  HB   sing N N 369 
THR OG1 HG1  sing N N 370 
THR CG2 HG21 sing N N 371 
THR CG2 HG22 sing N N 372 
THR CG2 HG23 sing N N 373 
THR OXT HXT  sing N N 374 
TRP N   CA   sing N N 375 
TRP N   H    sing N N 376 
TRP N   H2   sing N N 377 
TRP CA  C    sing N N 378 
TRP CA  CB   sing N N 379 
TRP CA  HA   sing N N 380 
TRP C   O    doub N N 381 
TRP C   OXT  sing N N 382 
TRP CB  CG   sing N N 383 
TRP CB  HB2  sing N N 384 
TRP CB  HB3  sing N N 385 
TRP CG  CD1  doub Y N 386 
TRP CG  CD2  sing Y N 387 
TRP CD1 NE1  sing Y N 388 
TRP CD1 HD1  sing N N 389 
TRP CD2 CE2  doub Y N 390 
TRP CD2 CE3  sing Y N 391 
TRP NE1 CE2  sing Y N 392 
TRP NE1 HE1  sing N N 393 
TRP CE2 CZ2  sing Y N 394 
TRP CE3 CZ3  doub Y N 395 
TRP CE3 HE3  sing N N 396 
TRP CZ2 CH2  doub Y N 397 
TRP CZ2 HZ2  sing N N 398 
TRP CZ3 CH2  sing Y N 399 
TRP CZ3 HZ3  sing N N 400 
TRP CH2 HH2  sing N N 401 
TRP OXT HXT  sing N N 402 
TYR N   CA   sing N N 403 
TYR N   H    sing N N 404 
TYR N   H2   sing N N 405 
TYR CA  C    sing N N 406 
TYR CA  CB   sing N N 407 
TYR CA  HA   sing N N 408 
TYR C   O    doub N N 409 
TYR C   OXT  sing N N 410 
TYR CB  CG   sing N N 411 
TYR CB  HB2  sing N N 412 
TYR CB  HB3  sing N N 413 
TYR CG  CD1  doub Y N 414 
TYR CG  CD2  sing Y N 415 
TYR CD1 CE1  sing Y N 416 
TYR CD1 HD1  sing N N 417 
TYR CD2 CE2  doub Y N 418 
TYR CD2 HD2  sing N N 419 
TYR CE1 CZ   doub Y N 420 
TYR CE1 HE1  sing N N 421 
TYR CE2 CZ   sing Y N 422 
TYR CE2 HE2  sing N N 423 
TYR CZ  OH   sing N N 424 
TYR OH  HH   sing N N 425 
TYR OXT HXT  sing N N 426 
VAL N   CA   sing N N 427 
VAL N   H    sing N N 428 
VAL N   H2   sing N N 429 
VAL CA  C    sing N N 430 
VAL CA  CB   sing N N 431 
VAL CA  HA   sing N N 432 
VAL C   O    doub N N 433 
VAL C   OXT  sing N N 434 
VAL CB  CG1  sing N N 435 
VAL CB  CG2  sing N N 436 
VAL CB  HB   sing N N 437 
VAL CG1 HG11 sing N N 438 
VAL CG1 HG12 sing N N 439 
VAL CG1 HG13 sing N N 440 
VAL CG2 HG21 sing N N 441 
VAL CG2 HG22 sing N N 442 
VAL CG2 HG23 sing N N 443 
VAL OXT HXT  sing N N 444 
# 
loop_
_pdbx_entity_nonpoly.entity_id 
_pdbx_entity_nonpoly.name 
_pdbx_entity_nonpoly.comp_id 
2 'PROTOPORPHYRIN IX CONTAINING FE' HEM 
3 water                             HOH 
# 
_pdbx_initial_refinement_model.id               1 
_pdbx_initial_refinement_model.entity_id_list   ? 
_pdbx_initial_refinement_model.type             'experimental model' 
_pdbx_initial_refinement_model.source_name      PDB 
_pdbx_initial_refinement_model.accession_code   1DRM 
_pdbx_initial_refinement_model.details          ? 
# 
